data_4EXA
#
_entry.id   4EXA
#
_cell.length_a   94.170
_cell.length_b   120.277
_cell.length_c   151.113
_cell.angle_alpha   90.00
_cell.angle_beta   90.00
_cell.angle_gamma   90.00
#
_symmetry.space_group_name_H-M   'P 21 21 21'
#
loop_
_entity.id
_entity.type
_entity.pdbx_description
1 polymer 'Putative uncharacterized protein'
2 non-polymer 'NADP NICOTINAMIDE-ADENINE-DINUCLEOTIDE PHOSPHATE'
3 non-polymer '4-(2-HYDROXYETHYL)-1-PIPERAZINE ETHANESULFONIC ACID'
4 water water
#
_entity_poly.entity_id   1
_entity_poly.type   'polypeptide(L)'
_entity_poly.pdbx_seq_one_letter_code
;MHHHHHHSSGVDLGTENLYFQSMIRDTLHDLHRPLGDTGLAVSPLGLGTVKFGRDQGVKYPSGFTIPDDREAADLLALAR
DLGINLIDTAPAYGRSEERLGPLLRGQREHWVIVSKVGEEFVDGQSVFDFSAAHTRRSVERSLKRLETDRIELVLVHSDG
NDLDILENSEVYPTLAALKREGLIGAYGLSGKTVEGGLRALREGDCAMVTYNLNERAERPVIEYAAAHAKGILVKKALAS
GHACLGAGQDPVRASFELVFDQPGVAAAIVGTINPLHLAHNVAMAAQALKKA
;
_entity_poly.pdbx_strand_id   A,B,C,D,E,F
#
# COMPACT_ATOMS: atom_id res chain seq x y z
N PHE A 20 -16.69 27.98 -27.06
CA PHE A 20 -16.34 28.04 -25.60
C PHE A 20 -17.07 27.00 -24.75
N GLN A 21 -18.09 26.35 -25.33
CA GLN A 21 -18.95 25.39 -24.61
C GLN A 21 -18.30 24.00 -24.40
N SER A 22 -17.02 23.84 -24.77
CA SER A 22 -16.17 22.76 -24.23
C SER A 22 -15.61 23.18 -22.86
N MET A 23 -16.55 23.56 -22.00
CA MET A 23 -16.38 23.70 -20.56
C MET A 23 -16.73 22.36 -19.89
N ILE A 24 -16.85 21.32 -20.73
CA ILE A 24 -17.23 20.01 -20.28
C ILE A 24 -16.08 19.05 -20.62
N ARG A 25 -14.93 19.34 -20.02
CA ARG A 25 -13.70 18.57 -20.26
C ARG A 25 -13.74 17.18 -19.61
N ASP A 26 -14.00 17.13 -18.30
CA ASP A 26 -14.00 15.86 -17.55
C ASP A 26 -15.31 15.13 -17.80
N THR A 27 -15.23 13.91 -18.34
CA THR A 27 -16.41 13.07 -18.57
C THR A 27 -16.16 11.65 -18.02
N LEU A 28 -17.20 10.81 -18.03
CA LEU A 28 -17.15 9.53 -17.40
C LEU A 28 -17.03 8.40 -18.42
N HIS A 29 -16.72 8.75 -19.66
CA HIS A 29 -16.73 7.77 -20.76
C HIS A 29 -15.82 6.57 -20.52
N ASP A 30 -14.64 6.82 -19.94
CA ASP A 30 -13.65 5.78 -19.72
C ASP A 30 -13.68 5.17 -18.33
N LEU A 31 -14.72 5.49 -17.56
CA LEU A 31 -14.83 5.11 -16.17
C LEU A 31 -16.00 4.15 -15.94
N HIS A 32 -16.56 3.59 -17.01
CA HIS A 32 -17.64 2.62 -16.82
C HIS A 32 -17.19 1.36 -16.04
N ARG A 33 -18.13 0.78 -15.29
CA ARG A 33 -17.83 -0.29 -14.31
C ARG A 33 -18.94 -1.34 -14.34
N PRO A 34 -18.61 -2.59 -14.06
CA PRO A 34 -19.66 -3.61 -14.02
C PRO A 34 -20.55 -3.46 -12.79
N LEU A 35 -21.82 -3.75 -12.94
CA LEU A 35 -22.76 -3.76 -11.82
C LEU A 35 -22.86 -5.18 -11.29
N GLY A 36 -21.93 -5.51 -10.40
CA GLY A 36 -21.78 -6.87 -9.92
C GLY A 36 -21.60 -7.84 -11.07
N ASP A 37 -22.31 -8.97 -11.01
CA ASP A 37 -22.21 -10.02 -12.03
C ASP A 37 -23.40 -10.02 -12.99
N THR A 38 -24.09 -8.88 -13.10
CA THR A 38 -25.26 -8.77 -14.00
C THR A 38 -24.88 -8.74 -15.46
N GLY A 39 -23.63 -8.43 -15.74
CA GLY A 39 -23.19 -8.26 -17.13
C GLY A 39 -23.39 -6.84 -17.65
N LEU A 40 -24.14 -6.03 -16.89
CA LEU A 40 -24.39 -4.61 -17.23
C LEU A 40 -23.18 -3.77 -16.88
N ALA A 41 -22.92 -2.76 -17.70
CA ALA A 41 -21.80 -1.83 -17.49
C ALA A 41 -22.37 -0.43 -17.33
N VAL A 42 -22.02 0.22 -16.24
CA VAL A 42 -22.64 1.48 -15.87
C VAL A 42 -21.61 2.55 -15.58
N SER A 43 -21.96 3.79 -15.90
CA SER A 43 -21.20 4.93 -15.46
C SER A 43 -21.28 5.06 -13.94
N PRO A 44 -20.22 5.55 -13.28
CA PRO A 44 -20.23 5.69 -11.84
C PRO A 44 -21.19 6.76 -11.31
N LEU A 45 -21.79 7.57 -12.17
CA LEU A 45 -22.97 8.34 -11.76
C LEU A 45 -24.17 7.95 -12.60
N GLY A 46 -25.33 7.97 -11.96
CA GLY A 46 -26.58 7.69 -12.62
C GLY A 46 -27.49 8.89 -12.42
N LEU A 47 -28.35 9.15 -13.40
CA LEU A 47 -29.23 10.29 -13.31
C LEU A 47 -30.48 9.91 -12.57
N GLY A 48 -30.64 10.46 -11.38
CA GLY A 48 -31.87 10.30 -10.61
C GLY A 48 -32.96 11.09 -11.30
N THR A 49 -34.21 10.74 -11.05
CA THR A 49 -35.29 11.19 -11.93
C THR A 49 -36.59 11.53 -11.21
N VAL A 50 -36.54 11.62 -9.88
CA VAL A 50 -37.68 11.96 -9.03
C VAL A 50 -38.31 13.26 -9.50
N LYS A 51 -37.46 14.23 -9.83
CA LYS A 51 -37.91 15.59 -10.10
C LYS A 51 -38.55 15.75 -11.46
N PHE A 52 -38.46 14.73 -12.31
CA PHE A 52 -39.17 14.74 -13.56
C PHE A 52 -40.65 14.48 -13.32
N GLY A 53 -40.92 13.78 -12.22
CA GLY A 53 -42.26 13.34 -11.93
C GLY A 53 -42.97 13.86 -10.70
N ARG A 54 -42.29 14.63 -9.83
CA ARG A 54 -42.91 15.11 -8.59
C ARG A 54 -42.75 16.57 -8.21
N ASP A 55 -43.91 17.18 -7.85
CA ASP A 55 -44.10 18.48 -7.12
C ASP A 55 -44.76 19.58 -7.98
N THR A 65 -40.65 22.68 -8.57
CA THR A 65 -40.36 23.14 -9.93
C THR A 65 -39.96 21.96 -10.83
N ILE A 66 -40.89 21.53 -11.68
CA ILE A 66 -40.68 20.36 -12.53
C ILE A 66 -40.22 20.77 -13.91
N PRO A 67 -39.18 20.11 -14.45
CA PRO A 67 -38.71 20.44 -15.79
C PRO A 67 -39.70 20.25 -16.94
N ASP A 68 -39.92 21.34 -17.65
CA ASP A 68 -40.33 21.40 -19.06
C ASP A 68 -39.77 20.40 -20.09
N ASP A 69 -40.66 19.70 -20.80
CA ASP A 69 -40.20 18.68 -21.74
C ASP A 69 -38.87 19.07 -22.37
N ARG A 70 -38.72 20.36 -22.67
CA ARG A 70 -37.51 20.87 -23.26
C ARG A 70 -36.32 20.74 -22.32
N GLU A 71 -36.50 21.21 -21.10
CA GLU A 71 -35.47 21.17 -20.06
C GLU A 71 -35.06 19.74 -19.75
N ALA A 72 -36.04 18.84 -19.73
CA ALA A 72 -35.80 17.43 -19.48
C ALA A 72 -35.00 16.78 -20.60
N ALA A 73 -35.32 17.11 -21.84
CA ALA A 73 -34.60 16.54 -23.00
C ALA A 73 -33.13 16.98 -23.01
N ASP A 74 -32.90 18.23 -22.63
CA ASP A 74 -31.57 18.82 -22.63
C ASP A 74 -30.70 18.27 -21.51
N LEU A 75 -31.34 17.88 -20.40
CA LEU A 75 -30.67 17.26 -19.27
C LEU A 75 -30.23 15.81 -19.60
N LEU A 76 -31.09 15.09 -20.31
CA LEU A 76 -30.74 13.77 -20.78
C LEU A 76 -29.63 13.90 -21.81
N ALA A 77 -29.78 14.82 -22.74
CA ALA A 77 -28.77 14.99 -23.78
C ALA A 77 -27.40 15.30 -23.14
N LEU A 78 -27.40 16.18 -22.14
CA LEU A 78 -26.19 16.59 -21.47
C LEU A 78 -25.57 15.47 -20.69
N ALA A 79 -26.41 14.68 -20.03
CA ALA A 79 -25.96 13.52 -19.26
C ALA A 79 -25.19 12.59 -20.18
N ARG A 80 -25.82 12.31 -21.31
CA ARG A 80 -25.25 11.42 -22.31
C ARG A 80 -23.88 11.88 -22.78
N ASP A 81 -23.75 13.17 -23.11
CA ASP A 81 -22.48 13.73 -23.56
C ASP A 81 -21.43 13.77 -22.45
N LEU A 82 -21.87 13.71 -21.20
CA LEU A 82 -20.97 13.65 -20.06
C LEU A 82 -20.57 12.20 -19.74
N GLY A 83 -21.06 11.24 -20.54
CA GLY A 83 -20.71 9.83 -20.40
C GLY A 83 -21.58 9.03 -19.45
N ILE A 84 -22.73 9.59 -19.05
CA ILE A 84 -23.65 8.86 -18.17
C ILE A 84 -24.51 7.94 -19.03
N ASN A 85 -24.71 6.70 -18.58
CA ASN A 85 -25.65 5.81 -19.25
C ASN A 85 -26.60 5.12 -18.28
N LEU A 86 -26.66 5.61 -17.06
CA LEU A 86 -27.50 5.01 -16.01
C LEU A 86 -28.62 5.98 -15.64
N ILE A 87 -29.86 5.48 -15.62
CA ILE A 87 -30.99 6.33 -15.27
C ILE A 87 -31.91 5.57 -14.31
N ASP A 88 -32.38 6.28 -13.28
CA ASP A 88 -33.12 5.68 -12.17
C ASP A 88 -34.50 6.29 -12.08
N THR A 89 -35.52 5.45 -11.95
CA THR A 89 -36.89 5.92 -11.87
C THR A 89 -37.71 4.99 -10.98
N ALA A 90 -39.02 5.28 -10.87
CA ALA A 90 -39.90 4.48 -10.02
C ALA A 90 -41.35 4.88 -10.25
N PRO A 91 -42.27 3.92 -10.12
CA PRO A 91 -43.69 4.25 -10.17
C PRO A 91 -44.11 5.27 -9.14
N ALA A 92 -43.44 5.29 -7.98
CA ALA A 92 -43.75 6.23 -6.90
C ALA A 92 -43.33 7.66 -7.22
N TYR A 93 -42.46 7.86 -8.21
CA TYR A 93 -41.97 9.21 -8.53
C TYR A 93 -42.92 9.96 -9.43
N GLY A 94 -44.19 10.02 -9.02
CA GLY A 94 -45.23 10.70 -9.80
C GLY A 94 -45.22 10.15 -11.19
N ARG A 95 -45.04 11.05 -12.16
CA ARG A 95 -45.08 10.76 -13.57
C ARG A 95 -43.76 10.55 -14.24
N SER A 96 -42.69 10.32 -13.51
CA SER A 96 -41.37 10.06 -14.06
C SER A 96 -41.41 9.00 -15.14
N GLU A 97 -41.84 7.79 -14.78
CA GLU A 97 -41.91 6.68 -15.77
C GLU A 97 -42.65 7.12 -17.04
N GLU A 98 -43.84 7.65 -16.84
CA GLU A 98 -44.71 8.02 -17.95
C GLU A 98 -44.02 8.99 -18.92
N ARG A 99 -43.33 9.98 -18.38
CA ARG A 99 -42.64 10.96 -19.19
C ARG A 99 -41.39 10.41 -19.89
N LEU A 100 -40.72 9.45 -19.24
CA LEU A 100 -39.43 9.00 -19.73
C LEU A 100 -39.54 8.19 -21.04
N GLY A 101 -40.65 7.48 -21.21
CA GLY A 101 -40.84 6.68 -22.41
C GLY A 101 -40.64 7.52 -23.65
N PRO A 102 -41.45 8.57 -23.80
CA PRO A 102 -41.33 9.48 -24.92
C PRO A 102 -39.97 10.14 -24.97
N LEU A 103 -39.47 10.58 -23.83
CA LEU A 103 -38.18 11.30 -23.78
C LEU A 103 -37.01 10.44 -24.22
N LEU A 104 -37.10 9.14 -24.02
CA LEU A 104 -36.04 8.23 -24.41
C LEU A 104 -36.22 7.61 -25.82
N ARG A 105 -37.32 7.91 -26.49
CA ARG A 105 -37.53 7.45 -27.89
C ARG A 105 -36.35 7.79 -28.76
N GLY A 106 -35.80 6.79 -29.46
CA GLY A 106 -34.67 7.01 -30.35
C GLY A 106 -33.32 6.86 -29.68
N GLN A 107 -33.28 6.79 -28.34
CA GLN A 107 -32.02 6.57 -27.63
C GLN A 107 -32.12 5.51 -26.51
N ARG A 108 -33.23 4.77 -26.45
CA ARG A 108 -33.41 3.80 -25.36
C ARG A 108 -32.20 2.89 -25.15
N GLU A 109 -31.61 2.46 -26.26
CA GLU A 109 -30.49 1.51 -26.24
C GLU A 109 -29.28 2.00 -25.49
N HIS A 110 -29.05 3.31 -25.45
CA HIS A 110 -27.92 3.86 -24.71
C HIS A 110 -28.03 3.64 -23.20
N TRP A 111 -29.26 3.53 -22.69
CA TRP A 111 -29.51 3.65 -21.28
C TRP A 111 -29.72 2.31 -20.57
N VAL A 112 -29.03 2.19 -19.44
CA VAL A 112 -29.34 1.19 -18.44
C VAL A 112 -30.38 1.79 -17.51
N ILE A 113 -31.63 1.30 -17.61
CA ILE A 113 -32.75 1.81 -16.80
C ILE A 113 -32.95 1.01 -15.52
N VAL A 114 -33.10 1.72 -14.42
CA VAL A 114 -33.41 1.10 -13.13
C VAL A 114 -34.79 1.61 -12.75
N SER A 115 -35.70 0.70 -12.41
CA SER A 115 -37.00 1.11 -11.86
C SER A 115 -37.36 0.24 -10.65
N LYS A 116 -38.55 0.41 -10.13
CA LYS A 116 -38.85 -0.20 -8.85
C LYS A 116 -40.28 -0.73 -8.81
N VAL A 117 -40.55 -1.58 -7.82
CA VAL A 117 -41.89 -2.08 -7.57
C VAL A 117 -42.22 -2.07 -6.12
N GLY A 118 -43.46 -1.72 -5.81
CA GLY A 118 -44.00 -1.95 -4.48
C GLY A 118 -44.58 -0.73 -3.81
N GLU A 119 -44.05 0.44 -4.10
CA GLU A 119 -44.54 1.68 -3.53
C GLU A 119 -45.32 2.37 -4.62
N GLU A 120 -46.47 2.93 -4.24
CA GLU A 120 -47.43 3.36 -5.23
C GLU A 120 -47.93 4.82 -5.14
N PHE A 121 -47.93 5.43 -3.96
CA PHE A 121 -48.39 6.85 -3.83
C PHE A 121 -49.78 7.23 -4.42
N VAL A 122 -50.85 6.77 -3.77
CA VAL A 122 -52.21 7.00 -4.22
C VAL A 122 -52.97 7.98 -3.28
N ASP A 123 -52.68 9.28 -3.47
CA ASP A 123 -53.40 10.45 -2.89
C ASP A 123 -52.38 11.33 -2.20
N GLY A 124 -52.57 11.61 -0.90
CA GLY A 124 -51.54 12.29 -0.12
C GLY A 124 -50.29 11.44 0.10
N GLN A 125 -50.44 10.10 0.09
CA GLN A 125 -49.46 9.24 0.76
C GLN A 125 -49.05 7.96 0.04
N SER A 126 -47.96 7.36 0.54
CA SER A 126 -47.47 6.11 0.02
C SER A 126 -48.43 5.00 0.37
N VAL A 127 -48.54 4.08 -0.56
CA VAL A 127 -49.24 2.83 -0.37
C VAL A 127 -48.28 1.76 -0.81
N PHE A 128 -48.16 0.68 -0.02
CA PHE A 128 -47.25 -0.40 -0.36
C PHE A 128 -48.00 -1.69 -0.64
N ASP A 129 -47.56 -2.41 -1.67
CA ASP A 129 -48.16 -3.69 -2.06
C ASP A 129 -47.07 -4.56 -2.63
N PHE A 130 -46.69 -5.62 -1.91
CA PHE A 130 -45.62 -6.50 -2.35
C PHE A 130 -46.10 -7.85 -2.87
N SER A 131 -47.38 -7.92 -3.21
CA SER A 131 -47.95 -9.14 -3.74
C SER A 131 -47.47 -9.45 -5.15
N ALA A 132 -47.56 -10.73 -5.53
CA ALA A 132 -47.11 -11.19 -6.85
C ALA A 132 -47.92 -10.55 -7.98
N ALA A 133 -49.23 -10.47 -7.75
CA ALA A 133 -50.18 -9.83 -8.68
C ALA A 133 -49.72 -8.40 -8.99
N HIS A 134 -49.52 -7.62 -7.94
CA HIS A 134 -49.15 -6.22 -8.14
C HIS A 134 -47.74 -6.05 -8.75
N THR A 135 -46.81 -6.91 -8.33
CA THR A 135 -45.45 -6.87 -8.86
C THR A 135 -45.50 -7.01 -10.36
N ARG A 136 -46.22 -8.01 -10.80
CA ARG A 136 -46.38 -8.30 -12.22
C ARG A 136 -47.10 -7.15 -12.96
N ARG A 137 -48.09 -6.57 -12.31
CA ARG A 137 -48.90 -5.51 -12.90
C ARG A 137 -48.05 -4.27 -13.09
N SER A 138 -47.26 -3.93 -12.06
CA SER A 138 -46.37 -2.77 -12.05
C SER A 138 -45.29 -2.84 -13.13
N VAL A 139 -44.64 -3.98 -13.23
CA VAL A 139 -43.57 -4.13 -14.20
C VAL A 139 -44.08 -4.03 -15.63
N GLU A 140 -45.22 -4.67 -15.90
CA GLU A 140 -45.85 -4.54 -17.23
C GLU A 140 -46.20 -3.07 -17.54
N ARG A 141 -46.82 -2.40 -16.57
CA ARG A 141 -47.10 -0.96 -16.70
C ARG A 141 -45.81 -0.16 -16.91
N SER A 142 -44.71 -0.57 -16.25
CA SER A 142 -43.44 0.14 -16.40
C SER A 142 -42.87 -0.01 -17.81
N LEU A 143 -42.90 -1.24 -18.33
CA LEU A 143 -42.48 -1.51 -19.70
C LEU A 143 -43.29 -0.69 -20.70
N LYS A 144 -44.58 -0.58 -20.42
CA LYS A 144 -45.50 0.12 -21.30
C LYS A 144 -45.20 1.63 -21.27
N ARG A 145 -45.15 2.20 -20.07
CA ARG A 145 -44.84 3.62 -19.88
C ARG A 145 -43.51 4.03 -20.51
N LEU A 146 -42.51 3.17 -20.38
CA LEU A 146 -41.18 3.41 -20.91
C LEU A 146 -41.03 2.99 -22.40
N GLU A 147 -42.09 2.42 -22.99
CA GLU A 147 -42.09 2.06 -24.40
C GLU A 147 -40.95 1.12 -24.75
N THR A 148 -40.80 0.07 -23.96
CA THR A 148 -39.69 -0.86 -24.15
C THR A 148 -40.11 -2.28 -23.82
N ASP A 149 -39.30 -3.23 -24.28
CA ASP A 149 -39.59 -4.66 -24.12
C ASP A 149 -38.97 -5.23 -22.86
N ARG A 150 -38.00 -4.52 -22.27
CA ARG A 150 -37.61 -4.79 -20.87
C ARG A 150 -36.90 -3.65 -20.16
N ILE A 151 -36.66 -3.89 -18.87
CA ILE A 151 -35.93 -2.97 -18.01
C ILE A 151 -34.67 -3.68 -17.43
N GLU A 152 -33.54 -2.98 -17.44
CA GLU A 152 -32.28 -3.62 -17.03
C GLU A 152 -32.27 -4.07 -15.58
N LEU A 153 -32.82 -3.26 -14.68
CA LEU A 153 -32.83 -3.60 -13.26
C LEU A 153 -34.10 -3.12 -12.60
N VAL A 154 -34.73 -3.99 -11.82
CA VAL A 154 -35.89 -3.60 -11.04
C VAL A 154 -35.67 -3.91 -9.56
N LEU A 155 -35.85 -2.90 -8.72
CA LEU A 155 -35.54 -3.02 -7.31
C LEU A 155 -36.82 -2.95 -6.50
N VAL A 156 -36.88 -3.75 -5.45
CA VAL A 156 -38.01 -3.71 -4.51
C VAL A 156 -37.99 -2.38 -3.78
N HIS A 157 -39.12 -1.68 -3.78
CA HIS A 157 -39.23 -0.37 -3.14
C HIS A 157 -39.72 -0.49 -1.70
N SER A 158 -38.78 -0.78 -0.80
CA SER A 158 -39.12 -1.08 0.59
C SER A 158 -39.66 0.09 1.39
N ASP A 159 -40.50 -0.24 2.37
CA ASP A 159 -41.04 0.76 3.32
C ASP A 159 -40.14 0.92 4.54
N GLY A 160 -39.06 0.13 4.60
CA GLY A 160 -38.18 0.07 5.76
C GLY A 160 -38.07 -1.32 6.32
N ASN A 161 -39.15 -2.09 6.22
CA ASN A 161 -39.19 -3.42 6.77
C ASN A 161 -38.63 -4.41 5.74
N ASP A 162 -37.36 -4.24 5.41
CA ASP A 162 -36.74 -4.99 4.32
C ASP A 162 -36.86 -6.50 4.48
N LEU A 163 -36.42 -7.02 5.61
CA LEU A 163 -36.22 -8.46 5.78
C LEU A 163 -37.56 -9.18 5.76
N ASP A 164 -38.56 -8.56 6.38
CA ASP A 164 -39.90 -9.12 6.40
C ASP A 164 -40.46 -9.22 4.99
N ILE A 165 -40.35 -8.14 4.23
CA ILE A 165 -40.79 -8.16 2.81
C ILE A 165 -40.11 -9.26 1.98
N LEU A 166 -38.79 -9.40 2.13
CA LEU A 166 -38.02 -10.41 1.39
C LEU A 166 -38.36 -11.87 1.79
N GLU A 167 -38.58 -12.11 3.08
CA GLU A 167 -38.88 -13.46 3.55
C GLU A 167 -40.34 -13.88 3.40
N ASN A 168 -41.28 -12.94 3.58
CA ASN A 168 -42.70 -13.27 3.79
C ASN A 168 -43.68 -12.69 2.77
N SER A 169 -43.18 -12.10 1.69
CA SER A 169 -44.05 -11.62 0.65
C SER A 169 -43.63 -12.26 -0.67
N GLU A 170 -44.43 -12.04 -1.70
CA GLU A 170 -44.25 -12.72 -2.96
C GLU A 170 -43.29 -11.96 -3.92
N VAL A 171 -42.96 -10.72 -3.60
CA VAL A 171 -42.28 -9.85 -4.56
C VAL A 171 -40.98 -10.40 -5.15
N TYR A 172 -40.14 -10.99 -4.31
CA TYR A 172 -38.80 -11.38 -4.75
C TYR A 172 -38.83 -12.60 -5.71
N PRO A 173 -39.62 -13.65 -5.39
CA PRO A 173 -39.72 -14.74 -6.34
C PRO A 173 -40.39 -14.34 -7.62
N THR A 174 -41.33 -13.39 -7.55
CA THR A 174 -41.98 -12.86 -8.75
C THR A 174 -40.95 -12.18 -9.62
N LEU A 175 -40.09 -11.37 -9.00
CA LEU A 175 -39.05 -10.67 -9.75
C LEU A 175 -38.08 -11.68 -10.38
N ALA A 176 -37.79 -12.76 -9.67
CA ALA A 176 -36.95 -13.84 -10.22
C ALA A 176 -37.59 -14.42 -11.48
N ALA A 177 -38.90 -14.60 -11.43
CA ALA A 177 -39.65 -15.18 -12.54
C ALA A 177 -39.58 -14.23 -13.73
N LEU A 178 -39.88 -12.95 -13.49
CA LEU A 178 -39.81 -11.92 -14.52
C LEU A 178 -38.42 -11.81 -15.15
N LYS A 179 -37.38 -12.16 -14.38
CA LYS A 179 -36.02 -12.17 -14.90
C LYS A 179 -35.83 -13.37 -15.86
N ARG A 180 -36.36 -14.51 -15.47
CA ARG A 180 -36.33 -15.70 -16.30
C ARG A 180 -37.07 -15.42 -17.58
N GLU A 181 -38.24 -14.79 -17.47
CA GLU A 181 -39.05 -14.52 -18.65
C GLU A 181 -38.47 -13.45 -19.58
N GLY A 182 -37.43 -12.76 -19.15
CA GLY A 182 -36.77 -11.74 -20.00
C GLY A 182 -37.31 -10.33 -19.90
N LEU A 183 -38.39 -10.14 -19.15
CA LEU A 183 -38.97 -8.81 -18.93
C LEU A 183 -38.06 -7.90 -18.11
N ILE A 184 -37.17 -8.46 -17.29
CA ILE A 184 -36.18 -7.63 -16.62
C ILE A 184 -34.82 -8.32 -16.71
N GLY A 185 -33.75 -7.52 -16.65
CA GLY A 185 -32.39 -8.05 -16.79
C GLY A 185 -31.76 -8.47 -15.49
N ALA A 186 -32.20 -7.85 -14.40
CA ALA A 186 -31.68 -8.16 -13.06
C ALA A 186 -32.65 -7.60 -12.02
N TYR A 187 -32.55 -8.07 -10.77
CA TYR A 187 -33.42 -7.58 -9.71
C TYR A 187 -32.70 -7.38 -8.38
N GLY A 188 -33.37 -6.69 -7.46
CA GLY A 188 -32.76 -6.37 -6.17
C GLY A 188 -33.66 -5.61 -5.23
N LEU A 189 -33.03 -4.94 -4.24
CA LEU A 189 -33.70 -4.21 -3.17
C LEU A 189 -33.25 -2.76 -3.10
N SER A 190 -34.19 -1.82 -3.00
CA SER A 190 -33.85 -0.47 -2.53
C SER A 190 -34.23 -0.42 -1.07
N GLY A 191 -33.28 -0.78 -0.21
CA GLY A 191 -33.57 -1.03 1.19
C GLY A 191 -33.15 0.11 2.08
N LYS A 192 -33.38 -0.10 3.37
CA LYS A 192 -33.00 0.84 4.40
C LYS A 192 -32.23 0.19 5.53
N THR A 193 -32.22 -1.13 5.58
CA THR A 193 -31.63 -1.83 6.73
C THR A 193 -30.46 -2.66 6.25
N VAL A 194 -29.51 -2.97 7.13
CA VAL A 194 -28.34 -3.74 6.71
C VAL A 194 -28.69 -5.22 6.57
N GLU A 195 -29.54 -5.68 7.47
CA GLU A 195 -30.00 -7.06 7.43
C GLU A 195 -30.72 -7.32 6.10
N GLY A 196 -31.45 -6.34 5.62
CA GLY A 196 -32.18 -6.46 4.37
C GLY A 196 -31.32 -6.40 3.13
N GLY A 197 -30.32 -5.54 3.14
CA GLY A 197 -29.39 -5.46 2.04
C GLY A 197 -28.59 -6.73 1.84
N LEU A 198 -28.22 -7.38 2.95
CA LEU A 198 -27.44 -8.61 2.90
C LEU A 198 -28.26 -9.72 2.30
N ARG A 199 -29.51 -9.83 2.72
CA ARG A 199 -30.38 -10.89 2.24
C ARG A 199 -30.78 -10.70 0.78
N ALA A 200 -30.96 -9.46 0.38
CA ALA A 200 -31.28 -9.14 -1.00
C ALA A 200 -30.21 -9.67 -1.92
N LEU A 201 -28.99 -9.72 -1.42
CA LEU A 201 -27.83 -10.13 -2.20
C LEU A 201 -27.58 -11.65 -2.22
N ARG A 202 -28.23 -12.39 -1.33
CA ARG A 202 -28.10 -13.85 -1.30
C ARG A 202 -28.64 -14.45 -2.57
N GLU A 203 -29.81 -14.01 -3.03
CA GLU A 203 -30.32 -14.49 -4.33
C GLU A 203 -30.51 -13.43 -5.40
N GLY A 204 -30.73 -12.18 -5.00
CA GLY A 204 -30.81 -11.09 -5.93
C GLY A 204 -29.45 -10.61 -6.35
N ASP A 205 -29.48 -9.62 -7.26
CA ASP A 205 -28.32 -9.16 -8.01
C ASP A 205 -27.71 -7.88 -7.50
N CYS A 206 -28.50 -7.06 -6.81
CA CYS A 206 -28.05 -5.74 -6.48
C CYS A 206 -28.79 -5.14 -5.28
N ALA A 207 -28.08 -4.36 -4.48
CA ALA A 207 -28.67 -3.62 -3.37
C ALA A 207 -28.40 -2.14 -3.57
N MET A 208 -29.46 -1.33 -3.52
CA MET A 208 -29.33 0.11 -3.52
C MET A 208 -29.37 0.54 -2.06
N VAL A 209 -28.38 1.29 -1.64
CA VAL A 209 -28.18 1.61 -0.22
C VAL A 209 -27.90 3.10 -0.01
N THR A 210 -28.24 3.59 1.17
CA THR A 210 -27.89 4.95 1.55
C THR A 210 -26.47 4.94 2.14
N TYR A 211 -25.62 5.80 1.62
CA TYR A 211 -24.28 5.96 2.12
C TYR A 211 -23.78 7.36 1.81
N ASN A 212 -23.52 8.13 2.83
CA ASN A 212 -23.05 9.50 2.68
C ASN A 212 -22.26 9.94 3.89
N LEU A 213 -21.74 11.15 3.87
CA LEU A 213 -20.89 11.64 4.97
C LEU A 213 -21.54 11.49 6.36
N ASN A 214 -22.87 11.60 6.42
CA ASN A 214 -23.63 11.54 7.68
C ASN A 214 -24.20 10.16 8.02
N GLU A 215 -24.30 9.26 7.05
CA GLU A 215 -24.92 7.95 7.30
C GLU A 215 -24.04 6.85 6.75
N ARG A 216 -23.47 6.04 7.64
CA ARG A 216 -22.52 4.99 7.26
C ARG A 216 -22.95 3.60 7.70
N ALA A 217 -24.16 3.48 8.21
CA ALA A 217 -24.61 2.23 8.81
C ALA A 217 -24.69 1.07 7.81
N GLU A 218 -24.88 1.38 6.53
CA GLU A 218 -25.09 0.35 5.53
C GLU A 218 -23.80 -0.13 4.87
N ARG A 219 -22.68 0.28 5.47
CA ARG A 219 -21.37 -0.06 4.92
C ARG A 219 -21.09 -1.57 4.83
N PRO A 220 -21.55 -2.35 5.81
CA PRO A 220 -21.38 -3.78 5.71
C PRO A 220 -21.96 -4.35 4.43
N VAL A 221 -23.09 -3.82 3.98
CA VAL A 221 -23.74 -4.33 2.77
C VAL A 221 -22.81 -4.12 1.59
N ILE A 222 -22.14 -2.98 1.57
CA ILE A 222 -21.22 -2.66 0.49
C ILE A 222 -20.03 -3.60 0.52
N GLU A 223 -19.47 -3.80 1.72
CA GLU A 223 -18.28 -4.62 1.90
C GLU A 223 -18.53 -6.08 1.56
N TYR A 224 -19.70 -6.58 1.92
CA TYR A 224 -20.14 -7.92 1.55
C TYR A 224 -20.26 -8.08 0.05
N ALA A 225 -20.90 -7.11 -0.61
CA ALA A 225 -21.07 -7.15 -2.07
C ALA A 225 -19.71 -7.22 -2.75
N ALA A 226 -18.78 -6.40 -2.28
CA ALA A 226 -17.43 -6.36 -2.82
C ALA A 226 -16.76 -7.72 -2.71
N ALA A 227 -17.02 -8.45 -1.64
CA ALA A 227 -16.46 -9.80 -1.45
C ALA A 227 -17.05 -10.87 -2.39
N HIS A 228 -18.21 -10.61 -2.97
CA HIS A 228 -18.94 -11.64 -3.73
C HIS A 228 -19.41 -11.20 -5.11
N ALA A 229 -18.78 -10.15 -5.67
CA ALA A 229 -19.09 -9.72 -7.02
C ALA A 229 -20.60 -9.40 -7.17
N LYS A 230 -21.12 -8.59 -6.28
CA LYS A 230 -22.55 -8.21 -6.29
C LYS A 230 -22.77 -6.71 -6.50
N GLY A 231 -23.91 -6.35 -7.06
CA GLY A 231 -24.19 -4.95 -7.40
C GLY A 231 -24.49 -4.04 -6.23
N ILE A 232 -23.84 -2.88 -6.17
CA ILE A 232 -24.22 -1.85 -5.22
C ILE A 232 -24.49 -0.51 -5.92
N LEU A 233 -25.64 0.09 -5.65
CA LEU A 233 -25.91 1.47 -6.06
C LEU A 233 -26.13 2.27 -4.78
N VAL A 234 -25.54 3.46 -4.73
CA VAL A 234 -25.69 4.34 -3.60
C VAL A 234 -26.71 5.43 -3.94
N LYS A 235 -27.68 5.61 -3.07
CA LYS A 235 -28.66 6.68 -3.17
C LYS A 235 -28.39 7.66 -2.02
N LYS A 236 -28.76 8.93 -2.22
CA LYS A 236 -28.52 9.99 -1.25
C LYS A 236 -27.06 10.10 -0.85
N ALA A 237 -26.19 10.15 -1.85
CA ALA A 237 -24.75 10.35 -1.64
C ALA A 237 -24.41 11.72 -1.11
N LEU A 238 -25.19 12.72 -1.51
CA LEU A 238 -25.00 14.09 -1.09
C LEU A 238 -25.97 14.42 0.03
N ALA A 239 -25.44 14.98 1.12
CA ALA A 239 -26.21 15.23 2.33
C ALA A 239 -25.21 15.45 3.45
N GLN A 249 -11.86 21.64 -0.90
CA GLN A 249 -12.88 21.14 0.02
C GLN A 249 -14.32 21.35 -0.51
N ASP A 250 -14.60 20.88 -1.74
CA ASP A 250 -15.95 20.93 -2.29
C ASP A 250 -16.82 19.87 -1.64
N PRO A 251 -18.07 20.19 -1.28
CA PRO A 251 -18.90 19.19 -0.59
C PRO A 251 -19.25 17.95 -1.43
N VAL A 252 -19.49 18.15 -2.72
CA VAL A 252 -19.82 17.04 -3.63
C VAL A 252 -18.59 16.13 -3.82
N ARG A 253 -17.41 16.72 -3.94
CA ARG A 253 -16.21 15.93 -4.03
C ARG A 253 -15.93 15.13 -2.77
N ALA A 254 -16.16 15.73 -1.60
CA ALA A 254 -15.99 15.06 -0.32
C ALA A 254 -16.92 13.86 -0.21
N SER A 255 -18.15 14.05 -0.68
CA SER A 255 -19.11 12.96 -0.72
C SER A 255 -18.70 11.86 -1.65
N PHE A 256 -18.29 12.20 -2.86
CA PHE A 256 -17.85 11.18 -3.81
C PHE A 256 -16.53 10.52 -3.41
N GLU A 257 -15.66 11.25 -2.73
CA GLU A 257 -14.43 10.62 -2.28
C GLU A 257 -14.72 9.56 -1.22
N LEU A 258 -15.71 9.80 -0.39
CA LEU A 258 -16.16 8.80 0.57
C LEU A 258 -16.74 7.59 -0.14
N VAL A 259 -17.71 7.84 -1.02
CA VAL A 259 -18.46 6.80 -1.69
C VAL A 259 -17.58 5.87 -2.53
N PHE A 260 -16.69 6.44 -3.33
CA PHE A 260 -15.85 5.66 -4.22
C PHE A 260 -14.58 5.14 -3.57
N ASP A 261 -14.33 5.54 -2.33
CA ASP A 261 -13.33 4.91 -1.51
C ASP A 261 -13.72 3.46 -1.18
N GLN A 262 -15.02 3.15 -1.25
CA GLN A 262 -15.49 1.77 -1.11
C GLN A 262 -15.48 1.04 -2.47
N PRO A 263 -14.62 0.01 -2.64
CA PRO A 263 -14.56 -0.63 -3.95
C PRO A 263 -15.84 -1.37 -4.36
N GLY A 264 -16.74 -1.62 -3.43
CA GLY A 264 -17.99 -2.28 -3.78
C GLY A 264 -18.98 -1.49 -4.62
N VAL A 265 -18.85 -0.17 -4.64
CA VAL A 265 -19.84 0.68 -5.26
C VAL A 265 -19.67 0.76 -6.76
N ALA A 266 -20.74 0.48 -7.49
CA ALA A 266 -20.73 0.53 -8.94
C ALA A 266 -21.08 1.93 -9.40
N ALA A 267 -22.09 2.52 -8.77
CA ALA A 267 -22.52 3.85 -9.13
C ALA A 267 -23.30 4.53 -8.01
N ALA A 268 -23.26 5.85 -8.02
CA ALA A 268 -24.11 6.63 -7.16
C ALA A 268 -25.20 7.29 -8.01
N ILE A 269 -26.44 7.25 -7.55
CA ILE A 269 -27.54 7.92 -8.22
C ILE A 269 -27.71 9.32 -7.63
N VAL A 270 -27.51 10.36 -8.43
CA VAL A 270 -27.75 11.73 -8.00
C VAL A 270 -28.88 12.35 -8.81
N GLY A 271 -29.86 12.92 -8.13
CA GLY A 271 -30.95 13.61 -8.80
C GLY A 271 -30.55 15.06 -8.97
N THR A 272 -30.76 15.63 -10.15
CA THR A 272 -30.54 17.04 -10.34
C THR A 272 -31.24 17.49 -11.58
N ILE A 273 -31.78 18.71 -11.55
CA ILE A 273 -32.35 19.31 -12.75
C ILE A 273 -31.56 20.54 -13.19
N ASN A 274 -30.41 20.76 -12.55
CA ASN A 274 -29.55 21.92 -12.83
C ASN A 274 -28.33 21.48 -13.66
N PRO A 275 -28.33 21.79 -14.96
CA PRO A 275 -27.28 21.28 -15.85
C PRO A 275 -25.87 21.66 -15.43
N LEU A 276 -25.75 22.78 -14.74
CA LEU A 276 -24.45 23.19 -14.23
C LEU A 276 -24.03 22.28 -13.06
N HIS A 277 -24.99 21.91 -12.20
CA HIS A 277 -24.72 20.96 -11.14
C HIS A 277 -24.35 19.60 -11.74
N LEU A 278 -25.05 19.19 -12.79
CA LEU A 278 -24.78 17.89 -13.40
C LEU A 278 -23.35 17.82 -13.89
N ALA A 279 -22.96 18.85 -14.63
CA ALA A 279 -21.61 18.94 -15.16
C ALA A 279 -20.57 18.95 -14.07
N HIS A 280 -20.83 19.71 -13.00
CA HIS A 280 -19.91 19.76 -11.85
C HIS A 280 -19.79 18.40 -11.19
N ASN A 281 -20.93 17.75 -10.94
CA ASN A 281 -20.94 16.43 -10.32
C ASN A 281 -20.14 15.43 -11.12
N VAL A 282 -20.26 15.48 -12.45
CA VAL A 282 -19.50 14.57 -13.31
C VAL A 282 -18.01 14.84 -13.14
N ALA A 283 -17.65 16.10 -13.12
CA ALA A 283 -16.24 16.49 -12.96
C ALA A 283 -15.66 15.96 -11.66
N MET A 284 -16.42 16.09 -10.58
CA MET A 284 -15.95 15.63 -9.28
C MET A 284 -15.81 14.11 -9.21
N ALA A 285 -16.76 13.40 -9.80
CA ALA A 285 -16.67 11.95 -9.85
C ALA A 285 -15.40 11.52 -10.57
N ALA A 286 -15.14 12.12 -11.72
CA ALA A 286 -14.00 11.78 -12.56
C ALA A 286 -12.71 11.96 -11.78
N GLN A 287 -12.62 13.09 -11.09
CA GLN A 287 -11.46 13.41 -10.27
C GLN A 287 -11.27 12.47 -9.07
N ALA A 288 -12.35 12.14 -8.39
CA ALA A 288 -12.31 11.25 -7.25
C ALA A 288 -11.86 9.86 -7.64
N LEU A 289 -12.16 9.45 -8.86
CA LEU A 289 -11.71 8.17 -9.38
C LEU A 289 -10.32 8.21 -10.08
N LYS A 290 -9.57 9.30 -9.89
CA LYS A 290 -8.34 9.64 -10.66
C LYS A 290 -8.16 8.85 -11.95
N SER B 22 -25.69 26.82 -23.24
CA SER B 22 -26.46 27.69 -22.38
C SER B 22 -26.83 27.04 -21.07
N MET B 23 -26.00 26.14 -20.57
CA MET B 23 -26.04 25.84 -19.17
C MET B 23 -25.50 27.05 -18.44
N ILE B 24 -26.12 28.20 -18.69
CA ILE B 24 -25.67 29.46 -18.13
C ILE B 24 -26.77 30.52 -18.08
N ARG B 25 -27.77 30.25 -17.26
CA ARG B 25 -28.91 31.09 -17.09
C ARG B 25 -28.62 32.32 -16.28
N ASP B 26 -27.83 32.18 -15.24
CA ASP B 26 -27.45 33.28 -14.36
C ASP B 26 -26.26 34.06 -14.93
N THR B 27 -26.46 35.35 -15.18
CA THR B 27 -25.39 36.24 -15.65
C THR B 27 -25.37 37.50 -14.82
N LEU B 28 -24.39 38.36 -15.05
CA LEU B 28 -24.17 39.54 -14.23
C LEU B 28 -24.58 40.81 -14.94
N HIS B 29 -25.30 40.68 -16.06
CA HIS B 29 -25.61 41.84 -16.92
C HIS B 29 -26.34 42.96 -16.17
N ASP B 30 -27.28 42.57 -15.31
CA ASP B 30 -28.12 43.53 -14.59
C ASP B 30 -27.60 43.88 -13.18
N LEU B 31 -26.37 43.48 -12.89
CA LEU B 31 -25.77 43.65 -11.56
C LEU B 31 -24.56 44.59 -11.57
N HIS B 32 -24.36 45.34 -12.64
CA HIS B 32 -23.25 46.29 -12.72
C HIS B 32 -23.37 47.37 -11.67
N ARG B 33 -22.24 47.86 -11.18
CA ARG B 33 -22.15 48.74 -9.99
C ARG B 33 -21.07 49.77 -10.23
N PRO B 34 -21.25 50.98 -9.66
CA PRO B 34 -20.20 51.99 -9.78
C PRO B 34 -18.96 51.65 -8.93
N LEU B 35 -17.77 51.95 -9.46
CA LEU B 35 -16.52 51.78 -8.72
C LEU B 35 -16.21 53.10 -8.06
N GLY B 36 -16.75 53.28 -6.85
CA GLY B 36 -16.67 54.55 -6.15
C GLY B 36 -17.23 55.70 -6.96
N ASP B 37 -16.47 56.82 -7.01
CA ASP B 37 -16.86 58.01 -7.77
C ASP B 37 -16.03 58.17 -9.05
N THR B 38 -15.48 57.08 -9.55
CA THR B 38 -14.68 57.16 -10.79
C THR B 38 -15.52 57.36 -12.04
N GLY B 39 -16.82 57.12 -11.95
CA GLY B 39 -17.70 57.14 -13.11
C GLY B 39 -17.69 55.84 -13.89
N LEU B 40 -16.80 54.92 -13.54
CA LEU B 40 -16.76 53.59 -14.14
C LEU B 40 -17.84 52.68 -13.53
N ALA B 41 -18.45 51.86 -14.39
CA ALA B 41 -19.46 50.87 -13.99
C ALA B 41 -18.92 49.48 -14.29
N VAL B 42 -18.91 48.61 -13.29
CA VAL B 42 -18.24 47.32 -13.36
C VAL B 42 -19.17 46.19 -12.96
N SER B 43 -18.96 45.03 -13.55
CA SER B 43 -19.55 43.81 -13.04
C SER B 43 -18.97 43.46 -11.67
N PRO B 44 -19.78 42.85 -10.80
CA PRO B 44 -19.28 42.47 -9.49
C PRO B 44 -18.22 41.37 -9.50
N LEU B 45 -17.99 40.71 -10.63
CA LEU B 45 -16.80 39.89 -10.75
C LEU B 45 -15.93 40.43 -11.87
N GLY B 46 -14.63 40.32 -11.67
CA GLY B 46 -13.65 40.71 -12.66
C GLY B 46 -12.77 39.52 -12.93
N LEU B 47 -12.29 39.43 -14.15
CA LEU B 47 -11.46 38.31 -14.55
C LEU B 47 -10.02 38.63 -14.18
N GLY B 48 -9.49 37.86 -13.24
CA GLY B 48 -8.07 37.91 -12.95
C GLY B 48 -7.29 37.27 -14.09
N THR B 49 -6.02 37.59 -14.21
CA THR B 49 -5.30 37.32 -15.46
C THR B 49 -3.84 36.92 -15.27
N VAL B 50 -3.47 36.60 -14.03
CA VAL B 50 -2.14 36.10 -13.67
C VAL B 50 -1.75 34.87 -14.50
N LYS B 51 -2.71 34.00 -14.73
CA LYS B 51 -2.41 32.72 -15.36
C LYS B 51 -2.26 32.81 -16.88
N PHE B 52 -2.59 33.94 -17.45
CA PHE B 52 -2.34 34.15 -18.86
C PHE B 52 -0.87 34.34 -19.10
N GLY B 53 -0.10 34.76 -18.09
CA GLY B 53 1.32 35.02 -18.26
C GLY B 53 2.30 34.22 -17.42
N ARG B 54 1.88 33.79 -16.21
CA ARG B 54 2.79 33.09 -15.29
C ARG B 54 2.08 32.43 -14.09
N THR B 65 0.18 25.51 -16.12
CA THR B 65 -0.63 25.29 -17.34
C THR B 65 -1.26 26.60 -17.89
N ILE B 66 -0.62 27.17 -18.90
CA ILE B 66 -1.03 28.47 -19.44
C ILE B 66 -2.00 28.27 -20.60
N PRO B 67 -3.09 29.06 -20.64
CA PRO B 67 -3.98 28.97 -21.78
C PRO B 67 -3.35 29.37 -23.12
N ASP B 68 -3.45 28.43 -24.05
CA ASP B 68 -3.54 28.65 -25.49
C ASP B 68 -4.30 29.92 -25.94
N ASP B 69 -3.72 30.69 -26.86
CA ASP B 69 -4.45 31.81 -27.46
C ASP B 69 -5.93 31.54 -27.67
N ARG B 70 -6.23 30.32 -28.10
CA ARG B 70 -7.59 29.91 -28.36
C ARG B 70 -8.39 29.87 -27.08
N GLU B 71 -7.83 29.17 -26.09
CA GLU B 71 -8.46 29.01 -24.77
C GLU B 71 -8.68 30.37 -24.10
N ALA B 72 -7.70 31.27 -24.26
CA ALA B 72 -7.77 32.62 -23.71
C ALA B 72 -8.87 33.42 -24.36
N ALA B 73 -8.98 33.34 -25.68
CA ALA B 73 -10.02 34.10 -26.41
C ALA B 73 -11.43 33.65 -26.02
N ASP B 74 -11.61 32.34 -25.80
CA ASP B 74 -12.88 31.75 -25.44
C ASP B 74 -13.28 32.14 -24.02
N LEU B 75 -12.28 32.29 -23.17
CA LEU B 75 -12.49 32.70 -21.79
C LEU B 75 -12.97 34.16 -21.71
N LEU B 76 -12.35 35.02 -22.50
CA LEU B 76 -12.76 36.41 -22.60
C LEU B 76 -14.15 36.47 -23.20
N ALA B 77 -14.38 35.72 -24.28
CA ALA B 77 -15.70 35.69 -24.92
C ALA B 77 -16.81 35.26 -23.96
N LEU B 78 -16.52 34.23 -23.18
CA LEU B 78 -17.46 33.71 -22.18
C LEU B 78 -17.70 34.68 -21.03
N ALA B 79 -16.62 35.32 -20.57
CA ALA B 79 -16.73 36.34 -19.52
C ALA B 79 -17.71 37.42 -19.99
N ARG B 80 -17.51 37.89 -21.21
CA ARG B 80 -18.33 38.93 -21.77
C ARG B 80 -19.83 38.54 -21.79
N ASP B 81 -20.11 37.34 -22.27
CA ASP B 81 -21.49 36.85 -22.38
C ASP B 81 -22.10 36.57 -21.02
N LEU B 82 -21.25 36.46 -19.99
CA LEU B 82 -21.70 36.35 -18.60
C LEU B 82 -21.88 37.73 -17.92
N GLY B 83 -21.66 38.80 -18.67
CA GLY B 83 -21.89 40.14 -18.15
C GLY B 83 -20.71 40.74 -17.41
N ILE B 84 -19.54 40.14 -17.54
CA ILE B 84 -18.33 40.71 -16.96
C ILE B 84 -17.76 41.76 -17.90
N ASN B 85 -17.35 42.90 -17.36
CA ASN B 85 -16.64 43.92 -18.14
C ASN B 85 -15.38 44.44 -17.45
N LEU B 86 -14.96 43.76 -16.39
CA LEU B 86 -13.80 44.16 -15.61
C LEU B 86 -12.66 43.14 -15.79
N ILE B 87 -11.46 43.62 -16.13
CA ILE B 87 -10.31 42.74 -16.31
C ILE B 87 -9.07 43.31 -15.61
N ASP B 88 -8.31 42.44 -14.93
CA ASP B 88 -7.23 42.85 -14.02
C ASP B 88 -5.92 42.26 -14.46
N THR B 89 -4.87 43.04 -14.56
CA THR B 89 -3.59 42.55 -15.04
C THR B 89 -2.45 43.26 -14.34
N ALA B 90 -1.24 43.05 -14.77
CA ALA B 90 -0.09 43.68 -14.14
C ALA B 90 1.19 43.34 -14.90
N PRO B 91 2.14 44.29 -14.93
CA PRO B 91 3.45 44.00 -15.47
C PRO B 91 4.12 42.78 -14.84
N ALA B 92 3.89 42.57 -13.55
CA ALA B 92 4.51 41.47 -12.83
C ALA B 92 3.94 40.09 -13.22
N TYR B 93 2.75 40.06 -13.86
CA TYR B 93 2.10 38.79 -14.23
C TYR B 93 2.68 38.23 -15.53
N GLY B 94 3.99 38.06 -15.58
CA GLY B 94 4.65 37.54 -16.76
C GLY B 94 4.26 38.34 -17.97
N ARG B 95 3.68 37.66 -18.95
CA ARG B 95 3.31 38.31 -20.23
C ARG B 95 1.84 38.64 -20.38
N SER B 96 1.10 38.61 -19.28
CA SER B 96 -0.32 38.93 -19.31
C SER B 96 -0.61 40.19 -20.16
N GLU B 97 -0.05 41.32 -19.79
CA GLU B 97 -0.26 42.55 -20.52
C GLU B 97 0.01 42.34 -22.01
N GLU B 98 1.18 41.81 -22.32
CA GLU B 98 1.62 41.63 -23.70
C GLU B 98 0.59 40.87 -24.52
N ARG B 99 0.10 39.76 -23.99
CA ARG B 99 -0.89 38.93 -24.66
C ARG B 99 -2.27 39.59 -24.77
N LEU B 100 -2.63 40.41 -23.78
CA LEU B 100 -3.99 40.94 -23.71
C LEU B 100 -4.27 41.93 -24.84
N GLY B 101 -3.25 42.69 -25.24
CA GLY B 101 -3.43 43.71 -26.29
C GLY B 101 -4.09 43.11 -27.52
N PRO B 102 -3.41 42.13 -28.15
CA PRO B 102 -3.95 41.43 -29.28
C PRO B 102 -5.28 40.79 -28.98
N LEU B 103 -5.39 40.12 -27.84
CA LEU B 103 -6.64 39.40 -27.48
C LEU B 103 -7.86 40.35 -27.35
N LEU B 104 -7.62 41.58 -26.96
CA LEU B 104 -8.70 42.56 -26.81
C LEU B 104 -8.97 43.43 -28.07
N ARG B 105 -8.15 43.28 -29.11
CA ARG B 105 -8.41 43.93 -30.39
C ARG B 105 -9.85 43.74 -30.87
N GLY B 106 -10.53 44.84 -31.15
CA GLY B 106 -11.90 44.80 -31.65
C GLY B 106 -12.96 44.91 -30.57
N GLN B 107 -12.58 44.65 -29.32
CA GLN B 107 -13.50 44.74 -28.18
C GLN B 107 -12.99 45.62 -27.03
N ARG B 108 -11.87 46.31 -27.19
CA ARG B 108 -11.26 47.04 -26.06
C ARG B 108 -12.28 47.91 -25.31
N GLU B 109 -13.20 48.50 -26.06
CA GLU B 109 -14.15 49.44 -25.49
C GLU B 109 -15.03 48.83 -24.46
N HIS B 110 -15.33 47.55 -24.61
CA HIS B 110 -16.19 46.86 -23.63
C HIS B 110 -15.56 46.82 -22.25
N TRP B 111 -14.24 46.79 -22.18
CA TRP B 111 -13.55 46.42 -20.96
C TRP B 111 -13.04 47.58 -20.15
N VAL B 112 -13.30 47.51 -18.84
CA VAL B 112 -12.64 48.33 -17.84
C VAL B 112 -11.36 47.60 -17.44
N ILE B 113 -10.22 48.11 -17.87
CA ILE B 113 -8.92 47.47 -17.58
C ILE B 113 -8.30 48.04 -16.30
N VAL B 114 -7.80 47.14 -15.46
CA VAL B 114 -7.03 47.49 -14.27
C VAL B 114 -5.62 46.93 -14.44
N SER B 115 -4.61 47.77 -14.29
CA SER B 115 -3.24 47.30 -14.32
C SER B 115 -2.48 47.93 -13.14
N LYS B 116 -1.18 47.68 -13.07
CA LYS B 116 -0.41 48.07 -11.90
C LYS B 116 0.98 48.61 -12.24
N VAL B 117 1.61 49.25 -11.26
CA VAL B 117 2.96 49.74 -11.41
C VAL B 117 3.77 49.47 -10.18
N GLY B 118 5.02 49.08 -10.36
CA GLY B 118 5.96 49.08 -9.26
C GLY B 118 6.64 47.76 -8.99
N GLU B 119 5.96 46.66 -9.31
CA GLU B 119 6.55 45.33 -9.18
C GLU B 119 6.89 44.82 -10.56
N GLU B 120 8.08 44.24 -10.70
CA GLU B 120 8.65 44.00 -12.01
C GLU B 120 9.07 42.55 -12.34
N PHE B 121 9.48 41.73 -11.38
CA PHE B 121 9.84 40.30 -11.69
C PHE B 121 11.00 39.90 -12.66
N VAL B 122 12.24 40.07 -12.23
CA VAL B 122 13.46 39.93 -13.03
C VAL B 122 14.37 38.79 -12.50
N ASP B 123 14.58 37.77 -13.32
CA ASP B 123 15.26 36.53 -12.90
C ASP B 123 14.32 35.64 -12.08
N GLY B 124 14.74 35.24 -10.88
CA GLY B 124 13.90 34.39 -10.06
C GLY B 124 12.75 35.13 -9.38
N GLN B 125 12.90 36.44 -9.23
CA GLN B 125 12.24 37.16 -8.15
C GLN B 125 11.68 38.56 -8.43
N SER B 126 10.85 39.01 -7.48
CA SER B 126 10.19 40.30 -7.55
C SER B 126 11.18 41.45 -7.27
N VAL B 127 11.18 42.44 -8.15
CA VAL B 127 11.98 43.63 -8.02
C VAL B 127 10.97 44.75 -7.89
N PHE B 128 11.22 45.71 -6.99
CA PHE B 128 10.28 46.84 -6.81
C PHE B 128 10.96 48.16 -7.11
N ASP B 129 10.25 49.06 -7.77
CA ASP B 129 10.77 50.38 -8.12
C ASP B 129 9.60 51.34 -8.16
N PHE B 130 9.54 52.24 -7.19
CA PHE B 130 8.42 53.18 -7.09
C PHE B 130 8.81 54.59 -7.48
N SER B 131 9.89 54.73 -8.22
CA SER B 131 10.34 56.02 -8.73
C SER B 131 9.44 56.57 -9.83
N ALA B 132 9.45 57.90 -9.96
CA ALA B 132 8.61 58.58 -10.96
C ALA B 132 8.97 58.12 -12.37
N ALA B 133 10.27 57.98 -12.63
CA ALA B 133 10.81 57.55 -13.93
C ALA B 133 10.24 56.21 -14.35
N HIS B 134 10.29 55.26 -13.43
CA HIS B 134 9.81 53.92 -13.70
C HIS B 134 8.29 53.84 -13.78
N THR B 135 7.60 54.61 -12.96
CA THR B 135 6.15 54.66 -13.02
C THR B 135 5.72 55.08 -14.42
N ARG B 136 6.34 56.14 -14.90
CA ARG B 136 6.03 56.69 -16.20
C ARG B 136 6.34 55.69 -17.30
N ARG B 137 7.47 55.01 -17.15
CA ARG B 137 7.95 54.04 -18.13
C ARG B 137 7.04 52.82 -18.21
N SER B 138 6.63 52.34 -17.05
CA SER B 138 5.72 51.20 -16.94
C SER B 138 4.34 51.45 -17.54
N VAL B 139 3.74 52.60 -17.24
CA VAL B 139 2.42 52.91 -17.76
C VAL B 139 2.43 53.13 -19.29
N GLU B 140 3.46 53.78 -19.81
CA GLU B 140 3.62 53.88 -21.27
C GLU B 140 3.75 52.48 -21.90
N ARG B 141 4.59 51.64 -21.33
CA ARG B 141 4.75 50.28 -21.80
C ARG B 141 3.44 49.49 -21.70
N SER B 142 2.64 49.78 -20.68
CA SER B 142 1.38 49.09 -20.51
C SER B 142 0.36 49.52 -21.58
N LEU B 143 0.27 50.82 -21.84
CA LEU B 143 -0.54 51.32 -22.93
C LEU B 143 -0.14 50.66 -24.26
N LYS B 144 1.16 50.54 -24.48
CA LYS B 144 1.70 50.00 -25.73
C LYS B 144 1.33 48.51 -25.84
N ARG B 145 1.65 47.75 -24.81
CA ARG B 145 1.36 46.31 -24.78
C ARG B 145 -0.13 46.00 -24.98
N LEU B 146 -0.98 46.83 -24.39
CA LEU B 146 -2.43 46.68 -24.49
C LEU B 146 -3.04 47.41 -25.70
N GLU B 147 -2.20 48.03 -26.53
CA GLU B 147 -2.68 48.64 -27.78
C GLU B 147 -3.82 49.59 -27.53
N THR B 148 -3.63 50.50 -26.58
CA THR B 148 -4.67 51.45 -26.26
C THR B 148 -4.08 52.80 -25.87
N ASP B 149 -4.90 53.81 -25.70
CA ASP B 149 -4.44 55.15 -25.37
C ASP B 149 -4.70 55.58 -23.94
N ARG B 150 -5.21 54.64 -23.17
CA ARG B 150 -5.59 54.86 -21.80
C ARG B 150 -6.03 53.62 -21.08
N ILE B 151 -5.73 53.52 -19.81
CA ILE B 151 -6.13 52.41 -18.95
C ILE B 151 -7.02 52.95 -17.89
N GLU B 152 -8.12 52.31 -17.63
CA GLU B 152 -9.15 52.85 -16.71
C GLU B 152 -8.63 53.06 -15.27
N LEU B 153 -7.85 52.10 -14.77
CA LEU B 153 -7.36 52.15 -13.42
C LEU B 153 -5.97 51.56 -13.31
N VAL B 154 -5.06 52.28 -12.63
CA VAL B 154 -3.72 51.76 -12.38
C VAL B 154 -3.43 51.84 -10.90
N LEU B 155 -3.07 50.69 -10.33
CA LEU B 155 -2.89 50.55 -8.88
C LEU B 155 -1.41 50.34 -8.58
N VAL B 156 -0.98 50.90 -7.46
CA VAL B 156 0.39 50.72 -6.99
C VAL B 156 0.60 49.30 -6.54
N HIS B 157 1.64 48.63 -7.05
CA HIS B 157 1.84 47.22 -6.71
C HIS B 157 2.76 47.07 -5.51
N SER B 158 2.20 47.18 -4.30
CA SER B 158 2.98 47.26 -3.08
C SER B 158 3.70 45.97 -2.72
N ASP B 159 4.84 46.12 -2.06
CA ASP B 159 5.61 45.01 -1.52
C ASP B 159 5.18 44.70 -0.09
N GLY B 160 4.19 45.42 0.43
CA GLY B 160 3.74 45.25 1.82
C GLY B 160 3.93 46.51 2.66
N ASN B 161 4.95 47.30 2.32
CA ASN B 161 5.25 48.52 3.03
C ASN B 161 4.45 49.69 2.48
N ASP B 162 3.13 49.57 2.54
CA ASP B 162 2.21 50.49 1.83
C ASP B 162 2.44 51.96 2.18
N LEU B 163 2.41 52.26 3.46
CA LEU B 163 2.40 53.63 3.93
C LEU B 163 3.69 54.36 3.62
N ASP B 164 4.81 53.67 3.74
CA ASP B 164 6.11 54.23 3.40
C ASP B 164 6.16 54.60 1.89
N ILE B 165 5.82 53.65 1.02
CA ILE B 165 5.72 53.91 -0.43
C ILE B 165 4.82 55.11 -0.76
N LEU B 166 3.65 55.20 -0.14
CA LEU B 166 2.73 56.31 -0.40
C LEU B 166 3.28 57.67 0.05
N GLU B 167 3.94 57.70 1.21
CA GLU B 167 4.43 58.97 1.77
C GLU B 167 5.80 59.41 1.21
N ASN B 168 6.68 58.45 0.93
CA ASN B 168 8.10 58.76 0.70
C ASN B 168 8.65 58.41 -0.70
N SER B 169 7.80 57.99 -1.61
CA SER B 169 8.27 57.66 -2.94
C SER B 169 7.51 58.53 -3.90
N GLU B 170 7.87 58.47 -5.17
CA GLU B 170 7.31 59.39 -6.17
C GLU B 170 6.05 58.83 -6.85
N VAL B 171 5.77 57.54 -6.68
CA VAL B 171 4.77 56.85 -7.49
C VAL B 171 3.37 57.48 -7.52
N TYR B 172 2.86 57.91 -6.36
CA TYR B 172 1.47 58.36 -6.23
C TYR B 172 1.24 59.72 -6.91
N PRO B 173 2.13 60.71 -6.67
CA PRO B 173 2.01 61.95 -7.43
C PRO B 173 2.21 61.78 -8.95
N THR B 174 3.09 60.86 -9.36
CA THR B 174 3.26 60.54 -10.76
C THR B 174 1.96 59.97 -11.35
N LEU B 175 1.29 59.09 -10.60
CA LEU B 175 0.01 58.55 -11.04
C LEU B 175 -1.02 59.66 -11.16
N ALA B 176 -0.99 60.61 -10.22
CA ALA B 176 -1.90 61.75 -10.23
C ALA B 176 -1.69 62.55 -11.52
N ALA B 177 -0.43 62.70 -11.91
CA ALA B 177 -0.08 63.45 -13.11
C ALA B 177 -0.58 62.72 -14.36
N LEU B 178 -0.27 61.43 -14.43
CA LEU B 178 -0.76 60.58 -15.52
C LEU B 178 -2.28 60.61 -15.63
N LYS B 179 -2.98 60.83 -14.52
CA LYS B 179 -4.44 60.94 -14.56
C LYS B 179 -4.82 62.25 -15.19
N ARG B 180 -4.14 63.32 -14.78
CA ARG B 180 -4.38 64.66 -15.35
C ARG B 180 -4.12 64.66 -16.86
N GLU B 181 -3.06 63.99 -17.28
CA GLU B 181 -2.68 63.94 -18.69
C GLU B 181 -3.58 63.05 -19.53
N GLY B 182 -4.48 62.28 -18.91
CA GLY B 182 -5.44 61.43 -19.64
C GLY B 182 -4.98 60.03 -19.95
N LEU B 183 -3.73 59.70 -19.63
CA LEU B 183 -3.19 58.35 -19.85
C LEU B 183 -3.84 57.29 -18.96
N ILE B 184 -4.39 57.69 -17.82
CA ILE B 184 -5.13 56.78 -16.97
C ILE B 184 -6.41 57.47 -16.49
N GLY B 185 -7.45 56.68 -16.22
CA GLY B 185 -8.72 57.21 -15.81
C GLY B 185 -8.83 57.41 -14.33
N ALA B 186 -8.11 56.60 -13.55
CA ALA B 186 -8.15 56.65 -12.08
C ALA B 186 -6.91 55.94 -11.52
N TYR B 187 -6.57 56.19 -10.26
CA TYR B 187 -5.42 55.50 -9.65
C TYR B 187 -5.69 55.05 -8.21
N GLY B 188 -4.79 54.21 -7.69
CA GLY B 188 -4.97 53.65 -6.34
C GLY B 188 -3.88 52.71 -5.90
N LEU B 189 -4.19 51.90 -4.88
CA LEU B 189 -3.21 51.00 -4.22
C LEU B 189 -3.69 49.56 -4.22
N SER B 190 -2.80 48.63 -4.57
CA SER B 190 -3.03 47.20 -4.30
C SER B 190 -2.17 46.91 -3.10
N GLY B 191 -2.77 47.11 -1.93
CA GLY B 191 -2.04 47.09 -0.68
C GLY B 191 -2.20 45.81 0.09
N LYS B 192 -1.52 45.77 1.23
CA LYS B 192 -1.60 44.67 2.17
C LYS B 192 -1.90 45.10 3.60
N THR B 193 -1.85 46.40 3.89
CA THR B 193 -1.98 46.91 5.24
C THR B 193 -3.23 47.79 5.30
N VAL B 194 -3.80 47.96 6.50
CA VAL B 194 -5.01 48.78 6.62
C VAL B 194 -4.63 50.24 6.61
N GLU B 195 -3.51 50.56 7.26
CA GLU B 195 -3.03 51.93 7.31
C GLU B 195 -2.78 52.43 5.90
N GLY B 196 -2.28 51.55 5.03
CA GLY B 196 -2.01 51.89 3.64
C GLY B 196 -3.24 52.07 2.79
N GLY B 197 -4.23 51.21 2.98
CA GLY B 197 -5.46 51.30 2.25
C GLY B 197 -6.22 52.57 2.55
N LEU B 198 -6.17 53.01 3.80
CA LEU B 198 -6.85 54.25 4.22
C LEU B 198 -6.21 55.47 3.59
N ARG B 199 -4.89 55.51 3.59
CA ARG B 199 -4.18 56.63 3.01
C ARG B 199 -4.30 56.71 1.49
N ALA B 200 -4.31 55.55 0.82
CA ALA B 200 -4.49 55.48 -0.63
C ALA B 200 -5.77 56.17 -1.04
N LEU B 201 -6.75 56.11 -0.16
CA LEU B 201 -8.09 56.63 -0.39
C LEU B 201 -8.24 58.13 -0.07
N ARG B 202 -7.29 58.70 0.67
CA ARG B 202 -7.32 60.14 0.98
C ARG B 202 -7.24 60.97 -0.30
N GLU B 203 -6.31 60.64 -1.18
CA GLU B 203 -6.25 61.33 -2.47
C GLU B 203 -6.50 60.47 -3.71
N GLY B 204 -6.21 59.18 -3.60
CA GLY B 204 -6.48 58.25 -4.68
C GLY B 204 -7.94 57.85 -4.75
N ASP B 205 -8.23 57.01 -5.73
CA ASP B 205 -9.58 56.69 -6.14
C ASP B 205 -10.06 55.33 -5.70
N CYS B 206 -9.13 54.42 -5.42
CA CYS B 206 -9.50 53.03 -5.19
C CYS B 206 -8.45 52.23 -4.43
N ALA B 207 -8.89 51.32 -3.58
CA ALA B 207 -8.00 50.42 -2.86
C ALA B 207 -8.39 49.00 -3.18
N MET B 208 -7.43 48.20 -3.61
CA MET B 208 -7.65 46.79 -3.83
C MET B 208 -7.16 46.11 -2.59
N VAL B 209 -8.00 45.29 -1.98
CA VAL B 209 -7.69 44.74 -0.66
C VAL B 209 -7.97 43.27 -0.63
N THR B 210 -7.30 42.57 0.29
CA THR B 210 -7.55 41.17 0.54
C THR B 210 -8.69 41.04 1.54
N TYR B 211 -9.71 40.25 1.20
CA TYR B 211 -10.83 39.99 2.08
C TYR B 211 -11.45 38.66 1.72
N ASN B 212 -11.36 37.71 2.66
CA ASN B 212 -11.95 36.40 2.47
C ASN B 212 -12.31 35.75 3.82
N LEU B 213 -12.92 34.56 3.76
CA LEU B 213 -13.39 33.87 4.97
C LEU B 213 -12.28 33.75 6.07
N ASN B 214 -11.03 33.67 5.64
CA ASN B 214 -9.90 33.53 6.55
C ASN B 214 -9.14 34.80 6.89
N GLU B 215 -9.35 35.88 6.14
CA GLU B 215 -8.61 37.12 6.40
C GLU B 215 -9.55 38.31 6.35
N ARG B 216 -9.76 38.97 7.50
CA ARG B 216 -10.76 40.06 7.62
C ARG B 216 -10.14 41.36 8.10
N ALA B 217 -8.82 41.40 8.20
CA ALA B 217 -8.11 42.52 8.84
C ALA B 217 -8.31 43.83 8.10
N GLU B 218 -8.58 43.77 6.80
CA GLU B 218 -8.65 44.97 5.94
C GLU B 218 -10.05 45.51 5.83
N ARG B 219 -10.93 44.99 6.67
CA ARG B 219 -12.33 45.38 6.66
C ARG B 219 -12.53 46.87 6.89
N PRO B 220 -11.73 47.49 7.80
CA PRO B 220 -11.86 48.92 8.03
C PRO B 220 -11.70 49.74 6.79
N VAL B 221 -10.84 49.28 5.86
CA VAL B 221 -10.60 50.00 4.60
C VAL B 221 -11.85 50.00 3.78
N ILE B 222 -12.58 48.90 3.82
CA ILE B 222 -13.82 48.78 3.06
C ILE B 222 -14.88 49.68 3.64
N GLU B 223 -15.02 49.64 4.97
CA GLU B 223 -16.02 50.42 5.66
C GLU B 223 -15.80 51.94 5.49
N TYR B 224 -14.55 52.35 5.53
CA TYR B 224 -14.21 53.74 5.25
C TYR B 224 -14.60 54.14 3.86
N ALA B 225 -14.27 53.31 2.88
CA ALA B 225 -14.59 53.59 1.49
C ALA B 225 -16.09 53.77 1.30
N ALA B 226 -16.86 52.90 1.91
CA ALA B 226 -18.33 52.97 1.86
C ALA B 226 -18.83 54.29 2.40
N ALA B 227 -18.20 54.81 3.45
CA ALA B 227 -18.61 56.09 4.04
C ALA B 227 -18.32 57.31 3.14
N HIS B 228 -17.41 57.18 2.19
CA HIS B 228 -16.93 58.33 1.44
C HIS B 228 -16.96 58.15 -0.08
N ALA B 229 -17.79 57.24 -0.56
CA ALA B 229 -17.95 57.02 -2.01
C ALA B 229 -16.62 56.71 -2.76
N LYS B 230 -15.85 55.76 -2.22
CA LYS B 230 -14.53 55.45 -2.77
C LYS B 230 -14.53 54.02 -3.31
N GLY B 231 -13.62 53.74 -4.21
CA GLY B 231 -13.53 52.42 -4.86
C GLY B 231 -12.88 51.31 -4.06
N ILE B 232 -13.52 50.14 -4.00
CA ILE B 232 -12.89 48.96 -3.41
C ILE B 232 -12.99 47.77 -4.37
N LEU B 233 -11.85 47.13 -4.59
CA LEU B 233 -11.79 45.86 -5.27
C LEU B 233 -11.22 44.86 -4.28
N VAL B 234 -11.81 43.69 -4.24
CA VAL B 234 -11.33 42.64 -3.39
C VAL B 234 -10.54 41.64 -4.23
N LYS B 235 -9.34 41.30 -3.77
CA LYS B 235 -8.52 40.27 -4.39
C LYS B 235 -8.43 39.09 -3.43
N LYS B 236 -8.25 37.90 -3.97
CA LYS B 236 -8.20 36.67 -3.16
C LYS B 236 -9.46 36.49 -2.31
N ALA B 237 -10.62 36.60 -2.94
CA ALA B 237 -11.90 36.36 -2.27
C ALA B 237 -12.10 34.90 -1.93
N LEU B 238 -11.53 34.00 -2.73
CA LEU B 238 -11.64 32.57 -2.48
C LEU B 238 -10.34 32.04 -1.86
N ALA B 239 -10.37 31.32 -0.73
CA ALA B 239 -9.09 30.86 -0.08
C ALA B 239 -9.15 29.62 0.84
N SER B 240 -7.96 29.23 1.34
CA SER B 240 -7.63 27.87 1.86
C SER B 240 -8.72 27.10 2.61
N GLY B 241 -9.19 27.67 3.71
CA GLY B 241 -10.24 27.06 4.58
C GLY B 241 -10.01 27.36 6.06
N GLN B 249 -24.14 24.88 1.02
CA GLN B 249 -22.85 25.22 1.59
C GLN B 249 -21.67 25.12 0.58
N ASP B 250 -21.81 25.78 -0.56
CA ASP B 250 -20.73 25.84 -1.54
C ASP B 250 -19.64 26.81 -1.04
N PRO B 251 -18.36 26.44 -1.18
CA PRO B 251 -17.31 27.31 -0.68
C PRO B 251 -17.20 28.68 -1.41
N VAL B 252 -17.42 28.70 -2.72
CA VAL B 252 -17.39 29.96 -3.48
C VAL B 252 -18.54 30.88 -3.09
N ARG B 253 -19.71 30.29 -2.88
CA ARG B 253 -20.85 31.07 -2.44
C ARG B 253 -20.63 31.66 -1.05
N ALA B 254 -20.06 30.85 -0.15
CA ALA B 254 -19.76 31.30 1.21
C ALA B 254 -18.79 32.48 1.18
N SER B 255 -17.79 32.38 0.32
CA SER B 255 -16.85 33.47 0.12
C SER B 255 -17.55 34.71 -0.41
N PHE B 256 -18.35 34.56 -1.45
CA PHE B 256 -19.02 35.71 -2.04
C PHE B 256 -20.07 36.30 -1.15
N GLU B 257 -20.72 35.47 -0.32
CA GLU B 257 -21.71 35.99 0.63
C GLU B 257 -21.05 36.86 1.68
N LEU B 258 -19.83 36.50 2.09
CA LEU B 258 -19.02 37.32 2.98
C LEU B 258 -18.65 38.62 2.33
N VAL B 259 -18.02 38.52 1.16
CA VAL B 259 -17.52 39.69 0.42
C VAL B 259 -18.60 40.74 0.08
N PHE B 260 -19.74 40.29 -0.43
CA PHE B 260 -20.79 41.20 -0.85
C PHE B 260 -21.75 41.59 0.26
N ASP B 261 -21.56 41.02 1.45
CA ASP B 261 -22.22 41.51 2.66
C ASP B 261 -21.68 42.88 3.03
N GLN B 262 -20.47 43.20 2.58
CA GLN B 262 -19.90 44.53 2.77
C GLN B 262 -20.32 45.45 1.62
N PRO B 263 -21.16 46.48 1.92
CA PRO B 263 -21.62 47.34 0.83
C PRO B 263 -20.52 48.17 0.17
N GLY B 264 -19.36 48.29 0.78
CA GLY B 264 -18.26 49.00 0.13
C GLY B 264 -17.67 48.36 -1.13
N VAL B 265 -17.85 47.06 -1.32
CA VAL B 265 -17.15 46.34 -2.38
C VAL B 265 -17.82 46.52 -3.72
N ALA B 266 -17.06 46.96 -4.71
CA ALA B 266 -17.55 47.13 -6.07
C ALA B 266 -17.42 45.82 -6.81
N ALA B 267 -16.28 45.16 -6.69
CA ALA B 267 -16.05 43.89 -7.39
C ALA B 267 -14.99 43.03 -6.73
N ALA B 268 -15.09 41.73 -6.97
CA ALA B 268 -14.05 40.79 -6.59
C ALA B 268 -13.36 40.30 -7.82
N ILE B 269 -12.04 40.27 -7.80
CA ILE B 269 -11.27 39.78 -8.91
C ILE B 269 -10.94 38.32 -8.63
N VAL B 270 -11.44 37.41 -9.47
CA VAL B 270 -11.13 36.00 -9.37
C VAL B 270 -10.39 35.53 -10.61
N GLY B 271 -9.25 34.89 -10.40
CA GLY B 271 -8.49 34.34 -11.50
C GLY B 271 -9.02 32.96 -11.75
N THR B 272 -9.24 32.59 -13.00
CA THR B 272 -9.59 31.21 -13.35
C THR B 272 -9.37 30.97 -14.82
N ILE B 273 -8.89 29.78 -15.16
CA ILE B 273 -8.79 29.41 -16.58
C ILE B 273 -9.75 28.27 -16.91
N ASN B 274 -10.62 27.92 -15.95
CA ASN B 274 -11.55 26.81 -16.08
C ASN B 274 -12.95 27.33 -16.36
N PRO B 275 -13.39 27.32 -17.64
CA PRO B 275 -14.67 27.95 -18.01
C PRO B 275 -15.86 27.47 -17.18
N LEU B 276 -15.80 26.24 -16.70
CA LEU B 276 -16.87 25.71 -15.85
C LEU B 276 -16.83 26.42 -14.49
N HIS B 277 -15.63 26.63 -13.96
CA HIS B 277 -15.47 27.40 -12.72
C HIS B 277 -15.91 28.85 -12.90
N LEU B 278 -15.61 29.44 -14.05
CA LEU B 278 -16.02 30.82 -14.33
C LEU B 278 -17.53 30.93 -14.30
N ALA B 279 -18.20 30.05 -15.02
CA ALA B 279 -19.65 30.06 -15.08
C ALA B 279 -20.27 29.87 -13.71
N HIS B 280 -19.69 28.93 -12.94
CA HIS B 280 -20.16 28.66 -11.58
C HIS B 280 -20.00 29.91 -10.69
N ASN B 281 -18.81 30.51 -10.73
CA ASN B 281 -18.53 31.71 -9.96
C ASN B 281 -19.53 32.82 -10.28
N VAL B 282 -19.83 33.01 -11.57
CA VAL B 282 -20.80 34.01 -11.95
C VAL B 282 -22.15 33.72 -11.35
N ALA B 283 -22.56 32.45 -11.41
CA ALA B 283 -23.84 32.02 -10.86
C ALA B 283 -23.91 32.36 -9.37
N MET B 284 -22.86 32.02 -8.63
CA MET B 284 -22.87 32.24 -7.20
C MET B 284 -22.88 33.73 -6.82
N ALA B 285 -22.17 34.54 -7.58
CA ALA B 285 -22.19 35.99 -7.36
C ALA B 285 -23.60 36.53 -7.54
N ALA B 286 -24.24 36.12 -8.63
CA ALA B 286 -25.59 36.60 -8.95
C ALA B 286 -26.55 36.26 -7.81
N GLN B 287 -26.47 35.02 -7.32
CA GLN B 287 -27.32 34.56 -6.24
C GLN B 287 -27.06 35.29 -4.91
N ALA B 288 -25.79 35.51 -4.60
CA ALA B 288 -25.38 36.21 -3.38
C ALA B 288 -25.89 37.63 -3.34
N LEU B 289 -26.01 38.23 -4.52
CA LEU B 289 -26.54 39.59 -4.63
C LEU B 289 -28.08 39.64 -4.81
N LYS B 290 -28.76 38.51 -4.59
CA LYS B 290 -30.19 38.31 -4.94
C LYS B 290 -30.78 39.32 -5.93
N SER C 22 8.79 -34.34 3.78
CA SER C 22 8.28 -35.66 3.47
C SER C 22 9.16 -36.36 2.44
N MET C 23 9.02 -35.90 1.21
CA MET C 23 9.84 -36.33 0.09
C MET C 23 11.19 -35.66 0.05
N ILE C 24 11.28 -34.47 0.62
CA ILE C 24 12.50 -33.69 0.60
C ILE C 24 13.24 -33.71 1.92
N ARG C 25 14.00 -34.77 2.15
CA ARG C 25 14.76 -34.93 3.37
C ARG C 25 16.17 -34.30 3.43
N ASP C 26 16.81 -34.06 2.31
CA ASP C 26 18.08 -33.36 2.31
C ASP C 26 17.85 -31.89 2.08
N THR C 27 18.25 -31.02 3.01
CA THR C 27 18.10 -29.57 2.85
C THR C 27 19.44 -28.88 3.16
N LEU C 28 19.49 -27.57 2.97
CA LEU C 28 20.73 -26.81 3.11
C LEU C 28 20.73 -25.94 4.35
N HIS C 29 19.81 -26.20 5.28
CA HIS C 29 19.61 -25.33 6.45
C HIS C 29 20.86 -25.20 7.32
N ASP C 30 21.59 -26.31 7.45
CA ASP C 30 22.79 -26.36 8.30
C ASP C 30 24.10 -26.14 7.53
N LEU C 31 23.99 -25.75 6.26
CA LEU C 31 25.15 -25.63 5.40
C LEU C 31 25.41 -24.18 4.97
N HIS C 32 24.80 -23.22 5.65
CA HIS C 32 25.02 -21.81 5.28
C HIS C 32 26.47 -21.39 5.53
N ARG C 33 26.95 -20.43 4.74
CA ARG C 33 28.37 -20.08 4.65
C ARG C 33 28.48 -18.59 4.48
N PRO C 34 29.59 -18.00 4.95
CA PRO C 34 29.79 -16.57 4.74
C PRO C 34 30.19 -16.24 3.31
N LEU C 35 29.68 -15.13 2.78
CA LEU C 35 30.08 -14.65 1.48
C LEU C 35 31.23 -13.69 1.69
N GLY C 36 32.44 -14.26 1.72
CA GLY C 36 33.64 -13.48 1.99
C GLY C 36 33.55 -12.79 3.32
N ASP C 37 33.94 -11.51 3.35
CA ASP C 37 33.90 -10.68 4.55
C ASP C 37 32.75 -9.69 4.53
N THR C 38 31.71 -9.95 3.73
CA THR C 38 30.54 -9.04 3.65
C THR C 38 29.70 -9.05 4.92
N GLY C 39 29.81 -10.11 5.73
CA GLY C 39 28.94 -10.32 6.87
C GLY C 39 27.68 -11.10 6.48
N LEU C 40 27.40 -11.24 5.18
CA LEU C 40 26.24 -12.00 4.72
C LEU C 40 26.49 -13.51 4.81
N ALA C 41 25.45 -14.25 5.17
CA ALA C 41 25.48 -15.70 5.28
C ALA C 41 24.49 -16.25 4.26
N VAL C 42 24.98 -17.15 3.40
CA VAL C 42 24.21 -17.63 2.25
C VAL C 42 24.20 -19.14 2.17
N SER C 43 23.10 -19.69 1.67
CA SER C 43 23.08 -21.10 1.33
C SER C 43 24.05 -21.37 0.19
N PRO C 44 24.58 -22.58 0.09
CA PRO C 44 25.51 -22.90 -0.98
C PRO C 44 24.85 -23.02 -2.37
N LEU C 45 23.52 -23.03 -2.45
CA LEU C 45 22.86 -22.83 -3.74
C LEU C 45 22.03 -21.58 -3.64
N GLY C 46 21.93 -20.88 -4.76
CA GLY C 46 21.10 -19.72 -4.89
C GLY C 46 20.19 -19.97 -6.05
N LEU C 47 19.02 -19.34 -5.98
CA LEU C 47 18.02 -19.48 -7.02
C LEU C 47 18.27 -18.44 -8.07
N GLY C 48 18.66 -18.89 -9.24
CA GLY C 48 18.73 -18.04 -10.42
C GLY C 48 17.34 -17.71 -10.90
N THR C 49 17.21 -16.64 -11.66
CA THR C 49 15.89 -16.04 -11.86
C THR C 49 15.67 -15.49 -13.27
N VAL C 50 16.57 -15.81 -14.20
CA VAL C 50 16.46 -15.39 -15.59
C VAL C 50 15.11 -15.75 -16.16
N LYS C 51 14.63 -16.95 -15.81
CA LYS C 51 13.47 -17.52 -16.46
C LYS C 51 12.16 -16.97 -15.97
N PHE C 52 12.21 -16.17 -14.90
CA PHE C 52 11.03 -15.46 -14.42
C PHE C 52 10.60 -14.39 -15.45
N GLY C 53 11.46 -14.08 -16.43
CA GLY C 53 11.10 -13.14 -17.51
C GLY C 53 11.49 -13.59 -18.92
N ARG C 54 11.07 -12.83 -19.92
CA ARG C 54 11.39 -13.12 -21.30
C ARG C 54 12.91 -13.23 -21.59
N ASP C 55 13.29 -13.94 -22.66
CA ASP C 55 14.72 -14.16 -23.01
C ASP C 55 15.36 -12.97 -23.73
N THR C 65 9.07 -20.81 -21.96
CA THR C 65 8.00 -21.15 -21.00
C THR C 65 8.23 -20.48 -19.63
N ILE C 66 7.51 -19.39 -19.40
CA ILE C 66 7.69 -18.59 -18.19
C ILE C 66 6.71 -19.04 -17.11
N PRO C 67 7.19 -19.21 -15.87
CA PRO C 67 6.29 -19.53 -14.80
C PRO C 67 5.21 -18.48 -14.51
N ASP C 68 3.98 -18.94 -14.59
CA ASP C 68 2.82 -18.44 -13.83
C ASP C 68 2.99 -17.97 -12.38
N ASP C 69 2.50 -16.78 -12.06
CA ASP C 69 2.67 -16.27 -10.68
C ASP C 69 2.62 -17.42 -9.69
N ARG C 70 1.64 -18.31 -9.86
CA ARG C 70 1.46 -19.42 -8.95
C ARG C 70 2.71 -20.33 -8.88
N GLU C 71 3.18 -20.73 -10.05
CA GLU C 71 4.34 -21.59 -10.21
C GLU C 71 5.59 -20.94 -9.61
N ALA C 72 5.73 -19.63 -9.82
CA ALA C 72 6.84 -18.86 -9.25
C ALA C 72 6.78 -18.78 -7.72
N ALA C 73 5.60 -18.56 -7.17
CA ALA C 73 5.45 -18.50 -5.71
C ALA C 73 5.80 -19.84 -5.07
N ASP C 74 5.42 -20.94 -5.71
CA ASP C 74 5.64 -22.31 -5.21
C ASP C 74 7.12 -22.68 -5.25
N LEU C 75 7.82 -22.17 -6.25
CA LEU C 75 9.25 -22.37 -6.41
C LEU C 75 10.05 -21.61 -5.35
N LEU C 76 9.62 -20.41 -5.02
CA LEU C 76 10.22 -19.67 -3.92
C LEU C 76 9.93 -20.36 -2.61
N ALA C 77 8.69 -20.76 -2.40
CA ALA C 77 8.31 -21.45 -1.17
C ALA C 77 9.17 -22.71 -0.99
N LEU C 78 9.29 -23.48 -2.05
CA LEU C 78 10.05 -24.73 -2.02
C LEU C 78 11.52 -24.50 -1.77
N ALA C 79 12.07 -23.47 -2.41
CA ALA C 79 13.47 -23.11 -2.21
C ALA C 79 13.69 -22.84 -0.73
N ARG C 80 12.79 -22.07 -0.15
CA ARG C 80 12.89 -21.67 1.24
C ARG C 80 12.90 -22.86 2.18
N ASP C 81 11.99 -23.81 1.94
CA ASP C 81 11.90 -25.04 2.76
C ASP C 81 13.08 -25.98 2.56
N LEU C 82 13.80 -25.79 1.46
CA LEU C 82 15.01 -26.57 1.17
C LEU C 82 16.23 -25.87 1.77
N GLY C 83 16.03 -24.77 2.46
CA GLY C 83 17.12 -24.07 3.12
C GLY C 83 17.91 -23.09 2.26
N ILE C 84 17.36 -22.72 1.10
CA ILE C 84 17.97 -21.67 0.26
C ILE C 84 17.53 -20.30 0.75
N ASN C 85 18.47 -19.37 0.86
CA ASN C 85 18.16 -17.98 1.17
C ASN C 85 18.85 -16.99 0.25
N LEU C 86 19.39 -17.48 -0.86
CA LEU C 86 20.07 -16.63 -1.82
C LEU C 86 19.29 -16.60 -3.11
N ILE C 87 19.03 -15.40 -3.64
CA ILE C 87 18.28 -15.24 -4.89
C ILE C 87 18.98 -14.21 -5.77
N ASP C 88 19.07 -14.51 -7.07
CA ASP C 88 19.89 -13.74 -8.04
C ASP C 88 18.99 -13.19 -9.15
N THR C 89 19.15 -11.92 -9.49
CA THR C 89 18.33 -11.34 -10.53
C THR C 89 19.12 -10.26 -11.23
N ALA C 90 18.48 -9.52 -12.12
CA ALA C 90 19.15 -8.49 -12.89
C ALA C 90 18.14 -7.72 -13.74
N PRO C 91 18.37 -6.43 -13.92
CA PRO C 91 17.57 -5.65 -14.86
C PRO C 91 17.52 -6.27 -16.27
N ALA C 92 18.60 -6.90 -16.71
CA ALA C 92 18.62 -7.49 -18.06
C ALA C 92 17.70 -8.71 -18.19
N TYR C 93 17.30 -9.31 -17.08
CA TYR C 93 16.51 -10.56 -17.13
C TYR C 93 15.02 -10.27 -17.32
N GLY C 94 14.73 -9.50 -18.37
CA GLY C 94 13.37 -9.12 -18.69
C GLY C 94 12.74 -8.51 -17.44
N ARG C 95 11.60 -9.04 -17.08
CA ARG C 95 10.87 -8.55 -15.95
C ARG C 95 11.05 -9.31 -14.67
N SER C 96 12.16 -10.01 -14.50
CA SER C 96 12.49 -10.70 -13.24
C SER C 96 12.38 -9.78 -12.02
N GLU C 97 13.13 -8.67 -12.01
CA GLU C 97 13.07 -7.72 -10.88
C GLU C 97 11.64 -7.26 -10.57
N GLU C 98 10.95 -6.83 -11.61
CA GLU C 98 9.59 -6.31 -11.49
C GLU C 98 8.64 -7.33 -10.80
N ARG C 99 8.70 -8.58 -11.23
CA ARG C 99 7.88 -9.64 -10.67
C ARG C 99 8.27 -10.06 -9.25
N LEU C 100 9.56 -9.99 -8.93
CA LEU C 100 10.05 -10.48 -7.65
C LEU C 100 9.54 -9.64 -6.47
N GLY C 101 9.40 -8.33 -6.65
CA GLY C 101 8.96 -7.45 -5.57
C GLY C 101 7.67 -7.93 -4.90
N PRO C 102 6.60 -8.01 -5.69
CA PRO C 102 5.36 -8.59 -5.21
C PRO C 102 5.50 -10.02 -4.68
N LEU C 103 6.26 -10.85 -5.38
CA LEU C 103 6.41 -12.26 -4.99
C LEU C 103 7.10 -12.41 -3.64
N LEU C 104 7.99 -11.46 -3.31
CA LEU C 104 8.75 -11.50 -2.04
C LEU C 104 8.07 -10.76 -0.87
N ARG C 105 6.96 -10.07 -1.14
CA ARG C 105 6.19 -9.43 -0.09
C ARG C 105 5.92 -10.34 1.09
N GLY C 106 6.29 -9.89 2.28
CA GLY C 106 6.03 -10.66 3.47
C GLY C 106 7.16 -11.57 3.90
N GLN C 107 8.12 -11.82 3.00
CA GLN C 107 9.29 -12.68 3.29
C GLN C 107 10.60 -12.06 2.87
N ARG C 108 10.60 -10.80 2.47
CA ARG C 108 11.84 -10.18 1.95
C ARG C 108 13.04 -10.43 2.88
N GLU C 109 12.80 -10.38 4.18
CA GLU C 109 13.85 -10.49 5.17
C GLU C 109 14.62 -11.80 5.08
N HIS C 110 13.94 -12.86 4.67
CA HIS C 110 14.58 -14.17 4.57
C HIS C 110 15.69 -14.17 3.53
N TRP C 111 15.56 -13.33 2.51
CA TRP C 111 16.36 -13.46 1.30
C TRP C 111 17.56 -12.51 1.20
N VAL C 112 18.70 -13.10 0.83
CA VAL C 112 19.84 -12.34 0.40
C VAL C 112 19.71 -12.13 -1.11
N ILE C 113 19.39 -10.91 -1.52
CA ILE C 113 19.17 -10.62 -2.96
C ILE C 113 20.46 -10.12 -3.64
N VAL C 114 20.71 -10.69 -4.81
CA VAL C 114 21.79 -10.22 -5.66
C VAL C 114 21.16 -9.68 -6.92
N SER C 115 21.54 -8.48 -7.31
CA SER C 115 21.12 -7.92 -8.59
C SER C 115 22.31 -7.26 -9.27
N LYS C 116 22.07 -6.60 -10.40
CA LYS C 116 23.18 -6.18 -11.23
C LYS C 116 22.94 -4.84 -11.87
N VAL C 117 23.99 -4.21 -12.37
CA VAL C 117 23.86 -2.96 -13.10
C VAL C 117 24.72 -2.96 -14.33
N GLY C 118 24.20 -2.38 -15.40
CA GLY C 118 25.00 -2.04 -16.56
C GLY C 118 24.47 -2.59 -17.86
N GLU C 119 23.83 -3.75 -17.81
CA GLU C 119 23.27 -4.34 -18.99
C GLU C 119 21.77 -4.08 -18.96
N GLU C 120 21.23 -3.71 -20.11
CA GLU C 120 19.88 -3.16 -20.16
C GLU C 120 19.00 -3.83 -21.24
N GLN C 125 18.25 -6.58 -28.38
CA GLN C 125 19.67 -6.81 -28.02
C GLN C 125 20.17 -6.08 -26.77
N SER C 126 21.30 -6.58 -26.28
CA SER C 126 22.00 -5.98 -25.16
C SER C 126 22.36 -4.51 -25.47
N VAL C 127 22.20 -3.68 -24.46
CA VAL C 127 22.77 -2.34 -24.45
C VAL C 127 23.52 -2.21 -23.13
N PHE C 128 24.74 -1.65 -23.16
CA PHE C 128 25.53 -1.49 -21.95
C PHE C 128 25.80 -0.02 -21.66
N ASP C 129 25.69 0.36 -20.38
CA ASP C 129 25.91 1.73 -19.93
C ASP C 129 26.48 1.68 -18.53
N PHE C 130 27.76 2.05 -18.37
CA PHE C 130 28.42 1.94 -17.08
C PHE C 130 28.62 3.28 -16.41
N SER C 131 27.89 4.28 -16.89
CA SER C 131 28.03 5.64 -16.35
C SER C 131 27.47 5.74 -14.93
N ALA C 132 27.92 6.75 -14.19
CA ALA C 132 27.48 6.95 -12.80
C ALA C 132 25.99 7.23 -12.74
N ALA C 133 25.53 8.04 -13.69
CA ALA C 133 24.10 8.44 -13.79
C ALA C 133 23.24 7.19 -13.89
N HIS C 134 23.57 6.33 -14.86
CA HIS C 134 22.80 5.12 -15.11
C HIS C 134 22.92 4.09 -13.97
N THR C 135 24.09 4.00 -13.35
CA THR C 135 24.28 3.10 -12.23
C THR C 135 23.30 3.46 -11.13
N ARG C 136 23.25 4.75 -10.83
CA ARG C 136 22.40 5.28 -9.79
C ARG C 136 20.92 5.09 -10.13
N ARG C 137 20.59 5.32 -11.38
CA ARG C 137 19.23 5.21 -11.85
C ARG C 137 18.74 3.74 -11.73
N SER C 138 19.58 2.81 -12.17
CA SER C 138 19.26 1.40 -12.16
C SER C 138 19.05 0.85 -10.77
N VAL C 139 19.93 1.18 -9.83
CA VAL C 139 19.81 0.69 -8.47
C VAL C 139 18.55 1.22 -7.77
N GLU C 140 18.24 2.49 -7.99
CA GLU C 140 16.99 3.05 -7.46
C GLU C 140 15.80 2.31 -8.04
N ARG C 141 15.78 2.14 -9.35
CA ARG C 141 14.72 1.38 -10.02
C ARG C 141 14.65 -0.06 -9.49
N SER C 142 15.80 -0.62 -9.12
CA SER C 142 15.83 -1.98 -8.60
C SER C 142 15.22 -2.07 -7.19
N LEU C 143 15.56 -1.11 -6.35
CA LEU C 143 14.95 -1.00 -5.02
C LEU C 143 13.43 -0.82 -5.09
N LYS C 144 13.00 -0.03 -6.06
CA LYS C 144 11.59 0.26 -6.27
C LYS C 144 10.84 -1.00 -6.77
N ARG C 145 11.37 -1.61 -7.83
CA ARG C 145 10.81 -2.85 -8.39
C ARG C 145 10.70 -3.97 -7.37
N LEU C 146 11.71 -4.09 -6.51
CA LEU C 146 11.77 -5.14 -5.49
C LEU C 146 11.09 -4.72 -4.17
N GLU C 147 10.56 -3.50 -4.13
CA GLU C 147 9.80 -3.02 -2.96
C GLU C 147 10.61 -3.13 -1.67
N THR C 148 11.83 -2.64 -1.72
CA THR C 148 12.70 -2.71 -0.55
C THR C 148 13.58 -1.47 -0.42
N ASP C 149 14.19 -1.33 0.74
CA ASP C 149 15.02 -0.15 1.06
C ASP C 149 16.52 -0.41 0.79
N ARG C 150 16.90 -1.68 0.61
CA ARG C 150 18.17 -1.98 -0.05
C ARG C 150 18.28 -3.39 -0.63
N ILE C 151 19.42 -3.60 -1.32
CA ILE C 151 19.77 -4.87 -1.92
C ILE C 151 21.10 -5.34 -1.35
N GLU C 152 21.19 -6.60 -0.93
CA GLU C 152 22.38 -7.12 -0.26
C GLU C 152 23.66 -7.05 -1.09
N LEU C 153 23.57 -7.34 -2.38
CA LEU C 153 24.72 -7.33 -3.25
C LEU C 153 24.35 -6.88 -4.63
N VAL C 154 25.09 -5.95 -5.19
CA VAL C 154 24.90 -5.55 -6.60
C VAL C 154 26.19 -5.71 -7.40
N LEU C 155 26.11 -6.46 -8.49
CA LEU C 155 27.28 -6.81 -9.31
C LEU C 155 27.25 -6.07 -10.63
N VAL C 156 28.43 -5.67 -11.10
CA VAL C 156 28.57 -5.05 -12.40
C VAL C 156 28.26 -6.07 -13.49
N HIS C 157 27.36 -5.75 -14.40
CA HIS C 157 27.01 -6.70 -15.45
C HIS C 157 27.87 -6.54 -16.71
N SER C 158 29.07 -7.12 -16.68
CA SER C 158 30.05 -6.90 -17.74
C SER C 158 29.68 -7.45 -19.13
N ASP C 159 30.14 -6.77 -20.17
CA ASP C 159 29.99 -7.24 -21.54
C ASP C 159 31.15 -8.17 -21.95
N GLY C 160 32.11 -8.39 -21.05
CA GLY C 160 33.32 -9.16 -21.35
C GLY C 160 34.60 -8.33 -21.15
N ASN C 161 34.50 -7.02 -21.35
CA ASN C 161 35.62 -6.14 -21.21
C ASN C 161 35.79 -5.67 -19.75
N ASP C 162 35.98 -6.64 -18.86
CA ASP C 162 35.93 -6.39 -17.40
C ASP C 162 36.88 -5.29 -16.94
N LEU C 163 38.16 -5.43 -17.29
CA LEU C 163 39.20 -4.60 -16.73
C LEU C 163 39.07 -3.16 -17.18
N ASP C 164 38.69 -2.97 -18.43
CA ASP C 164 38.46 -1.63 -18.96
C ASP C 164 37.30 -0.94 -18.24
N ILE C 165 36.18 -1.64 -18.08
CA ILE C 165 35.02 -1.08 -17.33
C ILE C 165 35.40 -0.70 -15.91
N LEU C 166 36.13 -1.57 -15.21
CA LEU C 166 36.54 -1.29 -13.82
C LEU C 166 37.47 -0.08 -13.70
N GLU C 167 38.42 0.05 -14.61
CA GLU C 167 39.44 1.12 -14.54
C GLU C 167 38.96 2.45 -15.11
N ASN C 168 38.15 2.42 -16.15
CA ASN C 168 37.88 3.60 -16.99
C ASN C 168 36.42 4.04 -17.10
N SER C 169 35.55 3.47 -16.28
CA SER C 169 34.17 3.93 -16.25
C SER C 169 33.86 4.28 -14.81
N GLU C 170 32.67 4.83 -14.60
CA GLU C 170 32.27 5.38 -13.28
C GLU C 170 31.57 4.37 -12.37
N VAL C 171 31.19 3.20 -12.90
CA VAL C 171 30.30 2.25 -12.21
C VAL C 171 30.79 1.81 -10.82
N TYR C 172 32.06 1.49 -10.71
CA TYR C 172 32.58 0.89 -9.48
C TYR C 172 32.64 1.88 -8.32
N PRO C 173 33.18 3.09 -8.52
CA PRO C 173 33.07 4.12 -7.47
C PRO C 173 31.64 4.52 -7.09
N THR C 174 30.75 4.57 -8.09
CA THR C 174 29.32 4.81 -7.82
C THR C 174 28.74 3.72 -6.92
N LEU C 175 29.09 2.46 -7.19
CA LEU C 175 28.61 1.39 -6.34
C LEU C 175 29.17 1.58 -4.93
N ALA C 176 30.44 2.00 -4.85
CA ALA C 176 31.10 2.20 -3.55
C ALA C 176 30.33 3.24 -2.73
N ALA C 177 29.86 4.28 -3.45
CA ALA C 177 29.10 5.35 -2.85
C ALA C 177 27.80 4.80 -2.36
N LEU C 178 27.07 4.13 -3.24
CA LEU C 178 25.78 3.53 -2.88
C LEU C 178 25.92 2.62 -1.65
N LYS C 179 27.07 1.98 -1.49
CA LYS C 179 27.29 1.11 -0.34
C LYS C 179 27.42 1.94 0.93
N ARG C 180 28.16 3.04 0.82
CA ARG C 180 28.28 4.01 1.91
C ARG C 180 26.93 4.56 2.32
N GLU C 181 26.13 4.92 1.31
CA GLU C 181 24.80 5.47 1.56
C GLU C 181 23.79 4.46 2.10
N GLY C 182 24.12 3.16 2.11
CA GLY C 182 23.23 2.12 2.68
C GLY C 182 22.23 1.50 1.70
N LEU C 183 22.14 2.04 0.48
CA LEU C 183 21.28 1.47 -0.55
C LEU C 183 21.70 0.05 -1.00
N ILE C 184 22.98 -0.31 -0.83
CA ILE C 184 23.39 -1.69 -1.08
C ILE C 184 24.30 -2.15 0.02
N GLY C 185 24.32 -3.44 0.29
CA GLY C 185 25.11 -3.99 1.37
C GLY C 185 26.52 -4.34 0.96
N ALA C 186 26.73 -4.63 -0.32
CA ALA C 186 28.04 -5.04 -0.85
C ALA C 186 28.02 -4.92 -2.37
N TYR C 187 29.20 -4.87 -3.01
CA TYR C 187 29.25 -4.74 -4.48
C TYR C 187 30.34 -5.60 -5.09
N GLY C 188 30.27 -5.76 -6.42
CA GLY C 188 31.22 -6.61 -7.13
C GLY C 188 31.03 -6.69 -8.64
N LEU C 189 31.60 -7.73 -9.24
CA LEU C 189 31.62 -7.91 -10.69
C LEU C 189 31.07 -9.27 -11.10
N SER C 190 30.19 -9.28 -12.10
CA SER C 190 29.83 -10.53 -12.77
C SER C 190 30.60 -10.52 -14.06
N GLY C 191 31.81 -11.05 -13.99
CA GLY C 191 32.78 -10.91 -15.04
C GLY C 191 32.90 -12.12 -15.92
N LYS C 192 33.80 -12.01 -16.89
CA LYS C 192 34.14 -13.10 -17.79
C LYS C 192 35.64 -13.34 -17.89
N THR C 193 36.46 -12.46 -17.33
CA THR C 193 37.90 -12.57 -17.50
C THR C 193 38.53 -12.77 -16.13
N VAL C 194 39.74 -13.35 -16.09
CA VAL C 194 40.41 -13.57 -14.81
C VAL C 194 41.04 -12.27 -14.33
N GLU C 195 41.58 -11.50 -15.26
CA GLU C 195 42.16 -10.22 -14.92
C GLU C 195 41.11 -9.33 -14.26
N GLY C 196 39.88 -9.40 -14.76
CA GLY C 196 38.78 -8.61 -14.24
C GLY C 196 38.27 -9.05 -12.89
N GLY C 197 38.20 -10.36 -12.68
CA GLY C 197 37.79 -10.91 -11.41
C GLY C 197 38.74 -10.53 -10.30
N LEU C 198 40.03 -10.57 -10.58
CA LEU C 198 41.04 -10.22 -9.58
C LEU C 198 40.93 -8.75 -9.17
N ARG C 199 40.76 -7.88 -10.15
CA ARG C 199 40.68 -6.46 -9.87
C ARG C 199 39.41 -6.09 -9.12
N ALA C 200 38.31 -6.73 -9.47
CA ALA C 200 37.04 -6.52 -8.79
C ALA C 200 37.18 -6.73 -7.29
N LEU C 201 38.08 -7.65 -6.94
CA LEU C 201 38.31 -8.08 -5.57
C LEU C 201 39.28 -7.16 -4.78
N ARG C 202 40.07 -6.36 -5.49
CA ARG C 202 41.00 -5.47 -4.83
C ARG C 202 40.25 -4.46 -3.97
N GLU C 203 39.17 -3.88 -4.51
CA GLU C 203 38.34 -2.98 -3.67
C GLU C 203 36.91 -3.41 -3.45
N GLY C 204 36.37 -4.17 -4.40
CA GLY C 204 35.04 -4.77 -4.27
C GLY C 204 35.02 -5.99 -3.36
N ASP C 205 33.80 -6.49 -3.15
CA ASP C 205 33.51 -7.47 -2.11
C ASP C 205 33.35 -8.86 -2.64
N CYS C 206 33.03 -8.99 -3.92
CA CYS C 206 32.66 -10.29 -4.49
C CYS C 206 32.84 -10.38 -6.00
N ALA C 207 33.23 -11.56 -6.49
CA ALA C 207 33.29 -11.82 -7.92
C ALA C 207 32.40 -12.99 -8.26
N MET C 208 31.52 -12.81 -9.21
CA MET C 208 30.72 -13.93 -9.72
C MET C 208 31.43 -14.40 -10.96
N VAL C 209 31.70 -15.70 -11.01
CA VAL C 209 32.57 -16.28 -12.03
C VAL C 209 32.01 -17.54 -12.62
N THR C 210 32.38 -17.82 -13.88
CA THR C 210 31.98 -19.07 -14.53
C THR C 210 32.97 -20.16 -14.12
N TYR C 211 32.45 -21.29 -13.64
CA TYR C 211 33.27 -22.42 -13.27
C TYR C 211 32.43 -23.69 -13.35
N ASN C 212 32.81 -24.58 -14.26
CA ASN C 212 32.12 -25.81 -14.45
C ASN C 212 33.06 -26.88 -15.05
N LEU C 213 32.56 -28.09 -15.22
CA LEU C 213 33.36 -29.19 -15.72
C LEU C 213 34.07 -28.90 -17.03
N ASN C 214 33.49 -28.03 -17.86
CA ASN C 214 34.09 -27.64 -19.18
C ASN C 214 34.87 -26.34 -19.21
N GLU C 215 34.74 -25.49 -18.19
CA GLU C 215 35.41 -24.21 -18.18
C GLU C 215 36.06 -23.97 -16.82
N ARG C 216 37.39 -23.90 -16.79
CA ARG C 216 38.16 -23.78 -15.54
C ARG C 216 39.09 -22.56 -15.48
N ALA C 217 39.00 -21.71 -16.49
CA ALA C 217 39.98 -20.67 -16.67
C ALA C 217 39.94 -19.66 -15.54
N GLU C 218 38.79 -19.53 -14.86
CA GLU C 218 38.59 -18.50 -13.84
C GLU C 218 38.93 -19.00 -12.45
N ARG C 219 39.59 -20.14 -12.38
CA ARG C 219 39.97 -20.72 -11.13
C ARG C 219 40.90 -19.85 -10.29
N PRO C 220 41.88 -19.18 -10.93
CA PRO C 220 42.72 -18.28 -10.16
C PRO C 220 41.96 -17.25 -9.36
N VAL C 221 40.82 -16.78 -9.88
CA VAL C 221 40.03 -15.75 -9.20
C VAL C 221 39.51 -16.35 -7.91
N ILE C 222 39.09 -17.61 -7.97
CA ILE C 222 38.55 -18.30 -6.81
C ILE C 222 39.65 -18.49 -5.79
N GLU C 223 40.81 -18.99 -6.23
CA GLU C 223 41.93 -19.26 -5.32
C GLU C 223 42.46 -17.99 -4.60
N TYR C 224 42.48 -16.87 -5.32
CA TYR C 224 42.82 -15.57 -4.73
C TYR C 224 41.82 -15.13 -3.65
N ALA C 225 40.53 -15.24 -3.96
CA ALA C 225 39.49 -14.90 -3.00
C ALA C 225 39.64 -15.72 -1.73
N ALA C 226 39.88 -17.00 -1.88
CA ALA C 226 40.09 -17.90 -0.73
C ALA C 226 41.25 -17.44 0.13
N ALA C 227 42.32 -16.93 -0.49
CA ALA C 227 43.48 -16.42 0.27
C ALA C 227 43.20 -15.12 1.05
N HIS C 228 42.15 -14.39 0.69
CA HIS C 228 41.97 -13.04 1.24
C HIS C 228 40.56 -12.79 1.76
N ALA C 229 39.82 -13.87 2.08
CA ALA C 229 38.47 -13.76 2.66
C ALA C 229 37.54 -12.90 1.79
N LYS C 230 37.44 -13.24 0.51
CA LYS C 230 36.61 -12.49 -0.42
C LYS C 230 35.46 -13.35 -0.98
N GLY C 231 34.38 -12.71 -1.42
CA GLY C 231 33.22 -13.44 -1.93
C GLY C 231 33.33 -14.00 -3.34
N ILE C 232 32.97 -15.27 -3.51
CA ILE C 232 32.87 -15.87 -4.84
C ILE C 232 31.48 -16.53 -5.03
N LEU C 233 30.82 -16.18 -6.14
CA LEU C 233 29.63 -16.88 -6.55
C LEU C 233 29.94 -17.49 -7.89
N VAL C 234 29.56 -18.74 -8.08
CA VAL C 234 29.74 -19.40 -9.34
C VAL C 234 28.43 -19.39 -10.13
N LYS C 235 28.51 -18.98 -11.39
CA LYS C 235 27.38 -19.02 -12.31
C LYS C 235 27.69 -20.05 -13.38
N LYS C 236 26.66 -20.61 -13.98
CA LYS C 236 26.81 -21.67 -14.97
C LYS C 236 27.64 -22.84 -14.46
N ALA C 237 27.30 -23.33 -13.27
CA ALA C 237 27.95 -24.51 -12.67
C ALA C 237 27.62 -25.81 -13.39
N LEU C 238 26.44 -25.87 -14.01
CA LEU C 238 26.01 -27.03 -14.77
C LEU C 238 26.16 -26.76 -16.27
N ALA C 239 26.89 -27.64 -16.94
CA ALA C 239 26.99 -27.62 -18.41
C ALA C 239 27.88 -28.83 -18.52
N SER C 240 27.73 -29.59 -19.62
CA SER C 240 28.61 -30.76 -19.87
C SER C 240 28.54 -31.32 -21.29
N GLY C 241 29.48 -32.24 -21.58
CA GLY C 241 29.62 -32.89 -22.89
C GLY C 241 30.85 -32.38 -23.64
N GLN C 249 27.30 -41.60 -10.42
CA GLN C 249 27.79 -40.70 -11.47
C GLN C 249 26.67 -39.76 -12.02
N ASP C 250 26.01 -39.03 -11.11
CA ASP C 250 25.03 -38.01 -11.50
C ASP C 250 25.73 -36.75 -12.00
N PRO C 251 25.27 -36.15 -13.13
CA PRO C 251 25.99 -35.01 -13.70
C PRO C 251 25.99 -33.76 -12.81
N VAL C 252 24.87 -33.52 -12.12
CA VAL C 252 24.77 -32.38 -11.21
C VAL C 252 25.68 -32.57 -9.98
N ARG C 253 25.77 -33.78 -9.49
CA ARG C 253 26.70 -34.06 -8.40
C ARG C 253 28.17 -33.91 -8.80
N ALA C 254 28.52 -34.36 -10.00
CA ALA C 254 29.88 -34.24 -10.51
C ALA C 254 30.25 -32.76 -10.61
N SER C 255 29.30 -31.95 -11.09
CA SER C 255 29.49 -30.52 -11.18
C SER C 255 29.68 -29.90 -9.84
N PHE C 256 28.82 -30.25 -8.88
CA PHE C 256 28.93 -29.68 -7.54
C PHE C 256 30.11 -30.18 -6.77
N GLU C 257 30.56 -31.41 -7.06
CA GLU C 257 31.77 -31.92 -6.41
C GLU C 257 32.99 -31.16 -6.89
N LEU C 258 33.00 -30.76 -8.15
CA LEU C 258 34.06 -29.90 -8.68
C LEU C 258 34.04 -28.56 -8.01
N VAL C 259 32.88 -27.89 -8.07
CA VAL C 259 32.70 -26.51 -7.58
C VAL C 259 33.02 -26.32 -6.10
N PHE C 260 32.57 -27.25 -5.26
CA PHE C 260 32.76 -27.13 -3.81
C PHE C 260 34.08 -27.75 -3.35
N ASP C 261 34.79 -28.39 -4.27
CA ASP C 261 36.15 -28.81 -3.98
C ASP C 261 37.05 -27.56 -3.81
N GLN C 262 36.64 -26.44 -4.40
CA GLN C 262 37.33 -25.19 -4.21
C GLN C 262 36.82 -24.48 -2.95
N PRO C 263 37.68 -24.33 -1.92
CA PRO C 263 37.19 -23.70 -0.69
C PRO C 263 36.82 -22.22 -0.85
N GLY C 264 37.24 -21.57 -1.92
CA GLY C 264 36.85 -20.18 -2.11
C GLY C 264 35.37 -19.91 -2.40
N VAL C 265 34.63 -20.91 -2.86
CA VAL C 265 33.26 -20.69 -3.34
C VAL C 265 32.28 -20.61 -2.21
N ALA C 266 31.52 -19.53 -2.16
CA ALA C 266 30.44 -19.37 -1.19
C ALA C 266 29.17 -20.06 -1.67
N ALA C 267 28.80 -19.81 -2.91
CA ALA C 267 27.59 -20.38 -3.46
C ALA C 267 27.63 -20.53 -5.00
N ALA C 268 26.86 -21.49 -5.49
CA ALA C 268 26.63 -21.63 -6.92
C ALA C 268 25.20 -21.19 -7.20
N ILE C 269 25.01 -20.34 -8.21
CA ILE C 269 23.69 -19.90 -8.64
C ILE C 269 23.20 -20.83 -9.76
N VAL C 270 22.12 -21.56 -9.51
CA VAL C 270 21.52 -22.42 -10.52
C VAL C 270 20.11 -21.93 -10.86
N GLY C 271 19.83 -21.75 -12.13
CA GLY C 271 18.51 -21.36 -12.55
C GLY C 271 17.73 -22.62 -12.79
N THR C 272 16.49 -22.68 -12.32
CA THR C 272 15.62 -23.81 -12.62
C THR C 272 14.20 -23.42 -12.34
N ILE C 273 13.26 -23.88 -13.16
CA ILE C 273 11.85 -23.69 -12.89
C ILE C 273 11.17 -25.04 -12.59
N ASN C 274 11.97 -26.10 -12.50
CA ASN C 274 11.48 -27.46 -12.30
C ASN C 274 11.66 -27.87 -10.83
N PRO C 275 10.57 -27.84 -10.04
CA PRO C 275 10.73 -28.09 -8.61
C PRO C 275 11.39 -29.40 -8.27
N LEU C 276 11.25 -30.39 -9.14
CA LEU C 276 11.92 -31.68 -8.93
C LEU C 276 13.42 -31.53 -9.14
N HIS C 277 13.82 -30.77 -10.15
CA HIS C 277 15.23 -30.45 -10.34
C HIS C 277 15.79 -29.64 -9.17
N LEU C 278 15.00 -28.72 -8.63
CA LEU C 278 15.45 -27.91 -7.51
C LEU C 278 15.76 -28.80 -6.32
N ALA C 279 14.82 -29.67 -6.00
CA ALA C 279 14.98 -30.57 -4.86
C ALA C 279 16.18 -31.47 -5.06
N HIS C 280 16.32 -32.02 -6.26
CA HIS C 280 17.48 -32.87 -6.55
C HIS C 280 18.79 -32.08 -6.36
N ASN C 281 18.87 -30.88 -6.95
CA ASN C 281 20.07 -30.07 -6.87
C ASN C 281 20.44 -29.85 -5.41
N VAL C 282 19.43 -29.52 -4.58
CA VAL C 282 19.68 -29.30 -3.16
C VAL C 282 20.25 -30.55 -2.51
N ALA C 283 19.68 -31.69 -2.83
CA ALA C 283 20.18 -32.95 -2.30
C ALA C 283 21.63 -33.17 -2.65
N MET C 284 21.99 -32.95 -3.92
CA MET C 284 23.36 -33.19 -4.39
C MET C 284 24.38 -32.25 -3.78
N ALA C 285 23.99 -30.98 -3.58
CA ALA C 285 24.85 -30.00 -2.90
C ALA C 285 25.15 -30.47 -1.48
N ALA C 286 24.10 -30.89 -0.77
CA ALA C 286 24.23 -31.31 0.61
C ALA C 286 25.23 -32.47 0.72
N GLN C 287 25.05 -33.43 -0.17
CA GLN C 287 25.89 -34.62 -0.21
C GLN C 287 27.34 -34.29 -0.56
N ALA C 288 27.55 -33.41 -1.54
CA ALA C 288 28.89 -33.02 -1.95
C ALA C 288 29.64 -32.32 -0.82
N LEU C 289 28.91 -31.61 0.04
CA LEU C 289 29.50 -30.93 1.20
C LEU C 289 29.56 -31.81 2.46
N LYS C 290 29.37 -33.13 2.30
CA LYS C 290 29.17 -34.08 3.42
C LYS C 290 28.82 -33.42 4.74
N TYR D 19 16.42 -0.23 21.32
CA TYR D 19 17.01 0.11 19.99
C TYR D 19 15.94 0.81 19.15
N PHE D 20 14.77 0.98 19.78
CA PHE D 20 13.59 1.62 19.19
C PHE D 20 13.66 3.13 19.36
N GLN D 21 14.60 3.58 20.19
CA GLN D 21 14.67 4.97 20.58
C GLN D 21 15.12 5.84 19.39
N SER D 22 15.86 5.26 18.44
CA SER D 22 15.82 5.80 17.07
C SER D 22 14.34 5.55 16.65
N MET D 23 13.43 6.33 17.24
CA MET D 23 12.11 6.75 16.80
C MET D 23 12.17 8.28 16.78
N ILE D 24 13.38 8.82 16.81
CA ILE D 24 13.65 10.25 16.68
C ILE D 24 14.32 10.36 15.32
N ARG D 25 13.62 9.90 14.29
CA ARG D 25 14.20 9.59 12.98
C ARG D 25 14.18 10.78 11.98
N ASP D 26 13.00 11.34 11.70
CA ASP D 26 12.90 12.59 10.94
C ASP D 26 13.58 13.67 11.80
N THR D 27 14.62 14.32 11.25
CA THR D 27 15.30 15.40 11.95
C THR D 27 15.43 16.63 11.06
N LEU D 28 15.94 17.72 11.61
CA LEU D 28 15.98 18.98 10.87
C LEU D 28 17.37 19.32 10.39
N HIS D 29 18.30 18.37 10.48
CA HIS D 29 19.71 18.65 10.21
C HIS D 29 19.95 19.25 8.82
N ASP D 30 19.21 18.75 7.82
CA ASP D 30 19.42 19.18 6.43
C ASP D 30 18.48 20.33 6.00
N LEU D 31 17.76 20.89 6.95
CA LEU D 31 16.72 21.86 6.66
C LEU D 31 17.06 23.23 7.19
N HIS D 32 18.32 23.46 7.57
CA HIS D 32 18.71 24.76 8.10
C HIS D 32 18.54 25.87 7.04
N ARG D 33 18.26 27.09 7.52
CA ARG D 33 17.88 28.21 6.65
C ARG D 33 18.52 29.48 7.18
N PRO D 34 18.78 30.44 6.30
CA PRO D 34 19.28 31.72 6.77
C PRO D 34 18.18 32.58 7.43
N LEU D 35 18.56 33.29 8.49
CA LEU D 35 17.66 34.22 9.12
C LEU D 35 17.89 35.58 8.50
N GLY D 36 17.14 35.85 7.41
CA GLY D 36 17.33 37.06 6.62
C GLY D 36 18.80 37.22 6.18
N ASP D 37 19.33 38.44 6.29
CA ASP D 37 20.72 38.73 5.90
C ASP D 37 21.67 38.83 7.09
N THR D 38 21.30 38.23 8.22
CA THR D 38 22.13 38.29 9.44
C THR D 38 23.35 37.45 9.32
N GLY D 39 23.37 36.49 8.41
CA GLY D 39 24.48 35.53 8.31
C GLY D 39 24.33 34.33 9.23
N LEU D 40 23.32 34.36 10.09
CA LEU D 40 22.99 33.23 10.95
C LEU D 40 22.20 32.17 10.19
N ALA D 41 22.48 30.91 10.50
CA ALA D 41 21.75 29.77 9.90
C ALA D 41 21.02 29.03 11.02
N VAL D 42 19.71 28.86 10.86
CA VAL D 42 18.87 28.32 11.93
C VAL D 42 18.04 27.16 11.45
N SER D 43 17.75 26.24 12.35
CA SER D 43 16.77 25.20 12.10
C SER D 43 15.39 25.84 12.00
N PRO D 44 14.47 25.25 11.23
CA PRO D 44 13.14 25.81 11.09
C PRO D 44 12.24 25.68 12.32
N LEU D 45 12.68 24.95 13.34
CA LEU D 45 12.04 25.09 14.65
C LEU D 45 13.06 25.59 15.62
N GLY D 46 12.58 26.34 16.60
CA GLY D 46 13.40 26.79 17.70
C GLY D 46 12.75 26.40 19.02
N LEU D 47 13.58 26.19 20.03
CA LEU D 47 13.08 25.74 21.30
C LEU D 47 12.70 26.97 22.11
N GLY D 48 11.42 27.12 22.36
CA GLY D 48 10.93 28.15 23.27
C GLY D 48 11.27 27.72 24.68
N THR D 49 11.29 28.66 25.61
CA THR D 49 11.96 28.43 26.88
C THR D 49 11.29 29.10 28.08
N VAL D 50 10.07 29.61 27.86
CA VAL D 50 9.27 30.25 28.89
C VAL D 50 9.09 29.34 30.06
N LYS D 51 8.90 28.05 29.82
CA LYS D 51 8.57 27.09 30.88
C LYS D 51 9.75 26.65 31.73
N PHE D 52 10.96 27.05 31.33
CA PHE D 52 12.14 26.78 32.12
C PHE D 52 12.15 27.65 33.37
N GLY D 53 11.64 28.88 33.27
CA GLY D 53 11.23 29.66 34.47
C GLY D 53 9.75 29.68 34.17
N ARG D 54 8.94 30.49 34.83
CA ARG D 54 7.66 30.81 34.22
C ARG D 54 7.35 32.31 34.34
N ASP D 55 6.73 32.90 33.32
CA ASP D 55 6.37 34.35 33.29
C ASP D 55 5.06 34.62 34.05
N THR D 65 3.94 23.54 36.08
CA THR D 65 4.90 22.42 36.24
C THR D 65 6.24 22.66 35.52
N ILE D 66 7.25 23.09 36.27
CA ILE D 66 8.53 23.50 35.70
C ILE D 66 9.48 22.32 35.64
N PRO D 67 10.18 22.13 34.52
CA PRO D 67 11.17 21.07 34.46
C PRO D 67 12.33 21.20 35.46
N ASP D 68 12.49 20.14 36.25
CA ASP D 68 13.74 19.62 36.82
C ASP D 68 15.07 19.68 36.03
N ASP D 69 16.11 20.23 36.61
CA ASP D 69 17.39 20.39 35.88
C ASP D 69 17.68 19.20 34.99
N ARG D 70 17.26 18.04 35.45
CA ARG D 70 17.44 16.83 34.69
C ARG D 70 16.60 16.81 33.42
N GLU D 71 15.30 17.07 33.61
CA GLU D 71 14.32 17.12 32.54
C GLU D 71 14.72 18.17 31.51
N ALA D 72 15.20 19.32 31.98
CA ALA D 72 15.61 20.41 31.11
C ALA D 72 16.84 20.06 30.29
N ALA D 73 17.81 19.39 30.90
CA ALA D 73 19.02 18.99 30.19
C ALA D 73 18.72 17.95 29.11
N ASP D 74 17.77 17.05 29.41
CA ASP D 74 17.36 16.00 28.45
C ASP D 74 16.64 16.59 27.26
N LEU D 75 15.85 17.63 27.53
CA LEU D 75 15.08 18.34 26.49
C LEU D 75 15.99 19.07 25.52
N LEU D 76 17.04 19.70 26.05
CA LEU D 76 18.05 20.34 25.20
C LEU D 76 18.85 19.28 24.40
N ALA D 77 19.26 18.21 25.06
CA ALA D 77 19.99 17.14 24.40
C ALA D 77 19.16 16.57 23.24
N LEU D 78 17.87 16.32 23.48
CA LEU D 78 16.94 15.80 22.47
C LEU D 78 16.71 16.76 21.33
N ALA D 79 16.56 18.03 21.66
CA ALA D 79 16.38 19.07 20.65
C ALA D 79 17.56 19.03 19.71
N ARG D 80 18.75 18.95 20.29
CA ARG D 80 19.99 18.94 19.54
C ARG D 80 20.08 17.78 18.58
N ASP D 81 19.76 16.57 19.06
CA ASP D 81 19.79 15.36 18.24
C ASP D 81 18.70 15.37 17.19
N LEU D 82 17.67 16.20 17.38
CA LEU D 82 16.62 16.35 16.37
C LEU D 82 16.98 17.44 15.34
N GLY D 83 18.18 18.01 15.47
CA GLY D 83 18.68 19.00 14.52
C GLY D 83 18.29 20.44 14.79
N ILE D 84 17.77 20.72 15.99
CA ILE D 84 17.42 22.08 16.37
C ILE D 84 18.68 22.73 16.89
N ASN D 85 18.92 23.97 16.46
CA ASN D 85 20.01 24.79 16.99
C ASN D 85 19.58 26.21 17.40
N LEU D 86 18.28 26.45 17.45
CA LEU D 86 17.72 27.75 17.77
C LEU D 86 17.00 27.69 19.12
N ILE D 87 17.36 28.60 20.04
CA ILE D 87 16.72 28.64 21.37
C ILE D 87 16.31 30.07 21.71
N ASP D 88 15.12 30.21 22.31
CA ASP D 88 14.48 31.52 22.53
C ASP D 88 14.22 31.75 24.00
N THR D 89 14.60 32.90 24.52
CA THR D 89 14.43 33.16 25.95
C THR D 89 14.16 34.64 26.15
N ALA D 90 14.05 35.08 27.40
CA ALA D 90 13.75 36.48 27.68
C ALA D 90 13.85 36.76 29.18
N PRO D 91 14.28 37.97 29.54
CA PRO D 91 14.29 38.35 30.94
C PRO D 91 12.92 38.21 31.60
N ALA D 92 11.87 38.45 30.86
CA ALA D 92 10.53 38.36 31.41
C ALA D 92 10.11 36.91 31.72
N TYR D 93 10.80 35.91 31.17
CA TYR D 93 10.40 34.51 31.36
C TYR D 93 10.99 33.98 32.65
N GLY D 94 10.68 34.68 33.75
CA GLY D 94 11.12 34.27 35.07
C GLY D 94 12.61 34.05 35.03
N ARG D 95 13.02 32.84 35.39
CA ARG D 95 14.43 32.51 35.52
C ARG D 95 15.03 31.74 34.36
N SER D 96 14.32 31.74 33.24
CA SER D 96 14.79 31.07 32.05
C SER D 96 16.26 31.39 31.77
N GLU D 97 16.57 32.66 31.59
CA GLU D 97 17.94 33.08 31.28
C GLU D 97 18.94 32.54 32.30
N GLU D 98 18.62 32.75 33.57
CA GLU D 98 19.48 32.34 34.68
C GLU D 98 19.79 30.85 34.65
N ARG D 99 18.77 30.05 34.37
CA ARG D 99 18.94 28.59 34.29
C ARG D 99 19.69 28.13 33.06
N LEU D 100 19.56 28.85 31.96
CA LEU D 100 20.09 28.39 30.69
C LEU D 100 21.62 28.45 30.65
N GLY D 101 22.21 29.44 31.34
CA GLY D 101 23.67 29.60 31.34
C GLY D 101 24.36 28.31 31.71
N PRO D 102 24.09 27.82 32.91
CA PRO D 102 24.62 26.53 33.35
C PRO D 102 24.23 25.35 32.45
N LEU D 103 22.97 25.28 32.05
CA LEU D 103 22.49 24.19 31.21
C LEU D 103 23.23 24.14 29.85
N LEU D 104 23.67 25.29 29.34
CA LEU D 104 24.32 25.32 28.04
C LEU D 104 25.85 25.21 28.11
N ARG D 105 26.40 25.18 29.33
CA ARG D 105 27.84 25.01 29.51
C ARG D 105 28.33 23.81 28.74
N GLY D 106 29.36 24.00 27.93
CA GLY D 106 29.96 22.91 27.16
C GLY D 106 29.33 22.72 25.79
N GLN D 107 28.19 23.34 25.53
CA GLN D 107 27.54 23.28 24.21
C GLN D 107 27.08 24.63 23.65
N ARG D 108 27.45 25.74 24.30
CA ARG D 108 26.99 27.07 23.89
C ARG D 108 27.15 27.31 22.38
N GLU D 109 28.27 26.86 21.84
CA GLU D 109 28.59 27.10 20.45
C GLU D 109 27.61 26.50 19.45
N HIS D 110 26.90 25.46 19.84
CA HIS D 110 25.90 24.85 18.94
C HIS D 110 24.70 25.74 18.73
N TRP D 111 24.41 26.59 19.70
CA TRP D 111 23.12 27.28 19.78
C TRP D 111 23.11 28.71 19.29
N VAL D 112 22.13 29.01 18.45
CA VAL D 112 21.77 30.39 18.13
C VAL D 112 20.77 30.83 19.22
N ILE D 113 21.19 31.73 20.09
CA ILE D 113 20.34 32.19 21.18
C ILE D 113 19.60 33.47 20.76
N VAL D 114 18.30 33.52 21.05
CA VAL D 114 17.51 34.71 20.91
C VAL D 114 17.08 35.10 22.31
N SER D 115 17.27 36.36 22.67
CA SER D 115 16.71 36.89 23.91
C SER D 115 16.08 38.27 23.63
N LYS D 116 15.62 38.93 24.69
CA LYS D 116 14.83 40.13 24.52
C LYS D 116 15.17 41.20 25.56
N VAL D 117 14.73 42.43 25.29
CA VAL D 117 14.87 43.56 26.21
C VAL D 117 13.58 44.36 26.29
N GLY D 118 13.27 44.81 27.50
CA GLY D 118 12.27 45.82 27.69
C GLY D 118 11.15 45.45 28.59
N GLU D 119 10.82 44.18 28.69
CA GLU D 119 9.77 43.70 29.59
C GLU D 119 10.44 43.00 30.75
N GLU D 120 9.95 43.28 31.95
CA GLU D 120 10.70 42.92 33.12
C GLU D 120 9.96 41.96 34.09
N PHE D 121 8.63 41.88 34.07
CA PHE D 121 7.89 40.96 35.03
C PHE D 121 8.25 40.92 36.54
N VAL D 122 7.91 42.01 37.22
CA VAL D 122 8.17 42.20 38.63
C VAL D 122 6.89 41.98 39.45
N ASP D 123 6.99 41.12 40.45
CA ASP D 123 5.93 40.91 41.45
C ASP D 123 4.77 40.16 40.84
N GLY D 124 3.69 40.89 40.57
CA GLY D 124 2.51 40.30 39.95
C GLY D 124 2.40 40.52 38.45
N GLN D 125 3.12 41.53 37.94
CA GLN D 125 2.85 42.05 36.60
C GLN D 125 4.05 42.47 35.74
N SER D 126 3.78 42.71 34.47
CA SER D 126 4.77 43.21 33.51
C SER D 126 5.03 44.71 33.67
N VAL D 127 6.31 45.04 33.68
CA VAL D 127 6.80 46.39 33.78
C VAL D 127 7.59 46.59 32.51
N PHE D 128 7.44 47.72 31.85
CA PHE D 128 8.18 47.98 30.62
C PHE D 128 9.10 49.20 30.73
N ASP D 129 10.31 49.07 30.19
CA ASP D 129 11.31 50.14 30.22
C ASP D 129 12.12 50.01 28.96
N PHE D 130 11.98 50.99 28.07
CA PHE D 130 12.70 50.96 26.79
C PHE D 130 13.84 51.95 26.73
N SER D 131 14.26 52.46 27.88
CA SER D 131 15.35 53.43 27.95
C SER D 131 16.70 52.80 27.57
N ALA D 132 17.63 53.64 27.16
CA ALA D 132 18.95 53.18 26.75
C ALA D 132 19.67 52.57 27.93
N ALA D 133 19.50 53.20 29.09
CA ALA D 133 20.12 52.75 30.34
C ALA D 133 19.72 51.33 30.62
N HIS D 134 18.42 51.08 30.60
CA HIS D 134 17.92 49.75 30.91
C HIS D 134 18.23 48.71 29.82
N THR D 135 18.22 49.14 28.57
CA THR D 135 18.54 48.25 27.48
C THR D 135 19.93 47.68 27.67
N ARG D 136 20.84 48.59 27.98
CA ARG D 136 22.24 48.23 28.20
C ARG D 136 22.42 47.35 29.42
N ARG D 137 21.67 47.64 30.46
CA ARG D 137 21.77 46.92 31.71
C ARG D 137 21.27 45.47 31.52
N SER D 138 20.13 45.32 30.82
CA SER D 138 19.50 44.03 30.59
C SER D 138 20.38 43.10 29.74
N VAL D 139 20.96 43.63 28.65
CA VAL D 139 21.79 42.82 27.78
C VAL D 139 23.04 42.33 28.47
N GLU D 140 23.69 43.20 29.25
CA GLU D 140 24.83 42.80 30.07
C GLU D 140 24.46 41.70 31.06
N ARG D 141 23.34 41.89 31.77
CA ARG D 141 22.79 40.88 32.67
C ARG D 141 22.50 39.60 31.91
N SER D 142 22.03 39.70 30.68
CA SER D 142 21.68 38.52 29.91
C SER D 142 22.94 37.72 29.52
N LEU D 143 23.98 38.45 29.11
CA LEU D 143 25.30 37.85 28.81
C LEU D 143 25.85 37.15 30.03
N LYS D 144 25.68 37.78 31.17
CA LYS D 144 26.18 37.25 32.44
C LYS D 144 25.42 35.97 32.87
N ARG D 145 24.09 36.05 32.85
CA ARG D 145 23.24 34.91 33.18
C ARG D 145 23.49 33.71 32.30
N LEU D 146 23.71 33.97 31.00
CA LEU D 146 23.93 32.94 30.00
C LEU D 146 25.40 32.53 29.89
N GLU D 147 26.27 33.18 30.66
CA GLU D 147 27.70 32.80 30.70
C GLU D 147 28.35 32.85 29.35
N THR D 148 28.12 33.93 28.63
CA THR D 148 28.62 34.03 27.27
C THR D 148 29.05 35.48 26.95
N ASP D 149 29.82 35.62 25.88
CA ASP D 149 30.40 36.91 25.50
C ASP D 149 29.52 37.63 24.48
N ARG D 150 28.57 36.92 23.87
CA ARG D 150 27.44 37.60 23.21
C ARG D 150 26.20 36.75 22.99
N ILE D 151 25.17 37.39 22.45
CA ILE D 151 23.92 36.77 22.09
C ILE D 151 23.62 37.00 20.60
N GLU D 152 23.25 35.94 19.88
CA GLU D 152 23.07 36.04 18.43
C GLU D 152 21.98 37.05 18.02
N LEU D 153 20.88 37.08 18.74
CA LEU D 153 19.78 37.99 18.39
C LEU D 153 19.08 38.52 19.63
N VAL D 154 18.92 39.84 19.71
CA VAL D 154 18.12 40.41 20.79
C VAL D 154 16.97 41.23 20.20
N LEU D 155 15.75 40.93 20.65
CA LEU D 155 14.54 41.51 20.11
C LEU D 155 13.90 42.39 21.15
N VAL D 156 13.32 43.49 20.70
CA VAL D 156 12.59 44.37 21.60
C VAL D 156 11.33 43.66 22.07
N HIS D 157 11.08 43.67 23.38
CA HIS D 157 9.91 43.00 23.94
C HIS D 157 8.75 43.96 24.10
N SER D 158 8.03 44.20 23.02
CA SER D 158 6.99 45.24 22.96
C SER D 158 5.77 44.95 23.83
N ASP D 159 5.15 46.03 24.32
CA ASP D 159 3.91 45.98 25.08
C ASP D 159 2.70 46.06 24.15
N GLY D 160 2.93 46.14 22.85
CA GLY D 160 1.87 46.31 21.88
C GLY D 160 2.02 47.60 21.09
N ASN D 161 2.55 48.60 21.74
CA ASN D 161 2.70 49.89 21.12
C ASN D 161 3.99 49.98 20.29
N ASP D 162 4.10 49.09 19.31
CA ASP D 162 5.38 48.88 18.58
C ASP D 162 5.97 50.16 17.99
N LEU D 163 5.15 50.86 17.20
CA LEU D 163 5.67 51.94 16.38
C LEU D 163 6.13 53.11 17.23
N ASP D 164 5.42 53.38 18.32
CA ASP D 164 5.78 54.44 19.25
C ASP D 164 7.12 54.10 19.93
N ILE D 165 7.27 52.88 20.42
CA ILE D 165 8.53 52.44 21.02
C ILE D 165 9.70 52.60 20.06
N LEU D 166 9.52 52.15 18.82
CA LEU D 166 10.59 52.24 17.81
C LEU D 166 10.98 53.67 17.41
N GLU D 167 9.99 54.57 17.29
CA GLU D 167 10.25 55.95 16.90
C GLU D 167 10.69 56.87 18.04
N ASN D 168 10.19 56.65 19.26
CA ASN D 168 10.27 57.65 20.32
C ASN D 168 10.97 57.18 21.59
N SER D 169 11.57 56.01 21.56
CA SER D 169 12.32 55.55 22.73
C SER D 169 13.75 55.26 22.29
N GLU D 170 14.62 55.00 23.26
CA GLU D 170 16.03 54.86 22.99
C GLU D 170 16.47 53.43 22.64
N VAL D 171 15.58 52.46 22.82
CA VAL D 171 15.94 51.02 22.73
C VAL D 171 16.61 50.58 21.40
N TYR D 172 16.07 51.01 20.28
CA TYR D 172 16.53 50.53 18.97
C TYR D 172 17.94 51.04 18.62
N PRO D 173 18.19 52.34 18.79
CA PRO D 173 19.57 52.79 18.58
C PRO D 173 20.58 52.19 19.57
N THR D 174 20.15 51.94 20.80
CA THR D 174 21.00 51.29 21.77
C THR D 174 21.37 49.89 21.29
N LEU D 175 20.37 49.17 20.76
CA LEU D 175 20.61 47.82 20.24
C LEU D 175 21.59 47.88 19.04
N ALA D 176 21.42 48.89 18.21
CA ALA D 176 22.33 49.08 17.07
C ALA D 176 23.75 49.24 17.59
N ALA D 177 23.91 49.98 18.68
CA ALA D 177 25.21 50.23 19.24
C ALA D 177 25.80 48.93 19.77
N LEU D 178 25.01 48.23 20.58
CA LEU D 178 25.43 46.93 21.11
C LEU D 178 25.83 45.96 19.99
N LYS D 179 25.21 46.12 18.82
CA LYS D 179 25.58 45.28 17.68
C LYS D 179 26.96 45.65 17.14
N ARG D 180 27.18 46.95 16.99
CA ARG D 180 28.47 47.49 16.60
C ARG D 180 29.55 47.04 17.60
N GLU D 181 29.23 47.11 18.90
CA GLU D 181 30.19 46.72 19.93
C GLU D 181 30.45 45.21 20.03
N GLY D 182 29.66 44.39 19.34
CA GLY D 182 29.89 42.93 19.28
C GLY D 182 29.17 42.12 20.36
N LEU D 183 28.52 42.82 21.29
CA LEU D 183 27.76 42.17 22.36
C LEU D 183 26.53 41.42 21.85
N ILE D 184 26.00 41.80 20.70
CA ILE D 184 24.94 41.04 20.07
C ILE D 184 25.21 40.95 18.56
N GLY D 185 24.72 39.88 17.93
CA GLY D 185 25.00 39.61 16.55
C GLY D 185 24.02 40.27 15.63
N ALA D 186 22.78 40.47 16.11
CA ALA D 186 21.70 41.07 15.30
C ALA D 186 20.59 41.54 16.24
N TYR D 187 19.70 42.42 15.76
CA TYR D 187 18.61 42.94 16.61
C TYR D 187 17.29 43.09 15.86
N GLY D 188 16.20 43.27 16.61
CA GLY D 188 14.87 43.33 16.01
C GLY D 188 13.73 43.56 17.00
N LEU D 189 12.52 43.22 16.57
CA LEU D 189 11.27 43.44 17.33
C LEU D 189 10.46 42.16 17.54
N SER D 190 10.03 41.93 18.77
CA SER D 190 8.98 40.95 19.03
C SER D 190 7.75 41.81 19.19
N GLY D 191 7.06 42.01 18.08
CA GLY D 191 5.95 42.95 18.02
C GLY D 191 4.59 42.30 18.04
N LYS D 192 3.58 43.17 17.93
CA LYS D 192 2.18 42.76 17.84
C LYS D 192 1.40 43.45 16.72
N THR D 193 1.99 44.44 16.08
CA THR D 193 1.30 45.21 15.07
C THR D 193 2.03 45.07 13.74
N VAL D 194 1.33 45.28 12.64
CA VAL D 194 1.99 45.15 11.32
C VAL D 194 2.82 46.38 11.02
N GLU D 195 2.33 47.54 11.43
CA GLU D 195 3.04 48.80 11.25
C GLU D 195 4.40 48.73 11.95
N GLY D 196 4.42 48.09 13.11
CA GLY D 196 5.63 47.95 13.89
C GLY D 196 6.60 46.95 13.30
N GLY D 197 6.09 45.83 12.82
CA GLY D 197 6.95 44.84 12.19
C GLY D 197 7.68 45.37 10.96
N LEU D 198 6.97 46.17 10.18
CA LEU D 198 7.53 46.73 8.98
C LEU D 198 8.68 47.69 9.30
N ARG D 199 8.44 48.55 10.29
CA ARG D 199 9.44 49.53 10.68
C ARG D 199 10.67 48.89 11.33
N ALA D 200 10.45 47.85 12.12
CA ALA D 200 11.56 47.12 12.74
C ALA D 200 12.51 46.63 11.67
N LEU D 201 11.96 46.34 10.50
CA LEU D 201 12.72 45.78 9.40
C LEU D 201 13.47 46.82 8.53
N ARG D 202 13.08 48.09 8.63
CA ARG D 202 13.73 49.15 7.89
C ARG D 202 15.19 49.30 8.28
N GLU D 203 15.50 49.28 9.58
CA GLU D 203 16.91 49.25 10.01
C GLU D 203 17.35 48.04 10.81
N GLY D 204 16.41 47.38 11.47
CA GLY D 204 16.72 46.14 12.18
C GLY D 204 16.77 44.94 11.27
N ASP D 205 17.10 43.81 11.86
CA ASP D 205 17.46 42.60 11.13
C ASP D 205 16.36 41.57 11.08
N CYS D 206 15.43 41.61 12.04
CA CYS D 206 14.43 40.56 12.20
C CYS D 206 13.18 41.00 12.93
N ALA D 207 12.05 40.44 12.53
CA ALA D 207 10.78 40.66 13.21
C ALA D 207 10.23 39.31 13.65
N MET D 208 9.91 39.20 14.95
CA MET D 208 9.20 38.03 15.45
C MET D 208 7.73 38.39 15.48
N VAL D 209 6.90 37.58 14.83
CA VAL D 209 5.49 37.89 14.61
C VAL D 209 4.59 36.71 14.93
N THR D 210 3.36 37.02 15.29
CA THR D 210 2.35 36.00 15.52
C THR D 210 1.73 35.62 14.19
N TYR D 211 1.67 34.33 13.91
CA TYR D 211 1.08 33.81 12.69
C TYR D 211 0.64 32.36 12.92
N ASN D 212 -0.65 32.13 12.85
CA ASN D 212 -1.21 30.82 13.07
C ASN D 212 -2.58 30.71 12.41
N LEU D 213 -3.17 29.50 12.44
CA LEU D 213 -4.44 29.22 11.73
C LEU D 213 -5.54 30.23 12.07
N ASN D 214 -5.51 30.79 13.28
CA ASN D 214 -6.53 31.77 13.72
C ASN D 214 -6.15 33.25 13.60
N GLU D 215 -4.86 33.56 13.40
CA GLU D 215 -4.40 34.96 13.35
C GLU D 215 -3.47 35.17 12.18
N ARG D 216 -3.92 35.93 11.16
CA ARG D 216 -3.17 36.11 9.92
C ARG D 216 -2.85 37.57 9.61
N ALA D 217 -3.14 38.46 10.56
CA ALA D 217 -3.02 39.90 10.34
C ALA D 217 -1.59 40.38 10.06
N GLU D 218 -0.59 39.64 10.56
CA GLU D 218 0.81 40.04 10.44
C GLU D 218 1.46 39.50 9.17
N ARG D 219 0.65 38.95 8.28
CA ARG D 219 1.18 38.36 7.08
C ARG D 219 1.97 39.35 6.24
N PRO D 220 1.50 40.60 6.11
CA PRO D 220 2.25 41.59 5.34
C PRO D 220 3.69 41.75 5.80
N VAL D 221 3.93 41.61 7.10
CA VAL D 221 5.27 41.75 7.60
C VAL D 221 6.11 40.64 6.99
N ILE D 222 5.56 39.45 6.90
CA ILE D 222 6.28 38.30 6.41
C ILE D 222 6.59 38.50 4.94
N GLU D 223 5.58 38.93 4.20
CA GLU D 223 5.71 39.08 2.76
C GLU D 223 6.74 40.15 2.42
N TYR D 224 6.74 41.24 3.18
CA TYR D 224 7.76 42.28 3.02
C TYR D 224 9.20 41.78 3.27
N ALA D 225 9.37 41.03 4.35
CA ALA D 225 10.65 40.47 4.70
C ALA D 225 11.16 39.59 3.56
N ALA D 226 10.26 38.78 3.02
CA ALA D 226 10.60 37.88 1.92
C ALA D 226 11.11 38.66 0.74
N ALA D 227 10.53 39.82 0.49
CA ALA D 227 10.95 40.68 -0.64
C ALA D 227 12.31 41.35 -0.45
N HIS D 228 12.81 41.41 0.80
CA HIS D 228 14.01 42.18 1.10
C HIS D 228 15.05 41.44 1.94
N ALA D 229 15.02 40.10 1.88
CA ALA D 229 16.02 39.30 2.57
C ALA D 229 16.13 39.72 4.03
N LYS D 230 15.00 39.68 4.73
CA LYS D 230 14.96 40.02 6.17
C LYS D 230 14.46 38.86 7.04
N GLY D 231 14.88 38.83 8.30
CA GLY D 231 14.54 37.76 9.21
C GLY D 231 13.09 37.78 9.72
N ILE D 232 12.45 36.61 9.70
CA ILE D 232 11.16 36.44 10.34
C ILE D 232 11.17 35.20 11.24
N LEU D 233 10.77 35.39 12.50
CA LEU D 233 10.50 34.29 13.38
C LEU D 233 9.03 34.35 13.74
N VAL D 234 8.35 33.20 13.70
CA VAL D 234 6.95 33.13 14.05
C VAL D 234 6.87 32.60 15.46
N LYS D 235 6.04 33.27 16.26
CA LYS D 235 5.72 32.84 17.63
C LYS D 235 4.25 32.50 17.68
N LYS D 236 3.88 31.59 18.57
CA LYS D 236 2.51 31.12 18.68
C LYS D 236 1.96 30.53 17.38
N ALA D 237 2.65 29.62 16.78
CA ALA D 237 2.23 29.00 15.56
C ALA D 237 1.16 27.99 15.75
N LEU D 238 1.07 27.46 16.94
CA LEU D 238 0.16 26.44 17.27
C LEU D 238 -0.97 27.07 18.00
N ALA D 239 -2.11 27.22 17.36
CA ALA D 239 -3.26 27.73 18.07
C ALA D 239 -4.49 27.58 17.22
N SER D 240 -5.56 27.01 17.78
CA SER D 240 -6.88 26.88 17.08
C SER D 240 -8.18 26.85 17.96
N GLY D 241 -9.42 27.21 17.62
CA GLY D 241 -10.84 26.89 17.76
C GLY D 241 -11.45 26.51 16.41
N GLN D 249 -4.74 14.78 9.01
CA GLN D 249 -5.22 16.07 9.54
C GLN D 249 -4.74 16.33 10.99
N ASP D 250 -3.42 16.24 11.21
CA ASP D 250 -2.83 16.56 12.52
C ASP D 250 -2.84 18.09 12.73
N PRO D 251 -3.18 18.55 13.94
CA PRO D 251 -3.26 20.01 14.15
C PRO D 251 -1.91 20.76 14.08
N VAL D 252 -0.83 20.12 14.53
CA VAL D 252 0.50 20.71 14.45
C VAL D 252 0.95 20.79 13.00
N ARG D 253 0.66 19.74 12.23
CA ARG D 253 1.03 19.75 10.82
C ARG D 253 0.28 20.80 10.04
N ALA D 254 -1.00 20.97 10.34
CA ALA D 254 -1.85 21.97 9.70
C ALA D 254 -1.31 23.37 9.98
N SER D 255 -0.89 23.61 11.23
CA SER D 255 -0.24 24.85 11.59
C SER D 255 1.06 25.07 10.84
N PHE D 256 1.91 24.05 10.82
CA PHE D 256 3.21 24.20 10.14
C PHE D 256 3.06 24.30 8.63
N GLU D 257 2.05 23.67 8.05
CA GLU D 257 1.84 23.80 6.63
C GLU D 257 1.44 25.20 6.27
N LEU D 258 0.69 25.86 7.15
CA LEU D 258 0.35 27.28 6.99
C LEU D 258 1.57 28.15 7.12
N VAL D 259 2.31 27.97 8.20
CA VAL D 259 3.46 28.81 8.50
C VAL D 259 4.57 28.73 7.43
N PHE D 260 4.88 27.52 6.99
CA PHE D 260 5.96 27.35 6.02
C PHE D 260 5.55 27.47 4.59
N ASP D 261 4.25 27.66 4.37
CA ASP D 261 3.74 28.06 3.06
C ASP D 261 4.18 29.49 2.71
N GLN D 262 4.50 30.29 3.74
CA GLN D 262 5.05 31.62 3.56
C GLN D 262 6.56 31.55 3.43
N PRO D 263 7.11 31.88 2.24
CA PRO D 263 8.58 31.77 2.10
C PRO D 263 9.38 32.73 2.98
N GLY D 264 8.76 33.76 3.52
CA GLY D 264 9.51 34.67 4.41
C GLY D 264 9.95 34.12 5.77
N VAL D 265 9.31 33.04 6.22
CA VAL D 265 9.56 32.55 7.58
C VAL D 265 10.83 31.71 7.68
N ALA D 266 11.73 32.11 8.58
CA ALA D 266 12.97 31.40 8.81
C ALA D 266 12.76 30.30 9.82
N ALA D 267 11.99 30.57 10.87
CA ALA D 267 11.75 29.56 11.91
C ALA D 267 10.52 29.88 12.71
N ALA D 268 9.93 28.83 13.29
CA ALA D 268 8.86 28.99 14.24
C ALA D 268 9.37 28.58 15.60
N ILE D 269 9.07 29.38 16.61
CA ILE D 269 9.48 29.10 17.99
C ILE D 269 8.29 28.42 18.62
N VAL D 270 8.49 27.18 19.05
CA VAL D 270 7.46 26.42 19.80
C VAL D 270 7.99 26.07 21.18
N GLY D 271 7.22 26.40 22.20
CA GLY D 271 7.58 26.03 23.57
C GLY D 271 7.03 24.66 23.89
N THR D 272 7.84 23.81 24.49
CA THR D 272 7.33 22.54 24.95
C THR D 272 8.27 21.95 25.99
N ILE D 273 7.72 21.25 26.97
CA ILE D 273 8.55 20.49 27.90
C ILE D 273 8.29 18.98 27.78
N ASN D 274 7.55 18.60 26.75
CA ASN D 274 7.16 17.21 26.53
C ASN D 274 7.99 16.64 25.39
N PRO D 275 8.99 15.80 25.72
CA PRO D 275 9.92 15.32 24.69
C PRO D 275 9.26 14.59 23.55
N LEU D 276 8.12 13.98 23.84
CA LEU D 276 7.36 13.29 22.79
C LEU D 276 6.70 14.31 21.85
N HIS D 277 6.20 15.41 22.41
CA HIS D 277 5.69 16.53 21.58
C HIS D 277 6.81 17.13 20.76
N LEU D 278 7.96 17.33 21.38
CA LEU D 278 9.10 17.92 20.65
C LEU D 278 9.42 17.08 19.42
N ALA D 279 9.58 15.77 19.62
CA ALA D 279 9.92 14.85 18.54
C ALA D 279 8.86 14.87 17.45
N HIS D 280 7.60 14.89 17.85
CA HIS D 280 6.49 14.96 16.90
C HIS D 280 6.50 16.26 16.11
N ASN D 281 6.68 17.39 16.82
CA ASN D 281 6.78 18.69 16.17
C ASN D 281 7.90 18.75 15.14
N VAL D 282 9.06 18.18 15.46
CA VAL D 282 10.16 18.12 14.50
C VAL D 282 9.74 17.32 13.28
N ALA D 283 9.13 16.16 13.50
CA ALA D 283 8.70 15.32 12.40
C ALA D 283 7.81 16.11 11.46
N MET D 284 6.83 16.83 12.02
CA MET D 284 5.84 17.52 11.22
C MET D 284 6.45 18.65 10.43
N ALA D 285 7.41 19.34 11.03
CA ALA D 285 8.12 20.41 10.32
C ALA D 285 8.88 19.85 9.14
N ALA D 286 9.56 18.74 9.35
CA ALA D 286 10.34 18.10 8.30
C ALA D 286 9.47 17.69 7.10
N GLN D 287 8.32 17.13 7.40
CA GLN D 287 7.36 16.71 6.39
C GLN D 287 6.75 17.88 5.64
N ALA D 288 6.38 18.93 6.36
CA ALA D 288 5.77 20.10 5.74
C ALA D 288 6.74 20.76 4.79
N LEU D 289 8.02 20.68 5.10
CA LEU D 289 9.03 21.25 4.22
C LEU D 289 9.52 20.28 3.11
N LYS D 290 8.78 19.18 2.90
CA LYS D 290 9.20 18.03 2.06
C LYS D 290 10.68 17.97 1.71
N TYR E 19 21.18 10.02 30.05
CA TYR E 19 20.64 9.96 28.71
C TYR E 19 19.25 10.51 28.59
N PHE E 20 18.89 10.91 27.39
CA PHE E 20 17.64 11.59 27.16
C PHE E 20 16.50 10.68 26.83
N GLN E 21 16.76 9.39 26.87
CA GLN E 21 15.79 8.35 26.52
C GLN E 21 14.77 8.03 27.64
N SER E 22 14.92 8.65 28.81
CA SER E 22 13.74 8.87 29.66
C SER E 22 12.85 10.05 29.19
N MET E 23 12.06 9.74 28.15
CA MET E 23 11.12 10.63 27.49
C MET E 23 9.70 10.10 27.49
N ILE E 24 9.49 8.82 27.75
CA ILE E 24 8.14 8.37 27.89
C ILE E 24 7.76 8.61 29.36
N ARG E 25 6.64 9.27 29.54
CA ARG E 25 6.15 9.67 30.83
C ARG E 25 4.83 8.99 31.12
N ASP E 26 4.21 8.43 30.08
CA ASP E 26 2.94 7.72 30.19
C ASP E 26 2.96 6.30 29.60
N THR E 27 2.62 5.30 30.42
CA THR E 27 2.49 3.91 29.98
C THR E 27 1.17 3.32 30.44
N LEU E 28 0.89 2.09 30.03
CA LEU E 28 -0.41 1.45 30.31
C LEU E 28 -0.32 0.38 31.39
N HIS E 29 0.83 0.30 32.08
CA HIS E 29 1.12 -0.79 33.02
C HIS E 29 0.10 -0.94 34.13
N ASP E 30 -0.44 0.18 34.60
CA ASP E 30 -1.39 0.14 35.70
C ASP E 30 -2.86 0.20 35.23
N LEU E 31 -3.09 0.10 33.93
CA LEU E 31 -4.40 0.31 33.34
C LEU E 31 -4.99 -0.97 32.73
N HIS E 32 -4.41 -2.12 33.06
CA HIS E 32 -4.90 -3.38 32.50
C HIS E 32 -6.30 -3.64 32.99
N ARG E 33 -7.09 -4.36 32.19
CA ARG E 33 -8.54 -4.54 32.39
C ARG E 33 -8.93 -5.95 31.98
N PRO E 34 -9.99 -6.50 32.58
CA PRO E 34 -10.47 -7.82 32.16
C PRO E 34 -11.20 -7.78 30.83
N LEU E 35 -11.03 -8.81 30.03
CA LEU E 35 -11.74 -8.95 28.77
C LEU E 35 -12.98 -9.79 29.04
N GLY E 36 -14.04 -9.12 29.46
CA GLY E 36 -15.27 -9.78 29.90
C GLY E 36 -15.00 -10.78 31.02
N ASP E 37 -15.60 -11.97 30.90
CA ASP E 37 -15.39 -13.04 31.88
C ASP E 37 -14.44 -14.12 31.40
N THR E 38 -13.54 -13.82 30.47
CA THR E 38 -12.59 -14.81 29.97
C THR E 38 -11.47 -15.14 30.97
N GLY E 39 -11.26 -14.27 31.97
CA GLY E 39 -10.15 -14.40 32.90
C GLY E 39 -8.86 -13.80 32.35
N LEU E 40 -8.88 -13.33 31.10
CA LEU E 40 -7.73 -12.64 30.50
C LEU E 40 -7.71 -11.19 30.92
N ALA E 41 -6.50 -10.66 31.12
CA ALA E 41 -6.30 -9.25 31.50
C ALA E 41 -5.48 -8.59 30.41
N VAL E 42 -5.97 -7.48 29.87
CA VAL E 42 -5.41 -6.86 28.68
C VAL E 42 -5.19 -5.39 28.88
N SER E 43 -4.15 -4.87 28.25
CA SER E 43 -3.95 -3.44 28.16
C SER E 43 -5.06 -2.82 27.32
N PRO E 44 -5.42 -1.57 27.61
CA PRO E 44 -6.51 -0.94 26.85
C PRO E 44 -6.16 -0.58 25.40
N LEU E 45 -4.90 -0.70 24.99
CA LEU E 45 -4.55 -0.72 23.58
C LEU E 45 -3.92 -2.06 23.25
N GLY E 46 -4.16 -2.51 22.01
CA GLY E 46 -3.57 -3.71 21.48
C GLY E 46 -2.87 -3.37 20.19
N LEU E 47 -1.80 -4.06 19.90
CA LEU E 47 -1.04 -3.80 18.71
C LEU E 47 -1.67 -4.57 17.57
N GLY E 48 -2.21 -3.84 16.61
CA GLY E 48 -2.65 -4.42 15.36
C GLY E 48 -1.44 -4.80 14.53
N THR E 49 -1.63 -5.69 13.57
CA THR E 49 -0.51 -6.38 12.97
C THR E 49 -0.67 -6.65 11.49
N VAL E 50 -1.71 -6.07 10.89
CA VAL E 50 -1.96 -6.19 9.45
C VAL E 50 -0.71 -5.86 8.61
N LYS E 51 0.00 -4.81 9.02
CA LYS E 51 1.07 -4.26 8.22
C LYS E 51 2.34 -5.08 8.30
N PHE E 52 2.38 -6.06 9.21
CA PHE E 52 3.52 -6.98 9.26
C PHE E 52 3.50 -7.89 8.04
N GLY E 53 2.34 -7.97 7.36
CA GLY E 53 2.15 -8.85 6.20
C GLY E 53 1.73 -8.25 4.85
N ARG E 54 1.10 -7.09 4.81
CA ARG E 54 0.58 -6.52 3.52
C ARG E 54 0.10 -5.07 3.81
N ASP E 55 -0.68 -4.44 2.92
CA ASP E 55 -1.30 -3.15 3.34
C ASP E 55 -2.85 -3.13 3.21
N THR E 65 4.88 -0.32 2.62
CA THR E 65 6.16 -0.34 3.33
C THR E 65 6.09 -1.27 4.55
N ILE E 66 6.66 -2.46 4.43
CA ILE E 66 6.60 -3.47 5.49
C ILE E 66 7.82 -3.42 6.37
N PRO E 67 7.63 -3.45 7.70
CA PRO E 67 8.78 -3.44 8.58
C PRO E 67 9.74 -4.62 8.42
N ASP E 68 10.99 -4.29 8.17
CA ASP E 68 12.19 -5.04 8.56
C ASP E 68 12.23 -5.81 9.90
N ASP E 69 12.59 -7.08 9.89
CA ASP E 69 12.63 -7.88 11.13
C ASP E 69 13.12 -7.02 12.31
N ARG E 70 14.06 -6.14 12.04
CA ARG E 70 14.62 -5.28 13.05
C ARG E 70 13.59 -4.27 13.56
N GLU E 71 12.96 -3.60 12.62
CA GLU E 71 11.92 -2.62 12.91
C GLU E 71 10.73 -3.24 13.63
N ALA E 72 10.35 -4.46 13.23
CA ALA E 72 9.27 -5.19 13.87
C ALA E 72 9.61 -5.62 15.31
N ALA E 73 10.85 -6.04 15.54
CA ALA E 73 11.28 -6.43 16.90
C ALA E 73 11.24 -5.23 17.83
N ASP E 74 11.66 -4.09 17.30
CA ASP E 74 11.76 -2.85 18.09
C ASP E 74 10.39 -2.33 18.46
N LEU E 75 9.45 -2.52 17.56
CA LEU E 75 8.05 -2.14 17.79
C LEU E 75 7.38 -3.01 18.87
N LEU E 76 7.65 -4.30 18.85
CA LEU E 76 7.19 -5.17 19.91
C LEU E 76 7.86 -4.82 21.25
N ALA E 77 9.16 -4.61 21.24
CA ALA E 77 9.88 -4.25 22.46
C ALA E 77 9.32 -2.96 23.06
N LEU E 78 9.10 -1.96 22.21
CA LEU E 78 8.55 -0.69 22.62
C LEU E 78 7.12 -0.83 23.15
N ALA E 79 6.31 -1.62 22.46
CA ALA E 79 4.94 -1.86 22.88
C ALA E 79 4.94 -2.44 24.31
N ARG E 80 5.84 -3.39 24.51
CA ARG E 80 5.96 -4.05 25.82
C ARG E 80 6.34 -3.07 26.94
N ASP E 81 7.37 -2.25 26.68
CA ASP E 81 7.81 -1.23 27.63
C ASP E 81 6.78 -0.11 27.85
N LEU E 82 5.81 0.02 26.95
CA LEU E 82 4.72 0.96 27.15
C LEU E 82 3.56 0.31 27.92
N GLY E 83 3.70 -0.95 28.31
CA GLY E 83 2.65 -1.63 29.04
C GLY E 83 1.56 -2.30 28.22
N ILE E 84 1.79 -2.47 26.91
CA ILE E 84 0.87 -3.23 26.07
C ILE E 84 1.17 -4.74 26.19
N ASN E 85 0.12 -5.55 26.31
CA ASN E 85 0.29 -7.01 26.29
C ASN E 85 -0.72 -7.73 25.36
N LEU E 86 -1.36 -6.95 24.49
CA LEU E 86 -2.36 -7.45 23.58
C LEU E 86 -1.86 -7.31 22.14
N ILE E 87 -1.94 -8.39 21.38
CA ILE E 87 -1.49 -8.37 19.98
C ILE E 87 -2.52 -9.10 19.09
N ASP E 88 -2.86 -8.48 17.95
CA ASP E 88 -3.93 -8.92 17.08
C ASP E 88 -3.37 -9.33 15.74
N THR E 89 -3.78 -10.47 15.22
CA THR E 89 -3.29 -10.95 13.93
C THR E 89 -4.37 -11.73 13.23
N ALA E 90 -4.06 -12.26 12.06
CA ALA E 90 -5.03 -13.03 11.29
C ALA E 90 -4.35 -13.73 10.12
N PRO E 91 -4.81 -14.94 9.76
CA PRO E 91 -4.37 -15.59 8.54
C PRO E 91 -4.48 -14.72 7.26
N ALA E 92 -5.49 -13.87 7.19
CA ALA E 92 -5.69 -13.00 6.05
C ALA E 92 -4.66 -11.89 5.93
N TYR E 93 -3.97 -11.57 7.02
CA TYR E 93 -2.99 -10.47 7.03
C TYR E 93 -1.65 -10.92 6.45
N GLY E 94 -1.69 -11.45 5.22
CA GLY E 94 -0.50 -11.91 4.56
C GLY E 94 0.27 -12.86 5.46
N ARG E 95 1.55 -12.63 5.72
CA ARG E 95 2.33 -13.44 6.66
C ARG E 95 2.56 -12.91 8.04
N SER E 96 1.67 -12.11 8.50
CA SER E 96 1.73 -11.63 9.85
C SER E 96 1.96 -12.81 10.82
N GLU E 97 1.05 -13.78 10.82
CA GLU E 97 1.17 -14.95 11.70
C GLU E 97 2.54 -15.59 11.56
N GLU E 98 2.89 -15.92 10.33
CA GLU E 98 4.16 -16.59 10.05
C GLU E 98 5.37 -15.87 10.66
N ARG E 99 5.41 -14.54 10.52
CA ARG E 99 6.49 -13.72 11.07
C ARG E 99 6.49 -13.61 12.58
N LEU E 100 5.31 -13.60 13.17
CA LEU E 100 5.18 -13.33 14.61
C LEU E 100 5.76 -14.47 15.47
N GLY E 101 5.64 -15.71 15.00
CA GLY E 101 6.12 -16.86 15.77
C GLY E 101 7.56 -16.67 16.20
N PRO E 102 8.46 -16.51 15.23
CA PRO E 102 9.87 -16.20 15.52
C PRO E 102 10.08 -14.90 16.31
N LEU E 103 9.34 -13.85 15.95
CA LEU E 103 9.48 -12.55 16.61
C LEU E 103 9.08 -12.60 18.08
N LEU E 104 8.18 -13.52 18.45
CA LEU E 104 7.72 -13.66 19.83
C LEU E 104 8.50 -14.70 20.65
N ARG E 105 9.38 -15.45 20.02
CA ARG E 105 10.26 -16.39 20.74
C ARG E 105 10.96 -15.78 21.96
N GLY E 106 10.76 -16.38 23.12
CA GLY E 106 11.38 -15.89 24.35
C GLY E 106 10.52 -14.93 25.14
N GLN E 107 9.44 -14.41 24.53
CA GLN E 107 8.49 -13.54 25.24
C GLN E 107 7.01 -13.91 25.04
N ARG E 108 6.72 -15.06 24.45
CA ARG E 108 5.33 -15.43 24.15
C ARG E 108 4.40 -15.26 25.34
N GLU E 109 4.90 -15.62 26.52
CA GLU E 109 4.11 -15.61 27.72
C GLU E 109 3.59 -14.25 28.11
N HIS E 110 4.30 -13.19 27.73
CA HIS E 110 3.82 -11.85 28.01
C HIS E 110 2.53 -11.51 27.29
N TRP E 111 2.32 -12.11 26.12
CA TRP E 111 1.33 -11.62 25.15
C TRP E 111 0.04 -12.39 25.15
N VAL E 112 -1.07 -11.63 25.22
CA VAL E 112 -2.39 -12.12 24.89
C VAL E 112 -2.54 -11.99 23.37
N ILE E 113 -2.55 -13.14 22.68
CA ILE E 113 -2.68 -13.16 21.22
C ILE E 113 -4.14 -13.32 20.76
N VAL E 114 -4.55 -12.46 19.84
CA VAL E 114 -5.82 -12.61 19.16
C VAL E 114 -5.51 -12.97 17.71
N SER E 115 -6.16 -14.00 17.18
CA SER E 115 -6.11 -14.32 15.76
C SER E 115 -7.50 -14.68 15.29
N LYS E 116 -7.63 -15.12 14.04
CA LYS E 116 -8.93 -15.22 13.39
C LYS E 116 -9.01 -16.42 12.47
N VAL E 117 -10.24 -16.80 12.11
CA VAL E 117 -10.48 -17.87 11.17
C VAL E 117 -11.55 -17.50 10.21
N GLY E 118 -11.36 -17.88 8.95
CA GLY E 118 -12.43 -17.86 7.98
C GLY E 118 -12.16 -17.05 6.74
N GLU E 119 -11.27 -16.06 6.83
CA GLU E 119 -10.86 -15.30 5.65
C GLU E 119 -9.45 -15.65 5.28
N GLU E 120 -9.21 -15.85 4.00
CA GLU E 120 -7.99 -16.53 3.58
C GLU E 120 -7.06 -15.75 2.63
N PHE E 121 -7.53 -14.80 1.82
CA PHE E 121 -6.60 -13.98 0.97
C PHE E 121 -5.62 -14.76 0.05
N VAL E 122 -6.13 -15.24 -1.09
CA VAL E 122 -5.50 -16.28 -1.91
C VAL E 122 -5.40 -15.82 -3.39
N ASP E 123 -4.51 -14.87 -3.64
CA ASP E 123 -4.16 -14.26 -4.96
C ASP E 123 -4.37 -12.75 -4.80
N GLY E 124 -5.17 -12.15 -5.67
CA GLY E 124 -5.60 -10.80 -5.43
C GLY E 124 -6.57 -10.65 -4.26
N GLN E 125 -7.46 -11.64 -4.05
CA GLN E 125 -8.73 -11.39 -3.32
C GLN E 125 -9.00 -12.28 -2.10
N SER E 126 -9.94 -11.80 -1.29
CA SER E 126 -10.50 -12.52 -0.15
C SER E 126 -11.24 -13.77 -0.56
N VAL E 127 -11.01 -14.88 0.13
CA VAL E 127 -11.76 -16.12 -0.02
C VAL E 127 -12.26 -16.43 1.38
N PHE E 128 -13.51 -16.85 1.50
CA PHE E 128 -14.05 -17.19 2.79
C PHE E 128 -14.45 -18.65 2.87
N ASP E 129 -14.22 -19.26 4.03
CA ASP E 129 -14.55 -20.66 4.28
C ASP E 129 -14.82 -20.79 5.77
N PHE E 130 -16.07 -21.05 6.12
CA PHE E 130 -16.46 -21.19 7.52
C PHE E 130 -16.80 -22.60 7.91
N SER E 131 -16.33 -23.56 7.12
CA SER E 131 -16.52 -24.98 7.44
C SER E 131 -15.71 -25.42 8.67
N ALA E 132 -16.15 -26.52 9.29
CA ALA E 132 -15.49 -27.07 10.47
C ALA E 132 -14.08 -27.50 10.10
N ALA E 133 -13.97 -28.16 8.95
CA ALA E 133 -12.71 -28.67 8.44
C ALA E 133 -11.69 -27.55 8.38
N HIS E 134 -12.06 -26.47 7.74
CA HIS E 134 -11.14 -25.36 7.55
C HIS E 134 -10.84 -24.62 8.84
N THR E 135 -11.84 -24.47 9.69
CA THR E 135 -11.67 -23.84 10.99
C THR E 135 -10.56 -24.54 11.74
N ARG E 136 -10.65 -25.85 11.79
CA ARG E 136 -9.71 -26.70 12.50
C ARG E 136 -8.33 -26.63 11.87
N ARG E 137 -8.28 -26.61 10.55
CA ARG E 137 -7.03 -26.57 9.79
C ARG E 137 -6.30 -25.23 10.05
N SER E 138 -7.05 -24.13 9.99
CA SER E 138 -6.52 -22.79 10.22
C SER E 138 -5.92 -22.59 11.63
N VAL E 139 -6.65 -23.01 12.64
CA VAL E 139 -6.19 -22.83 14.02
C VAL E 139 -4.94 -23.67 14.30
N GLU E 140 -4.90 -24.90 13.81
CA GLU E 140 -3.68 -25.68 13.89
C GLU E 140 -2.50 -24.98 13.19
N ARG E 141 -2.72 -24.53 11.95
CA ARG E 141 -1.71 -23.77 11.24
C ARG E 141 -1.30 -22.49 12.02
N SER E 142 -2.25 -21.87 12.68
CA SER E 142 -1.96 -20.66 13.43
C SER E 142 -1.09 -20.95 14.66
N LEU E 143 -1.41 -22.02 15.38
CA LEU E 143 -0.56 -22.48 16.50
C LEU E 143 0.85 -22.81 16.03
N LYS E 144 0.95 -23.43 14.87
CA LYS E 144 2.22 -23.83 14.29
C LYS E 144 3.03 -22.58 13.90
N ARG E 145 2.43 -21.70 13.12
CA ARG E 145 3.07 -20.46 12.68
C ARG E 145 3.56 -19.61 13.83
N LEU E 146 2.79 -19.56 14.91
CA LEU E 146 3.09 -18.77 16.11
C LEU E 146 3.95 -19.52 17.13
N GLU E 147 4.27 -20.78 16.85
CA GLU E 147 5.18 -21.59 17.69
C GLU E 147 4.69 -21.69 19.10
N THR E 148 3.42 -22.04 19.27
CA THR E 148 2.82 -22.07 20.58
C THR E 148 1.79 -23.18 20.67
N ASP E 149 1.38 -23.49 21.90
CA ASP E 149 0.47 -24.60 22.19
C ASP E 149 -1.00 -24.12 22.32
N ARG E 150 -1.19 -22.82 22.44
CA ARG E 150 -2.50 -22.26 22.15
C ARG E 150 -2.51 -20.77 21.85
N ILE E 151 -3.72 -20.28 21.56
CA ILE E 151 -4.00 -18.88 21.28
C ILE E 151 -5.10 -18.39 22.23
N GLU E 152 -4.88 -17.24 22.86
CA GLU E 152 -5.81 -16.74 23.88
C GLU E 152 -7.22 -16.49 23.34
N LEU E 153 -7.33 -15.93 22.13
CA LEU E 153 -8.64 -15.60 21.56
C LEU E 153 -8.61 -15.78 20.07
N VAL E 154 -9.60 -16.48 19.55
CA VAL E 154 -9.76 -16.62 18.09
C VAL E 154 -11.14 -16.14 17.69
N LEU E 155 -11.19 -15.20 16.74
CA LEU E 155 -12.42 -14.56 16.32
C LEU E 155 -12.76 -14.97 14.89
N VAL E 156 -14.05 -15.12 14.63
CA VAL E 156 -14.54 -15.42 13.30
C VAL E 156 -14.28 -14.22 12.40
N HIS E 157 -13.69 -14.45 11.23
CA HIS E 157 -13.38 -13.34 10.34
C HIS E 157 -14.47 -13.11 9.29
N SER E 158 -15.55 -12.45 9.70
CA SER E 158 -16.76 -12.35 8.88
C SER E 158 -16.58 -11.54 7.60
N ASP E 159 -17.35 -11.93 6.58
CA ASP E 159 -17.45 -11.20 5.30
C ASP E 159 -18.50 -10.10 5.33
N GLY E 160 -19.20 -9.98 6.45
CA GLY E 160 -20.27 -9.01 6.58
C GLY E 160 -21.55 -9.72 6.98
N ASN E 161 -21.71 -10.95 6.51
CA ASN E 161 -22.94 -11.69 6.71
C ASN E 161 -22.89 -12.40 8.03
N ASP E 162 -22.77 -11.63 9.12
CA ASP E 162 -22.48 -12.20 10.42
C ASP E 162 -23.46 -13.29 10.84
N LEU E 163 -24.75 -12.93 10.87
CA LEU E 163 -25.76 -13.73 11.50
C LEU E 163 -25.94 -15.05 10.79
N ASP E 164 -25.86 -15.02 9.47
CA ASP E 164 -25.98 -16.22 8.65
C ASP E 164 -24.83 -17.19 8.95
N ILE E 165 -23.59 -16.67 8.96
CA ILE E 165 -22.42 -17.47 9.34
C ILE E 165 -22.56 -18.10 10.75
N LEU E 166 -22.97 -17.32 11.72
CA LEU E 166 -23.15 -17.84 13.07
C LEU E 166 -24.25 -18.93 13.20
N GLU E 167 -25.37 -18.76 12.50
CA GLU E 167 -26.49 -19.69 12.57
C GLU E 167 -26.31 -20.92 11.68
N ASN E 168 -25.75 -20.72 10.50
CA ASN E 168 -25.85 -21.74 9.43
C ASN E 168 -24.53 -22.32 8.93
N SER E 169 -23.42 -22.04 9.64
CA SER E 169 -22.15 -22.64 9.25
C SER E 169 -21.58 -23.29 10.46
N GLU E 170 -20.50 -24.06 10.28
CA GLU E 170 -19.97 -24.92 11.33
C GLU E 170 -18.96 -24.22 12.26
N VAL E 171 -18.48 -23.03 11.88
CA VAL E 171 -17.35 -22.38 12.54
C VAL E 171 -17.48 -22.21 14.07
N TYR E 172 -18.63 -21.77 14.53
CA TYR E 172 -18.78 -21.38 15.93
C TYR E 172 -18.77 -22.61 16.85
N PRO E 173 -19.51 -23.66 16.51
CA PRO E 173 -19.39 -24.86 17.33
C PRO E 173 -18.00 -25.49 17.28
N THR E 174 -17.32 -25.39 16.14
CA THR E 174 -15.95 -25.86 16.03
C THR E 174 -15.05 -25.07 16.97
N LEU E 175 -15.23 -23.75 17.02
CA LEU E 175 -14.44 -22.94 17.93
C LEU E 175 -14.74 -23.32 19.38
N ALA E 176 -16.00 -23.61 19.66
CA ALA E 176 -16.39 -24.08 21.01
C ALA E 176 -15.66 -25.37 21.40
N ALA E 177 -15.51 -26.25 20.42
CA ALA E 177 -14.79 -27.51 20.62
C ALA E 177 -13.31 -27.25 20.88
N LEU E 178 -12.69 -26.48 20.01
CA LEU E 178 -11.28 -26.10 20.18
C LEU E 178 -11.00 -25.45 21.56
N LYS E 179 -11.99 -24.73 22.09
CA LYS E 179 -11.86 -24.13 23.42
C LYS E 179 -11.88 -25.20 24.51
N ARG E 180 -12.79 -26.15 24.38
CA ARG E 180 -12.84 -27.30 25.28
C ARG E 180 -11.52 -28.09 25.24
N GLU E 181 -11.01 -28.32 24.05
CA GLU E 181 -9.76 -29.07 23.90
C GLU E 181 -8.51 -28.33 24.41
N GLY E 182 -8.61 -27.03 24.70
CA GLY E 182 -7.47 -26.24 25.21
C GLY E 182 -6.62 -25.54 24.15
N LEU E 183 -6.90 -25.78 22.86
CA LEU E 183 -6.19 -25.14 21.79
C LEU E 183 -6.44 -23.62 21.73
N ILE E 184 -7.56 -23.15 22.24
CA ILE E 184 -7.80 -21.73 22.34
C ILE E 184 -8.41 -21.39 23.70
N GLY E 185 -8.17 -20.18 24.18
CA GLY E 185 -8.62 -19.78 25.48
C GLY E 185 -10.01 -19.17 25.51
N ALA E 186 -10.42 -18.61 24.39
CA ALA E 186 -11.74 -17.98 24.22
C ALA E 186 -12.05 -17.78 22.74
N TYR E 187 -13.32 -17.59 22.38
CA TYR E 187 -13.69 -17.37 20.97
C TYR E 187 -14.74 -16.28 20.79
N GLY E 188 -14.92 -15.84 19.54
CA GLY E 188 -15.85 -14.76 19.24
C GLY E 188 -15.97 -14.39 17.78
N LEU E 189 -16.47 -13.18 17.52
CA LEU E 189 -16.73 -12.70 16.17
C LEU E 189 -16.02 -11.38 15.91
N SER E 190 -15.38 -11.23 14.74
CA SER E 190 -14.96 -9.92 14.23
C SER E 190 -15.99 -9.60 13.19
N GLY E 191 -17.05 -8.93 13.63
CA GLY E 191 -18.22 -8.71 12.81
C GLY E 191 -18.33 -7.31 12.24
N LYS E 192 -19.42 -7.10 11.51
CA LYS E 192 -19.75 -5.83 10.92
C LYS E 192 -21.17 -5.39 11.21
N THR E 193 -22.00 -6.27 11.72
CA THR E 193 -23.41 -5.96 11.91
C THR E 193 -23.73 -5.99 13.40
N VAL E 194 -24.79 -5.30 13.82
CA VAL E 194 -25.13 -5.30 15.25
C VAL E 194 -25.83 -6.58 15.62
N GLU E 195 -26.67 -7.07 14.72
CA GLU E 195 -27.38 -8.33 14.94
C GLU E 195 -26.37 -9.48 15.16
N GLY E 196 -25.27 -9.43 14.42
CA GLY E 196 -24.23 -10.42 14.53
C GLY E 196 -23.40 -10.32 15.80
N GLY E 197 -23.07 -9.10 16.19
CA GLY E 197 -22.33 -8.88 17.43
C GLY E 197 -23.09 -9.38 18.63
N LEU E 198 -24.40 -9.17 18.65
CA LEU E 198 -25.24 -9.58 19.77
C LEU E 198 -25.26 -11.09 19.89
N ARG E 199 -25.44 -11.76 18.76
CA ARG E 199 -25.52 -13.21 18.74
C ARG E 199 -24.20 -13.88 19.08
N ALA E 200 -23.10 -13.30 18.61
CA ALA E 200 -21.77 -13.79 18.93
C ALA E 200 -21.61 -13.88 20.45
N LEU E 201 -22.27 -12.97 21.15
CA LEU E 201 -22.13 -12.84 22.58
C LEU E 201 -23.03 -13.78 23.38
N ARG E 202 -24.06 -14.33 22.75
CA ARG E 202 -24.97 -15.24 23.43
C ARG E 202 -24.24 -16.48 23.91
N GLU E 203 -23.40 -17.07 23.06
CA GLU E 203 -22.56 -18.20 23.50
C GLU E 203 -21.06 -17.99 23.47
N GLY E 204 -20.61 -17.10 22.60
CA GLY E 204 -19.21 -16.75 22.55
C GLY E 204 -18.83 -15.78 23.63
N ASP E 205 -17.54 -15.45 23.64
CA ASP E 205 -16.90 -14.73 24.71
C ASP E 205 -16.62 -13.28 24.40
N CYS E 206 -16.50 -12.93 23.11
CA CYS E 206 -16.06 -11.59 22.73
C CYS E 206 -16.55 -11.16 21.37
N ALA E 207 -16.81 -9.87 21.21
CA ALA E 207 -17.15 -9.31 19.90
C ALA E 207 -16.16 -8.18 19.60
N MET E 208 -15.54 -8.24 18.43
CA MET E 208 -14.69 -7.16 17.96
C MET E 208 -15.57 -6.35 17.06
N VAL E 209 -15.63 -5.04 17.29
CA VAL E 209 -16.57 -4.16 16.59
C VAL E 209 -15.91 -2.90 16.09
N THR E 210 -16.48 -2.30 15.07
CA THR E 210 -16.04 -1.00 14.59
C THR E 210 -16.75 0.09 15.38
N TYR E 211 -15.97 1.01 15.94
CA TYR E 211 -16.51 2.14 16.70
C TYR E 211 -15.52 3.31 16.66
N ASN E 212 -15.94 4.40 16.03
CA ASN E 212 -15.10 5.57 15.92
C ASN E 212 -15.93 6.83 15.73
N LEU E 213 -15.29 7.98 15.68
CA LEU E 213 -16.01 9.26 15.61
C LEU E 213 -17.02 9.32 14.45
N ASN E 214 -16.78 8.59 13.37
CA ASN E 214 -17.66 8.55 12.19
C ASN E 214 -18.61 7.36 12.10
N GLU E 215 -18.43 6.33 12.92
CA GLU E 215 -19.28 5.14 12.84
C GLU E 215 -19.69 4.70 14.24
N ARG E 216 -20.97 4.82 14.57
CA ARG E 216 -21.46 4.52 15.91
C ARG E 216 -22.54 3.44 15.92
N ALA E 217 -22.78 2.81 14.78
CA ALA E 217 -23.92 1.92 14.63
C ALA E 217 -23.82 0.67 15.50
N GLU E 218 -22.59 0.30 15.89
CA GLU E 218 -22.37 -0.92 16.66
C GLU E 218 -22.36 -0.70 18.15
N ARG E 219 -22.82 0.47 18.58
CA ARG E 219 -22.83 0.81 19.98
C ARG E 219 -23.69 -0.13 20.83
N PRO E 220 -24.87 -0.54 20.32
CA PRO E 220 -25.68 -1.49 21.06
C PRO E 220 -24.94 -2.74 21.45
N VAL E 221 -24.05 -3.22 20.61
CA VAL E 221 -23.32 -4.42 20.94
C VAL E 221 -22.45 -4.13 22.14
N ILE E 222 -21.86 -2.95 22.23
CA ILE E 222 -20.99 -2.61 23.35
C ILE E 222 -21.82 -2.54 24.61
N GLU E 223 -22.95 -1.83 24.52
CA GLU E 223 -23.82 -1.62 25.69
C GLU E 223 -24.36 -2.93 26.24
N TYR E 224 -24.74 -3.83 25.36
CA TYR E 224 -25.13 -5.17 25.77
C TYR E 224 -24.01 -5.91 26.51
N ALA E 225 -22.82 -5.90 25.94
CA ALA E 225 -21.71 -6.61 26.53
C ALA E 225 -21.49 -6.09 27.96
N ALA E 226 -21.55 -4.78 28.11
CA ALA E 226 -21.35 -4.12 29.41
C ALA E 226 -22.37 -4.62 30.43
N ALA E 227 -23.58 -4.90 29.96
CA ALA E 227 -24.64 -5.41 30.83
C ALA E 227 -24.44 -6.88 31.25
N HIS E 228 -23.58 -7.62 30.57
CA HIS E 228 -23.49 -9.06 30.80
C HIS E 228 -22.03 -9.56 30.90
N ALA E 229 -21.12 -8.68 31.28
CA ALA E 229 -19.74 -9.09 31.53
C ALA E 229 -19.20 -9.89 30.31
N LYS E 230 -19.26 -9.27 29.14
CA LYS E 230 -18.76 -9.89 27.92
C LYS E 230 -17.66 -9.05 27.28
N GLY E 231 -16.79 -9.68 26.51
CA GLY E 231 -15.64 -9.02 25.88
C GLY E 231 -15.95 -8.14 24.67
N ILE E 232 -15.40 -6.93 24.64
CA ILE E 232 -15.49 -6.07 23.46
C ILE E 232 -14.10 -5.54 23.14
N LEU E 233 -13.71 -5.71 21.87
CA LEU E 233 -12.52 -5.10 21.31
C LEU E 233 -13.01 -4.19 20.22
N VAL E 234 -12.44 -2.99 20.15
CA VAL E 234 -12.80 -2.05 19.10
C VAL E 234 -11.71 -2.08 18.09
N LYS E 235 -12.09 -2.16 16.82
CA LYS E 235 -11.18 -2.05 15.66
C LYS E 235 -11.52 -0.80 14.87
N LYS E 236 -10.53 -0.23 14.22
CA LYS E 236 -10.71 1.04 13.49
C LYS E 236 -11.23 2.17 14.38
N ALA E 237 -10.58 2.35 15.54
CA ALA E 237 -10.91 3.44 16.45
C ALA E 237 -10.55 4.81 15.89
N LEU E 238 -9.49 4.84 15.08
CA LEU E 238 -9.05 6.08 14.46
C LEU E 238 -9.55 6.15 13.03
N ALA E 239 -10.31 7.18 12.72
CA ALA E 239 -10.50 7.57 11.32
C ALA E 239 -11.35 8.78 11.59
N SER E 240 -11.06 9.87 10.88
CA SER E 240 -11.87 11.10 10.95
C SER E 240 -12.12 11.69 9.53
N GLY E 241 -12.81 12.84 9.47
CA GLY E 241 -13.12 13.53 8.21
C GLY E 241 -14.36 14.40 8.27
N GLN E 249 -7.10 19.39 21.38
CA GLN E 249 -7.95 18.76 20.36
C GLN E 249 -7.15 17.82 19.41
N ASP E 250 -6.42 16.87 20.01
CA ASP E 250 -5.70 15.85 19.22
C ASP E 250 -6.72 14.83 18.64
N PRO E 251 -6.56 14.43 17.36
CA PRO E 251 -7.54 13.49 16.79
C PRO E 251 -7.55 12.09 17.42
N VAL E 252 -6.38 11.59 17.80
CA VAL E 252 -6.28 10.28 18.46
C VAL E 252 -6.89 10.33 19.86
N ARG E 253 -6.69 11.43 20.57
CA ARG E 253 -7.29 11.59 21.89
C ARG E 253 -8.81 11.70 21.81
N ALA E 254 -9.32 12.42 20.81
CA ALA E 254 -10.76 12.55 20.62
C ALA E 254 -11.36 11.18 20.35
N SER E 255 -10.68 10.37 19.54
CA SER E 255 -11.11 9.03 19.25
C SER E 255 -11.13 8.16 20.49
N PHE E 256 -10.06 8.22 21.26
CA PHE E 256 -9.98 7.40 22.47
C PHE E 256 -10.92 7.88 23.54
N GLU E 257 -11.20 9.17 23.58
CA GLU E 257 -12.14 9.68 24.58
C GLU E 257 -13.53 9.15 24.29
N LEU E 258 -13.87 9.04 23.01
CA LEU E 258 -15.15 8.45 22.59
C LEU E 258 -15.23 7.00 22.96
N VAL E 259 -14.22 6.25 22.55
CA VAL E 259 -14.15 4.80 22.73
C VAL E 259 -14.20 4.39 24.22
N PHE E 260 -13.42 5.05 25.06
CA PHE E 260 -13.33 4.64 26.46
C PHE E 260 -14.38 5.30 27.35
N ASP E 261 -15.18 6.18 26.75
CA ASP E 261 -16.39 6.67 27.37
C ASP E 261 -17.43 5.57 27.51
N GLN E 262 -17.32 4.54 26.68
CA GLN E 262 -18.18 3.34 26.80
C GLN E 262 -17.55 2.34 27.75
N PRO E 263 -18.16 2.10 28.92
CA PRO E 263 -17.53 1.18 29.87
C PRO E 263 -17.41 -0.26 29.37
N GLY E 264 -18.16 -0.64 28.33
CA GLY E 264 -18.05 -1.99 27.78
C GLY E 264 -16.74 -2.37 27.07
N VAL E 265 -15.94 -1.38 26.69
CA VAL E 265 -14.76 -1.65 25.91
C VAL E 265 -13.59 -2.06 26.78
N ALA E 266 -12.99 -3.21 26.46
CA ALA E 266 -11.82 -3.73 27.13
C ALA E 266 -10.57 -3.15 26.51
N ALA E 267 -10.51 -3.15 25.17
CA ALA E 267 -9.34 -2.65 24.46
C ALA E 267 -9.66 -2.21 23.05
N ALA E 268 -8.87 -1.28 22.53
CA ALA E 268 -8.95 -0.88 21.12
C ALA E 268 -7.70 -1.40 20.47
N ILE E 269 -7.85 -1.99 19.29
CA ILE E 269 -6.72 -2.48 18.52
C ILE E 269 -6.35 -1.41 17.54
N VAL E 270 -5.12 -0.90 17.61
CA VAL E 270 -4.62 0.09 16.65
C VAL E 270 -3.40 -0.47 15.93
N GLY E 271 -3.43 -0.42 14.60
CA GLY E 271 -2.31 -0.85 13.80
C GLY E 271 -1.39 0.33 13.62
N THR E 272 -0.09 0.13 13.81
CA THR E 272 0.89 1.16 13.51
C THR E 272 2.24 0.52 13.34
N ILE E 273 3.06 1.07 12.44
CA ILE E 273 4.47 0.67 12.36
C ILE E 273 5.39 1.85 12.67
N ASN E 274 4.82 2.94 13.16
CA ASN E 274 5.55 4.15 13.50
C ASN E 274 5.71 4.26 15.02
N PRO E 275 6.91 3.95 15.55
CA PRO E 275 7.11 3.92 16.99
C PRO E 275 6.72 5.22 17.71
N LEU E 276 6.86 6.34 17.00
CA LEU E 276 6.48 7.62 17.58
C LEU E 276 4.97 7.72 17.69
N HIS E 277 4.26 7.22 16.69
CA HIS E 277 2.79 7.10 16.79
C HIS E 277 2.35 6.16 17.89
N LEU E 278 3.05 5.03 18.05
CA LEU E 278 2.72 4.07 19.07
C LEU E 278 2.83 4.70 20.43
N ALA E 279 3.95 5.36 20.68
CA ALA E 279 4.18 6.05 21.97
C ALA E 279 3.10 7.12 22.23
N HIS E 280 2.77 7.89 21.21
CA HIS E 280 1.77 8.91 21.32
C HIS E 280 0.43 8.30 21.65
N ASN E 281 0.06 7.25 20.92
CA ASN E 281 -1.22 6.57 21.13
C ASN E 281 -1.34 6.05 22.55
N VAL E 282 -0.25 5.48 23.08
CA VAL E 282 -0.25 5.01 24.46
C VAL E 282 -0.50 6.19 25.42
N ALA E 283 0.21 7.29 25.20
CA ALA E 283 0.07 8.46 26.03
C ALA E 283 -1.37 8.91 26.07
N MET E 284 -2.02 8.98 24.90
CA MET E 284 -3.41 9.48 24.81
C MET E 284 -4.39 8.55 25.50
N ALA E 285 -4.16 7.24 25.37
CA ALA E 285 -5.02 6.28 26.02
C ALA E 285 -4.93 6.44 27.54
N ALA E 286 -3.73 6.60 28.03
CA ALA E 286 -3.48 6.75 29.47
C ALA E 286 -4.23 7.95 30.02
N GLN E 287 -4.10 9.07 29.31
CA GLN E 287 -4.74 10.31 29.68
C GLN E 287 -6.27 10.25 29.62
N ALA E 288 -6.82 9.64 28.58
CA ALA E 288 -8.26 9.48 28.42
C ALA E 288 -8.84 8.67 29.57
N LEU E 289 -8.07 7.73 30.07
CA LEU E 289 -8.51 6.89 31.17
C LEU E 289 -8.14 7.47 32.55
N LYS E 290 -7.82 8.77 32.60
CA LYS E 290 -7.26 9.46 33.79
C LYS E 290 -6.77 8.54 34.92
N PHE F 20 0.51 -27.00 -3.78
CA PHE F 20 1.50 -26.74 -2.69
C PHE F 20 2.78 -27.56 -2.89
N GLN F 21 2.63 -28.90 -2.90
CA GLN F 21 3.75 -29.86 -2.98
C GLN F 21 3.66 -30.78 -4.22
N SER F 22 3.33 -30.21 -5.38
CA SER F 22 3.26 -31.01 -6.61
C SER F 22 4.48 -30.83 -7.50
N MET F 23 5.53 -31.57 -7.15
CA MET F 23 6.70 -31.75 -8.00
C MET F 23 6.69 -33.18 -8.57
N ILE F 24 5.49 -33.61 -8.99
CA ILE F 24 5.29 -34.91 -9.65
C ILE F 24 4.44 -34.71 -10.90
N ARG F 25 4.78 -33.69 -11.71
CA ARG F 25 4.22 -33.51 -13.05
C ARG F 25 4.07 -34.84 -13.79
N ASP F 26 5.16 -35.60 -13.82
CA ASP F 26 5.24 -36.77 -14.67
C ASP F 26 4.89 -38.04 -13.91
N THR F 27 3.86 -38.75 -14.37
CA THR F 27 3.47 -40.05 -13.79
C THR F 27 3.29 -41.09 -14.89
N LEU F 28 3.06 -42.33 -14.48
CA LEU F 28 3.01 -43.45 -15.42
C LEU F 28 1.58 -43.94 -15.64
N HIS F 29 0.59 -43.15 -15.22
CA HIS F 29 -0.81 -43.58 -15.26
C HIS F 29 -1.30 -43.94 -16.67
N ASP F 30 -0.84 -43.19 -17.66
CA ASP F 30 -1.28 -43.39 -19.03
C ASP F 30 -0.29 -44.22 -19.86
N LEU F 31 0.66 -44.88 -19.20
CA LEU F 31 1.71 -45.61 -19.91
C LEU F 31 1.67 -47.10 -19.62
N HIS F 32 0.58 -47.59 -19.03
CA HIS F 32 0.48 -49.02 -18.71
C HIS F 32 0.55 -49.88 -19.98
N ARG F 33 1.04 -51.11 -19.83
CA ARG F 33 1.34 -51.97 -20.98
C ARG F 33 1.01 -53.41 -20.62
N PRO F 34 0.66 -54.23 -21.63
CA PRO F 34 0.42 -55.63 -21.35
C PRO F 34 1.72 -56.38 -21.12
N LEU F 35 1.68 -57.33 -20.20
CA LEU F 35 2.81 -58.20 -19.94
C LEU F 35 2.58 -59.43 -20.79
N GLY F 36 3.10 -59.37 -22.01
CA GLY F 36 2.88 -60.43 -22.99
C GLY F 36 1.39 -60.73 -23.19
N ASP F 37 1.05 -62.02 -23.19
CA ASP F 37 -0.32 -62.48 -23.36
C ASP F 37 -0.93 -62.95 -22.02
N THR F 38 -0.39 -62.50 -20.90
CA THR F 38 -0.94 -62.91 -19.60
C THR F 38 -2.29 -62.27 -19.28
N GLY F 39 -2.63 -61.17 -19.97
CA GLY F 39 -3.83 -60.42 -19.68
C GLY F 39 -3.60 -59.39 -18.59
N LEU F 40 -2.43 -59.42 -17.95
CA LEU F 40 -2.05 -58.42 -16.93
C LEU F 40 -1.60 -57.15 -17.60
N ALA F 41 -1.92 -56.00 -16.98
CA ALA F 41 -1.49 -54.68 -17.47
C ALA F 41 -0.62 -54.08 -16.39
N VAL F 42 0.59 -53.65 -16.78
CA VAL F 42 1.60 -53.17 -15.83
C VAL F 42 2.16 -51.81 -16.18
N SER F 43 2.53 -51.03 -15.16
CA SER F 43 3.31 -49.83 -15.36
C SER F 43 4.70 -50.20 -15.89
N PRO F 44 5.34 -49.33 -16.66
CA PRO F 44 6.66 -49.65 -17.19
C PRO F 44 7.77 -49.63 -16.14
N LEU F 45 7.49 -49.16 -14.94
CA LEU F 45 8.38 -49.41 -13.82
C LEU F 45 7.67 -50.20 -12.78
N GLY F 46 8.44 -51.05 -12.10
CA GLY F 46 7.98 -51.85 -10.99
C GLY F 46 8.86 -51.56 -9.78
N LEU F 47 8.27 -51.68 -8.61
CA LEU F 47 8.98 -51.42 -7.40
C LEU F 47 9.64 -52.71 -6.95
N GLY F 48 10.97 -52.69 -6.99
CA GLY F 48 11.76 -53.77 -6.43
C GLY F 48 11.70 -53.66 -4.94
N THR F 49 12.02 -54.73 -4.24
CA THR F 49 11.63 -54.82 -2.84
C THR F 49 12.64 -55.57 -1.96
N VAL F 50 13.83 -55.82 -2.51
CA VAL F 50 14.91 -56.49 -1.81
C VAL F 50 15.23 -55.81 -0.49
N LYS F 51 15.18 -54.48 -0.50
CA LYS F 51 15.65 -53.68 0.62
C LYS F 51 14.65 -53.63 1.77
N PHE F 52 13.42 -54.05 1.52
CA PHE F 52 12.43 -54.14 2.57
C PHE F 52 12.74 -55.28 3.49
N GLY F 53 13.37 -56.31 2.94
CA GLY F 53 13.58 -57.56 3.66
C GLY F 53 14.93 -57.76 4.32
N ARG F 54 15.80 -56.76 4.28
CA ARG F 54 17.04 -56.84 5.05
C ARG F 54 16.61 -56.92 6.53
N ASP F 55 17.54 -57.25 7.42
CA ASP F 55 17.21 -57.27 8.84
C ASP F 55 18.47 -57.24 9.67
N GLN F 56 18.74 -56.10 10.30
CA GLN F 56 19.92 -55.96 11.15
C GLN F 56 19.52 -55.45 12.53
N GLY F 57 18.28 -55.70 12.95
CA GLY F 57 17.83 -55.27 14.26
C GLY F 57 18.12 -53.81 14.49
N VAL F 58 18.71 -53.49 15.63
CA VAL F 58 19.02 -52.10 15.99
C VAL F 58 20.40 -51.60 15.49
N LYS F 59 21.09 -52.44 14.73
CA LYS F 59 22.41 -52.09 14.19
C LYS F 59 22.41 -50.69 13.60
N TYR F 60 23.58 -50.07 13.60
CA TYR F 60 23.72 -48.71 13.05
C TYR F 60 25.12 -48.51 12.46
N PRO F 61 25.17 -47.96 11.25
CA PRO F 61 23.95 -47.58 10.53
C PRO F 61 23.20 -48.79 10.00
N SER F 62 22.08 -48.56 9.33
CA SER F 62 21.28 -49.65 8.77
C SER F 62 19.83 -49.55 9.23
N THR F 65 20.47 -50.50 5.68
CA THR F 65 19.46 -49.57 6.21
C THR F 65 18.08 -49.94 5.70
N ILE F 66 17.31 -50.63 6.55
CA ILE F 66 15.98 -51.11 6.20
C ILE F 66 14.92 -50.07 6.56
N PRO F 67 14.00 -49.79 5.64
CA PRO F 67 12.89 -48.92 5.99
C PRO F 67 11.99 -49.40 7.15
N ASP F 68 11.88 -48.55 8.16
CA ASP F 68 10.72 -48.37 9.02
C ASP F 68 9.29 -48.54 8.45
N ASP F 69 8.45 -49.34 9.10
CA ASP F 69 7.08 -49.55 8.62
C ASP F 69 6.48 -48.29 8.05
N ARG F 70 6.77 -47.17 8.68
CA ARG F 70 6.32 -45.88 8.23
C ARG F 70 6.91 -45.50 6.86
N GLU F 71 8.23 -45.58 6.76
CA GLU F 71 8.97 -45.28 5.54
C GLU F 71 8.53 -46.18 4.38
N ALA F 72 8.29 -47.46 4.68
CA ALA F 72 7.82 -48.42 3.66
C ALA F 72 6.40 -48.09 3.20
N ALA F 73 5.52 -47.72 4.11
CA ALA F 73 4.15 -47.39 3.74
C ALA F 73 4.11 -46.18 2.79
N ASP F 74 4.98 -45.19 3.08
CA ASP F 74 5.03 -43.93 2.36
C ASP F 74 5.60 -44.13 0.96
N LEU F 75 6.49 -45.10 0.84
CA LEU F 75 7.10 -45.47 -0.43
C LEU F 75 6.06 -46.14 -1.32
N LEU F 76 5.27 -47.04 -0.74
CA LEU F 76 4.20 -47.67 -1.50
C LEU F 76 3.17 -46.61 -1.91
N ALA F 77 2.77 -45.75 -0.97
CA ALA F 77 1.81 -44.70 -1.26
C ALA F 77 2.29 -43.83 -2.43
N LEU F 78 3.56 -43.45 -2.37
CA LEU F 78 4.18 -42.60 -3.38
C LEU F 78 4.25 -43.31 -4.71
N ALA F 79 4.61 -44.58 -4.69
CA ALA F 79 4.68 -45.40 -5.91
C ALA F 79 3.33 -45.36 -6.62
N ARG F 80 2.30 -45.59 -5.82
CA ARG F 80 0.94 -45.61 -6.30
C ARG F 80 0.51 -44.30 -6.96
N ASP F 81 0.80 -43.18 -6.29
CA ASP F 81 0.48 -41.86 -6.84
C ASP F 81 1.30 -41.51 -8.08
N LEU F 82 2.43 -42.18 -8.27
CA LEU F 82 3.27 -41.97 -9.44
C LEU F 82 2.79 -42.88 -10.57
N GLY F 83 1.74 -43.66 -10.33
CA GLY F 83 1.19 -44.55 -11.37
C GLY F 83 1.77 -45.96 -11.48
N ILE F 84 2.57 -46.37 -10.47
CA ILE F 84 3.15 -47.70 -10.47
C ILE F 84 2.13 -48.65 -9.91
N ASN F 85 1.95 -49.80 -10.55
CA ASN F 85 1.09 -50.85 -9.97
C ASN F 85 1.75 -52.23 -9.94
N LEU F 86 3.07 -52.28 -10.14
CA LEU F 86 3.80 -53.53 -10.21
C LEU F 86 4.74 -53.59 -9.04
N ILE F 87 4.76 -54.73 -8.35
CA ILE F 87 5.65 -54.88 -7.17
C ILE F 87 6.31 -56.26 -7.21
N ASP F 88 7.59 -56.31 -6.85
CA ASP F 88 8.41 -57.52 -7.04
C ASP F 88 9.00 -57.96 -5.70
N THR F 89 8.88 -59.24 -5.37
CA THR F 89 9.37 -59.72 -4.10
C THR F 89 9.83 -61.16 -4.26
N ALA F 90 10.26 -61.78 -3.16
CA ALA F 90 10.78 -63.14 -3.21
C ALA F 90 11.03 -63.67 -1.82
N PRO F 91 10.79 -64.97 -1.61
CA PRO F 91 11.09 -65.58 -0.34
C PRO F 91 12.53 -65.34 0.09
N ALA F 92 13.47 -65.31 -0.87
CA ALA F 92 14.89 -65.13 -0.56
C ALA F 92 15.23 -63.71 -0.07
N TYR F 93 14.34 -62.74 -0.30
CA TYR F 93 14.61 -61.35 0.12
C TYR F 93 14.26 -61.16 1.58
N GLY F 94 14.88 -61.97 2.45
CA GLY F 94 14.66 -61.87 3.89
C GLY F 94 13.18 -61.89 4.21
N ARG F 95 12.71 -60.82 4.83
CA ARG F 95 11.30 -60.74 5.27
C ARG F 95 10.38 -59.92 4.39
N SER F 96 10.85 -59.59 3.19
CA SER F 96 10.04 -58.81 2.28
C SER F 96 8.57 -59.31 2.22
N GLU F 97 8.41 -60.56 1.81
CA GLU F 97 7.08 -61.14 1.70
C GLU F 97 6.27 -60.92 2.98
N GLU F 98 6.88 -61.33 4.09
CA GLU F 98 6.23 -61.28 5.40
C GLU F 98 5.72 -59.87 5.71
N ARG F 99 6.56 -58.86 5.45
CA ARG F 99 6.19 -57.47 5.69
C ARG F 99 5.14 -56.92 4.74
N LEU F 100 5.16 -57.41 3.51
CA LEU F 100 4.29 -56.81 2.46
C LEU F 100 2.80 -57.09 2.68
N GLY F 101 2.49 -58.25 3.25
CA GLY F 101 1.10 -58.62 3.47
C GLY F 101 0.36 -57.54 4.23
N PRO F 102 0.84 -57.23 5.46
CA PRO F 102 0.26 -56.16 6.23
C PRO F 102 0.30 -54.85 5.50
N LEU F 103 1.44 -54.51 4.93
CA LEU F 103 1.59 -53.21 4.28
C LEU F 103 0.62 -52.99 3.11
N LEU F 104 0.23 -54.08 2.45
CA LEU F 104 -0.71 -54.00 1.30
C LEU F 104 -2.20 -54.14 1.68
N ARG F 105 -2.47 -54.45 2.96
CA ARG F 105 -3.85 -54.48 3.45
C ARG F 105 -4.66 -53.26 3.05
N GLY F 106 -5.81 -53.48 2.42
CA GLY F 106 -6.67 -52.38 2.00
C GLY F 106 -6.39 -51.89 0.61
N GLN F 107 -5.25 -52.25 0.02
CA GLN F 107 -4.89 -51.85 -1.35
C GLN F 107 -4.38 -52.98 -2.27
N ARG F 108 -4.46 -54.22 -1.80
CA ARG F 108 -3.94 -55.37 -2.56
C ARG F 108 -4.38 -55.36 -4.03
N GLU F 109 -5.64 -55.03 -4.25
CA GLU F 109 -6.23 -55.05 -5.58
C GLU F 109 -5.52 -54.15 -6.56
N HIS F 110 -4.95 -53.05 -6.10
CA HIS F 110 -4.23 -52.18 -7.01
C HIS F 110 -3.02 -52.87 -7.64
N TRP F 111 -2.43 -53.83 -6.90
CA TRP F 111 -1.08 -54.28 -7.22
C TRP F 111 -0.99 -55.59 -7.99
N VAL F 112 -0.16 -55.56 -9.03
CA VAL F 112 0.29 -56.76 -9.70
C VAL F 112 1.54 -57.22 -8.94
N ILE F 113 1.41 -58.31 -8.19
CA ILE F 113 2.51 -58.83 -7.41
C ILE F 113 3.30 -59.89 -8.19
N VAL F 114 4.63 -59.78 -8.16
CA VAL F 114 5.53 -60.80 -8.69
C VAL F 114 6.31 -61.37 -7.53
N SER F 115 6.32 -62.69 -7.40
CA SER F 115 7.17 -63.36 -6.40
C SER F 115 7.85 -64.56 -7.03
N LYS F 116 8.60 -65.30 -6.22
CA LYS F 116 9.51 -66.30 -6.79
C LYS F 116 9.50 -67.59 -5.98
N VAL F 117 10.03 -68.65 -6.58
CA VAL F 117 10.21 -69.91 -5.87
C VAL F 117 11.55 -70.48 -6.20
N GLY F 118 12.17 -71.08 -5.19
CA GLY F 118 13.31 -71.98 -5.41
C GLY F 118 14.56 -71.61 -4.65
N GLU F 119 14.74 -70.33 -4.35
CA GLU F 119 15.88 -69.87 -3.56
C GLU F 119 15.34 -69.51 -2.20
N GLU F 120 16.07 -69.93 -1.17
CA GLU F 120 15.56 -69.91 0.20
C GLU F 120 16.50 -69.15 1.14
N GLY F 124 23.44 -67.94 6.61
CA GLY F 124 24.44 -67.16 5.89
C GLY F 124 24.21 -67.10 4.38
N GLN F 125 23.80 -68.24 3.80
CA GLN F 125 23.90 -68.46 2.34
C GLN F 125 22.68 -69.02 1.62
N SER F 126 22.93 -69.14 0.31
CA SER F 126 22.03 -69.69 -0.65
C SER F 126 21.66 -71.12 -0.34
N VAL F 127 20.35 -71.40 -0.42
CA VAL F 127 19.91 -72.77 -0.57
C VAL F 127 18.91 -72.80 -1.70
N PHE F 128 19.03 -73.80 -2.59
CA PHE F 128 18.11 -73.94 -3.70
C PHE F 128 17.39 -75.27 -3.64
N ASP F 129 16.10 -75.25 -3.95
CA ASP F 129 15.27 -76.46 -3.96
C ASP F 129 14.19 -76.30 -5.00
N PHE F 130 14.28 -77.07 -6.09
CA PHE F 130 13.33 -76.93 -7.19
C PHE F 130 12.37 -78.09 -7.26
N SER F 131 12.22 -78.81 -6.15
CA SER F 131 11.27 -79.92 -6.11
C SER F 131 9.83 -79.45 -6.11
N ALA F 132 8.92 -80.33 -6.52
CA ALA F 132 7.47 -80.04 -6.59
C ALA F 132 6.89 -79.80 -5.19
N ALA F 133 7.32 -80.59 -4.22
CA ALA F 133 6.93 -80.40 -2.82
C ALA F 133 7.24 -78.99 -2.36
N HIS F 134 8.50 -78.57 -2.54
CA HIS F 134 8.93 -77.26 -2.06
C HIS F 134 8.27 -76.13 -2.83
N THR F 135 8.09 -76.32 -4.13
CA THR F 135 7.44 -75.31 -4.94
C THR F 135 6.09 -75.01 -4.32
N ARG F 136 5.37 -76.07 -4.06
CA ARG F 136 4.01 -75.98 -3.56
C ARG F 136 3.98 -75.36 -2.16
N ARG F 137 4.97 -75.73 -1.37
CA ARG F 137 5.05 -75.25 0.00
C ARG F 137 5.34 -73.75 0.02
N SER F 138 6.26 -73.32 -0.85
CA SER F 138 6.67 -71.91 -0.95
C SER F 138 5.54 -71.00 -1.40
N VAL F 139 4.84 -71.40 -2.45
CA VAL F 139 3.74 -70.58 -2.97
C VAL F 139 2.58 -70.42 -1.95
N GLU F 140 2.23 -71.51 -1.28
CA GLU F 140 1.26 -71.44 -0.21
C GLU F 140 1.71 -70.47 0.89
N ARG F 141 2.97 -70.63 1.34
CA ARG F 141 3.55 -69.72 2.32
C ARG F 141 3.54 -68.25 1.80
N SER F 142 3.74 -68.07 0.50
CA SER F 142 3.76 -66.74 -0.05
C SER F 142 2.35 -66.13 -0.03
N LEU F 143 1.35 -66.89 -0.44
CA LEU F 143 -0.03 -66.46 -0.35
C LEU F 143 -0.39 -66.06 1.09
N LYS F 144 0.08 -66.88 2.03
CA LYS F 144 -0.22 -66.66 3.44
C LYS F 144 0.44 -65.38 3.97
N ARG F 145 1.74 -65.24 3.73
CA ARG F 145 2.52 -64.05 4.10
C ARG F 145 1.94 -62.73 3.53
N LEU F 146 1.50 -62.82 2.28
CA LEU F 146 0.94 -61.67 1.56
C LEU F 146 -0.58 -61.51 1.81
N GLU F 147 -1.18 -62.42 2.57
CA GLU F 147 -2.58 -62.27 2.96
C GLU F 147 -3.47 -62.15 1.73
N THR F 148 -3.29 -63.06 0.80
CA THR F 148 -4.05 -63.02 -0.43
C THR F 148 -4.35 -64.41 -0.93
N ASP F 149 -5.30 -64.49 -1.85
CA ASP F 149 -5.80 -65.77 -2.39
C ASP F 149 -5.08 -66.14 -3.71
N ARG F 150 -4.34 -65.20 -4.30
CA ARG F 150 -3.31 -65.58 -5.27
C ARG F 150 -2.24 -64.50 -5.53
N ILE F 151 -1.29 -64.87 -6.38
CA ILE F 151 -0.22 -63.99 -6.82
C ILE F 151 -0.22 -63.93 -8.34
N GLU F 152 -0.14 -62.71 -8.88
CA GLU F 152 -0.26 -62.52 -10.32
C GLU F 152 0.80 -63.25 -11.12
N LEU F 153 2.04 -63.25 -10.64
CA LEU F 153 3.15 -63.89 -11.38
C LEU F 153 4.15 -64.51 -10.43
N VAL F 154 4.54 -65.76 -10.66
CA VAL F 154 5.58 -66.40 -9.86
C VAL F 154 6.69 -66.91 -10.78
N LEU F 155 7.92 -66.48 -10.49
CA LEU F 155 9.04 -66.78 -11.36
C LEU F 155 9.94 -67.74 -10.65
N VAL F 156 10.56 -68.63 -11.41
CA VAL F 156 11.56 -69.57 -10.85
C VAL F 156 12.81 -68.79 -10.46
N HIS F 157 13.29 -68.97 -9.25
CA HIS F 157 14.48 -68.22 -8.81
C HIS F 157 15.78 -68.96 -9.08
N SER F 158 16.27 -68.89 -10.32
CA SER F 158 17.39 -69.73 -10.75
C SER F 158 18.69 -69.43 -10.00
N ASP F 159 19.53 -70.47 -9.90
CA ASP F 159 20.90 -70.35 -9.40
C ASP F 159 21.89 -70.09 -10.51
N GLY F 160 21.43 -69.97 -11.74
CA GLY F 160 22.33 -69.79 -12.90
C GLY F 160 22.18 -70.90 -13.92
N ASN F 161 21.85 -72.09 -13.43
CA ASN F 161 21.74 -73.27 -14.27
C ASN F 161 20.32 -73.39 -14.80
N ASP F 162 19.89 -72.39 -15.56
CA ASP F 162 18.48 -72.25 -15.97
C ASP F 162 17.95 -73.48 -16.69
N LEU F 163 18.64 -73.89 -17.74
CA LEU F 163 18.12 -74.90 -18.65
C LEU F 163 17.98 -76.24 -17.97
N ASP F 164 18.93 -76.57 -17.11
CA ASP F 164 18.89 -77.82 -16.37
C ASP F 164 17.71 -77.85 -15.42
N ILE F 165 17.51 -76.77 -14.68
CA ILE F 165 16.34 -76.65 -13.78
C ILE F 165 15.02 -76.80 -14.55
N LEU F 166 14.89 -76.12 -15.67
CA LEU F 166 13.65 -76.21 -16.48
C LEU F 166 13.38 -77.61 -17.07
N GLU F 167 14.43 -78.28 -17.53
CA GLU F 167 14.26 -79.60 -18.16
C GLU F 167 14.16 -80.75 -17.18
N ASN F 168 14.92 -80.68 -16.08
CA ASN F 168 15.18 -81.83 -15.22
C ASN F 168 14.72 -81.72 -13.77
N SER F 169 13.96 -80.68 -13.44
CA SER F 169 13.39 -80.57 -12.11
C SER F 169 11.91 -80.42 -12.26
N GLU F 170 11.20 -80.47 -11.13
CA GLU F 170 9.74 -80.53 -11.11
C GLU F 170 9.11 -79.14 -11.11
N VAL F 171 9.90 -78.10 -10.84
CA VAL F 171 9.35 -76.74 -10.56
C VAL F 171 8.37 -76.21 -11.61
N TYR F 172 8.70 -76.34 -12.89
CA TYR F 172 7.94 -75.68 -13.94
C TYR F 172 6.59 -76.33 -14.14
N PRO F 173 6.52 -77.66 -14.17
CA PRO F 173 5.19 -78.26 -14.25
C PRO F 173 4.33 -77.98 -13.01
N THR F 174 4.94 -77.96 -11.84
CA THR F 174 4.23 -77.63 -10.61
C THR F 174 3.64 -76.22 -10.73
N LEU F 175 4.42 -75.28 -11.25
CA LEU F 175 3.91 -73.92 -11.45
C LEU F 175 2.71 -73.93 -12.42
N ALA F 176 2.82 -74.73 -13.48
CA ALA F 176 1.75 -74.87 -14.47
C ALA F 176 0.46 -75.35 -13.79
N ALA F 177 0.63 -76.29 -12.86
CA ALA F 177 -0.50 -76.85 -12.08
C ALA F 177 -1.10 -75.76 -11.18
N LEU F 178 -0.24 -75.08 -10.42
CA LEU F 178 -0.68 -73.95 -9.56
C LEU F 178 -1.42 -72.88 -10.37
N LYS F 179 -1.08 -72.71 -11.65
CA LYS F 179 -1.76 -71.73 -12.51
C LYS F 179 -3.17 -72.23 -12.87
N ARG F 180 -3.26 -73.51 -13.23
CA ARG F 180 -4.53 -74.14 -13.47
C ARG F 180 -5.42 -74.05 -12.21
N GLU F 181 -4.85 -74.31 -11.05
CA GLU F 181 -5.63 -74.29 -9.82
C GLU F 181 -6.07 -72.90 -9.40
N GLY F 182 -5.52 -71.84 -10.02
CA GLY F 182 -5.90 -70.45 -9.70
C GLY F 182 -5.05 -69.74 -8.63
N LEU F 183 -4.16 -70.50 -7.98
CA LEU F 183 -3.27 -69.93 -6.97
C LEU F 183 -2.27 -68.92 -7.56
N ILE F 184 -1.97 -69.00 -8.86
CA ILE F 184 -1.14 -67.99 -9.49
C ILE F 184 -1.72 -67.66 -10.84
N GLY F 185 -1.49 -66.43 -11.30
CA GLY F 185 -2.09 -65.94 -12.54
C GLY F 185 -1.24 -66.23 -13.75
N ALA F 186 0.08 -66.34 -13.54
CA ALA F 186 1.05 -66.60 -14.61
C ALA F 186 2.40 -67.06 -14.01
N TYR F 187 3.23 -67.71 -14.83
CA TYR F 187 4.52 -68.20 -14.33
C TYR F 187 5.68 -68.00 -15.33
N GLY F 188 6.90 -68.14 -14.82
CA GLY F 188 8.09 -67.87 -15.63
C GLY F 188 9.40 -68.07 -14.92
N LEU F 189 10.46 -67.50 -15.48
CA LEU F 189 11.84 -67.70 -14.99
C LEU F 189 12.48 -66.36 -14.69
N SER F 190 13.17 -66.27 -13.55
CA SER F 190 14.14 -65.19 -13.29
C SER F 190 15.47 -65.84 -13.54
N GLY F 191 15.95 -65.71 -14.76
CA GLY F 191 17.12 -66.47 -15.19
C GLY F 191 18.36 -65.63 -15.28
N LYS F 192 19.42 -66.28 -15.74
CA LYS F 192 20.70 -65.65 -16.00
C LYS F 192 21.31 -66.02 -17.36
N THR F 193 20.72 -66.98 -18.07
CA THR F 193 21.26 -67.46 -19.34
C THR F 193 20.26 -67.21 -20.45
N VAL F 194 20.73 -67.09 -21.69
CA VAL F 194 19.84 -66.83 -22.81
C VAL F 194 19.11 -68.11 -23.19
N GLU F 195 19.82 -69.22 -23.14
CA GLU F 195 19.23 -70.51 -23.44
C GLU F 195 18.03 -70.76 -22.50
N GLY F 196 18.20 -70.38 -21.24
CA GLY F 196 17.16 -70.56 -20.25
C GLY F 196 15.97 -69.63 -20.40
N GLY F 197 16.24 -68.38 -20.78
CA GLY F 197 15.18 -67.44 -21.03
C GLY F 197 14.31 -67.86 -22.19
N LEU F 198 14.92 -68.37 -23.25
CA LEU F 198 14.17 -68.81 -24.42
C LEU F 198 13.23 -69.97 -24.06
N ARG F 199 13.75 -70.94 -23.33
CA ARG F 199 12.99 -72.13 -22.99
C ARG F 199 11.87 -71.81 -22.02
N ALA F 200 12.11 -70.90 -21.09
CA ALA F 200 11.11 -70.47 -20.15
C ALA F 200 9.90 -69.95 -20.88
N LEU F 201 10.14 -69.38 -22.05
CA LEU F 201 9.09 -68.76 -22.87
C LEU F 201 8.33 -69.75 -23.80
N ARG F 202 8.87 -70.95 -24.00
CA ARG F 202 8.21 -71.95 -24.82
C ARG F 202 6.90 -72.36 -24.20
N GLU F 203 6.88 -72.63 -22.89
CA GLU F 203 5.58 -72.91 -22.22
C GLU F 203 5.15 -71.95 -21.13
N GLY F 204 6.13 -71.25 -20.52
CA GLY F 204 5.84 -70.23 -19.56
C GLY F 204 5.43 -68.92 -20.20
N ASP F 205 5.11 -67.97 -19.33
CA ASP F 205 4.47 -66.70 -19.71
C ASP F 205 5.41 -65.52 -19.74
N CYS F 206 6.49 -65.58 -18.98
CA CYS F 206 7.36 -64.43 -18.80
C CYS F 206 8.79 -64.81 -18.42
N ALA F 207 9.75 -64.03 -18.91
CA ALA F 207 11.15 -64.16 -18.53
C ALA F 207 11.63 -62.84 -17.94
N MET F 208 12.18 -62.88 -16.74
CA MET F 208 12.81 -61.72 -16.13
C MET F 208 14.28 -61.85 -16.43
N VAL F 209 14.86 -60.82 -17.02
CA VAL F 209 16.22 -60.87 -17.55
C VAL F 209 17.02 -59.65 -17.09
N THR F 210 18.35 -59.80 -17.09
CA THR F 210 19.26 -58.70 -16.84
C THR F 210 19.55 -58.00 -18.15
N TYR F 211 19.36 -56.69 -18.17
CA TYR F 211 19.64 -55.88 -19.35
C TYR F 211 19.94 -54.43 -18.92
N ASN F 212 21.18 -54.00 -19.17
CA ASN F 212 21.61 -52.68 -18.78
C ASN F 212 22.77 -52.24 -19.64
N LEU F 213 23.22 -51.00 -19.45
CA LEU F 213 24.28 -50.42 -20.31
C LEU F 213 25.55 -51.28 -20.41
N ASN F 214 25.82 -52.05 -19.36
CA ASN F 214 26.99 -52.92 -19.30
C ASN F 214 26.76 -54.38 -19.66
N GLU F 215 25.51 -54.84 -19.66
CA GLU F 215 25.24 -56.26 -19.94
C GLU F 215 24.10 -56.38 -20.95
N ARG F 216 24.41 -56.90 -22.14
CA ARG F 216 23.46 -56.97 -23.24
C ARG F 216 23.29 -58.38 -23.76
N ALA F 217 23.86 -59.37 -23.10
CA ALA F 217 23.89 -60.74 -23.62
C ALA F 217 22.50 -61.37 -23.71
N GLU F 218 21.55 -60.91 -22.90
CA GLU F 218 20.22 -61.50 -22.85
C GLU F 218 19.23 -60.86 -23.81
N ARG F 219 19.75 -60.03 -24.71
CA ARG F 219 18.94 -59.32 -25.67
C ARG F 219 18.10 -60.25 -26.56
N PRO F 220 18.67 -61.41 -26.96
CA PRO F 220 17.91 -62.33 -27.79
C PRO F 220 16.62 -62.78 -27.12
N VAL F 221 16.65 -62.93 -25.81
CA VAL F 221 15.47 -63.38 -25.11
C VAL F 221 14.37 -62.34 -25.26
N ILE F 222 14.76 -61.06 -25.24
CA ILE F 222 13.82 -59.97 -25.36
C ILE F 222 13.24 -59.98 -26.77
N GLU F 223 14.12 -60.07 -27.76
CA GLU F 223 13.71 -60.01 -29.17
C GLU F 223 12.77 -61.13 -29.53
N TYR F 224 13.04 -62.31 -28.98
CA TYR F 224 12.17 -63.46 -29.17
C TYR F 224 10.79 -63.23 -28.59
N ALA F 225 10.75 -62.74 -27.35
CA ALA F 225 9.48 -62.44 -26.67
C ALA F 225 8.65 -61.44 -27.49
N ALA F 226 9.31 -60.42 -28.00
CA ALA F 226 8.63 -59.43 -28.84
C ALA F 226 7.97 -60.07 -30.08
N ALA F 227 8.63 -61.07 -30.65
CA ALA F 227 8.11 -61.77 -31.80
C ALA F 227 6.89 -62.65 -31.50
N HIS F 228 6.68 -63.00 -30.24
CA HIS F 228 5.67 -63.98 -29.91
C HIS F 228 4.71 -63.59 -28.77
N ALA F 229 4.56 -62.28 -28.57
CA ALA F 229 3.67 -61.75 -27.53
C ALA F 229 3.96 -62.41 -26.17
N LYS F 230 5.20 -62.34 -25.72
CA LYS F 230 5.57 -62.91 -24.42
C LYS F 230 6.07 -61.86 -23.41
N GLY F 231 5.95 -62.16 -22.14
CA GLY F 231 6.35 -61.23 -21.08
C GLY F 231 7.86 -61.10 -20.84
N ILE F 232 8.33 -59.85 -20.74
CA ILE F 232 9.69 -59.59 -20.35
C ILE F 232 9.71 -58.56 -19.22
N LEU F 233 10.41 -58.87 -18.15
CA LEU F 233 10.70 -57.91 -17.13
C LEU F 233 12.21 -57.78 -17.07
N VAL F 234 12.70 -56.56 -16.98
CA VAL F 234 14.11 -56.34 -16.86
C VAL F 234 14.45 -56.08 -15.39
N LYS F 235 15.47 -56.77 -14.89
CA LYS F 235 16.03 -56.54 -13.56
C LYS F 235 17.46 -55.99 -13.71
N LYS F 236 17.90 -55.22 -12.72
CA LYS F 236 19.20 -54.56 -12.75
C LYS F 236 19.39 -53.69 -13.97
N ALA F 237 18.38 -52.86 -14.27
CA ALA F 237 18.44 -51.90 -15.39
C ALA F 237 19.48 -50.81 -15.15
N LEU F 238 19.67 -50.42 -13.90
CA LEU F 238 20.67 -49.42 -13.54
C LEU F 238 21.91 -50.14 -13.04
N ALA F 239 22.98 -50.13 -13.81
CA ALA F 239 24.16 -50.90 -13.45
C ALA F 239 25.20 -50.42 -14.42
N SER F 240 26.35 -50.01 -13.88
CA SER F 240 27.02 -48.85 -14.45
C SER F 240 28.50 -48.63 -14.07
N GLY F 241 29.29 -48.23 -15.08
CA GLY F 241 30.72 -47.94 -14.96
C GLY F 241 31.38 -47.91 -16.33
N GLN F 249 22.40 -35.78 -20.09
CA GLN F 249 23.11 -37.05 -19.93
C GLN F 249 22.93 -37.64 -18.50
N ASP F 250 21.68 -37.81 -18.06
CA ASP F 250 21.40 -38.44 -16.77
C ASP F 250 21.64 -39.97 -16.88
N PRO F 251 22.24 -40.59 -15.85
CA PRO F 251 22.53 -42.03 -15.97
C PRO F 251 21.30 -42.93 -15.94
N VAL F 252 20.28 -42.54 -15.17
CA VAL F 252 19.02 -43.29 -15.12
C VAL F 252 18.26 -43.17 -16.45
N ARG F 253 18.28 -42.00 -17.04
CA ARG F 253 17.66 -41.81 -18.35
C ARG F 253 18.39 -42.61 -19.42
N ALA F 254 19.71 -42.62 -19.39
CA ALA F 254 20.48 -43.37 -20.37
C ALA F 254 20.14 -44.84 -20.25
N SER F 255 19.99 -45.34 -19.03
CA SER F 255 19.59 -46.71 -18.81
C SER F 255 18.22 -47.00 -19.35
N PHE F 256 17.28 -46.15 -19.02
CA PHE F 256 15.91 -46.36 -19.47
C PHE F 256 15.76 -46.17 -20.97
N GLU F 257 16.57 -45.31 -21.59
CA GLU F 257 16.48 -45.14 -23.04
C GLU F 257 16.92 -46.40 -23.75
N LEU F 258 17.92 -47.07 -23.19
CA LEU F 258 18.39 -48.38 -23.68
C LEU F 258 17.28 -49.41 -23.52
N VAL F 259 16.81 -49.57 -22.30
CA VAL F 259 15.82 -50.60 -21.97
C VAL F 259 14.51 -50.49 -22.76
N PHE F 260 13.99 -49.29 -22.92
CA PHE F 260 12.71 -49.10 -23.62
C PHE F 260 12.84 -48.91 -25.14
N ASP F 261 14.08 -48.86 -25.62
CA ASP F 261 14.36 -48.94 -27.04
C ASP F 261 14.02 -50.35 -27.55
N GLN F 262 14.05 -51.35 -26.67
CA GLN F 262 13.62 -52.70 -27.02
C GLN F 262 12.09 -52.82 -26.86
N PRO F 263 11.35 -53.03 -27.97
CA PRO F 263 9.88 -53.09 -27.82
C PRO F 263 9.37 -54.28 -27.03
N GLY F 264 10.20 -55.29 -26.82
CA GLY F 264 9.76 -56.44 -26.01
C GLY F 264 9.52 -56.19 -24.53
N VAL F 265 10.11 -55.14 -23.97
CA VAL F 265 10.11 -54.97 -22.52
C VAL F 265 8.81 -54.39 -22.04
N ALA F 266 8.19 -55.04 -21.07
CA ALA F 266 6.94 -54.57 -20.50
C ALA F 266 7.27 -53.60 -19.37
N ALA F 267 8.18 -53.98 -18.50
CA ALA F 267 8.54 -53.18 -17.35
C ALA F 267 9.96 -53.44 -16.84
N ALA F 268 10.55 -52.43 -16.21
CA ALA F 268 11.82 -52.59 -15.51
C ALA F 268 11.54 -52.48 -14.02
N ILE F 269 12.09 -53.39 -13.25
CA ILE F 269 11.93 -53.39 -11.83
C ILE F 269 13.14 -52.66 -11.29
N VAL F 270 12.90 -51.56 -10.58
CA VAL F 270 13.96 -50.80 -9.87
C VAL F 270 13.71 -50.77 -8.36
N GLY F 271 14.71 -51.17 -7.59
CA GLY F 271 14.60 -51.16 -6.14
C GLY F 271 15.06 -49.80 -5.65
N THR F 272 14.30 -49.17 -4.77
CA THR F 272 14.75 -47.93 -4.18
C THR F 272 13.97 -47.69 -2.90
N ILE F 273 14.63 -47.11 -1.91
CA ILE F 273 13.94 -46.66 -0.71
C ILE F 273 13.99 -45.13 -0.56
N ASN F 274 14.47 -44.45 -1.60
CA ASN F 274 14.65 -43.01 -1.59
C ASN F 274 13.54 -42.36 -2.43
N PRO F 275 12.53 -41.79 -1.77
CA PRO F 275 11.36 -41.25 -2.52
C PRO F 275 11.73 -40.26 -3.62
N LEU F 276 12.78 -39.50 -3.40
CA LEU F 276 13.23 -38.54 -4.39
C LEU F 276 13.74 -39.29 -5.59
N HIS F 277 14.49 -40.38 -5.35
CA HIS F 277 14.94 -41.24 -6.45
C HIS F 277 13.77 -41.84 -7.19
N LEU F 278 12.79 -42.33 -6.45
CA LEU F 278 11.63 -42.95 -7.05
C LEU F 278 10.97 -41.97 -8.01
N ALA F 279 10.73 -40.75 -7.52
CA ALA F 279 10.07 -39.72 -8.31
C ALA F 279 10.88 -39.37 -9.57
N HIS F 280 12.20 -39.23 -9.40
CA HIS F 280 13.08 -38.99 -10.53
C HIS F 280 13.00 -40.14 -11.57
N ASN F 281 13.08 -41.38 -11.10
CA ASN F 281 13.03 -42.55 -11.97
C ASN F 281 11.74 -42.56 -12.77
N VAL F 282 10.62 -42.27 -12.12
CA VAL F 282 9.35 -42.21 -12.84
C VAL F 282 9.40 -41.15 -13.92
N ALA F 283 9.93 -39.98 -13.59
CA ALA F 283 10.04 -38.88 -14.54
C ALA F 283 10.82 -39.34 -15.78
N MET F 284 11.97 -39.98 -15.56
CA MET F 284 12.85 -40.37 -16.65
C MET F 284 12.21 -41.44 -17.53
N ALA F 285 11.49 -42.38 -16.91
CA ALA F 285 10.78 -43.41 -17.65
C ALA F 285 9.75 -42.77 -18.58
N ALA F 286 8.99 -41.82 -18.03
CA ALA F 286 7.94 -41.13 -18.78
C ALA F 286 8.54 -40.43 -20.01
N GLN F 287 9.65 -39.74 -19.79
CA GLN F 287 10.31 -39.01 -20.86
C GLN F 287 10.88 -39.92 -21.95
N ALA F 288 11.50 -41.02 -21.53
CA ALA F 288 12.10 -42.00 -22.45
C ALA F 288 11.05 -42.62 -23.35
N LEU F 289 9.84 -42.76 -22.83
CA LEU F 289 8.72 -43.28 -23.60
C LEU F 289 7.94 -42.19 -24.39
N LYS F 290 8.50 -40.97 -24.47
CA LYS F 290 7.80 -39.76 -24.96
C LYS F 290 6.29 -39.88 -24.97
#